data_4J9C
# 
_entry.id   4J9C 
# 
_audit_conform.dict_name       mmcif_pdbx.dic 
_audit_conform.dict_version    5.399 
_audit_conform.dict_location   http://mmcif.pdb.org/dictionaries/ascii/mmcif_pdbx.dic 
# 
loop_
_database_2.database_id 
_database_2.database_code 
_database_2.pdbx_database_accession 
_database_2.pdbx_DOI 
PDB   4J9C         pdb_00004j9c 10.2210/pdb4j9c/pdb 
RCSB  RCSB077759   ?            ?                   
WWPDB D_1000077759 ?            ?                   
# 
loop_
_pdbx_audit_revision_history.ordinal 
_pdbx_audit_revision_history.data_content_type 
_pdbx_audit_revision_history.major_revision 
_pdbx_audit_revision_history.minor_revision 
_pdbx_audit_revision_history.revision_date 
1 'Structure model' 1 0 2014-01-29 
2 'Structure model' 1 1 2014-10-15 
3 'Structure model' 1 2 2023-09-20 
4 'Structure model' 1 3 2024-11-27 
# 
_pdbx_audit_revision_details.ordinal             1 
_pdbx_audit_revision_details.revision_ordinal    1 
_pdbx_audit_revision_details.data_content_type   'Structure model' 
_pdbx_audit_revision_details.provider            repository 
_pdbx_audit_revision_details.type                'Initial release' 
_pdbx_audit_revision_details.description         ? 
_pdbx_audit_revision_details.details             ? 
# 
loop_
_pdbx_audit_revision_group.ordinal 
_pdbx_audit_revision_group.revision_ordinal 
_pdbx_audit_revision_group.data_content_type 
_pdbx_audit_revision_group.group 
1 2 'Structure model' 'Structure summary'      
2 3 'Structure model' 'Data collection'        
3 3 'Structure model' 'Database references'    
4 3 'Structure model' 'Derived calculations'   
5 3 'Structure model' 'Refinement description' 
6 4 'Structure model' 'Structure summary'      
# 
loop_
_pdbx_audit_revision_category.ordinal 
_pdbx_audit_revision_category.revision_ordinal 
_pdbx_audit_revision_category.data_content_type 
_pdbx_audit_revision_category.category 
1 3 'Structure model' chem_comp_atom                
2 3 'Structure model' chem_comp_bond                
3 3 'Structure model' database_2                    
4 3 'Structure model' pdbx_initial_refinement_model 
5 3 'Structure model' struct_conn                   
6 3 'Structure model' struct_ref_seq_dif            
7 3 'Structure model' struct_site                   
8 4 'Structure model' pdbx_entry_details            
9 4 'Structure model' pdbx_modification_feature     
# 
loop_
_pdbx_audit_revision_item.ordinal 
_pdbx_audit_revision_item.revision_ordinal 
_pdbx_audit_revision_item.data_content_type 
_pdbx_audit_revision_item.item 
1 3 'Structure model' '_database_2.pdbx_DOI'                
2 3 'Structure model' '_database_2.pdbx_database_accession' 
3 3 'Structure model' '_struct_conn.pdbx_leaving_atom_flag' 
4 3 'Structure model' '_struct_ref_seq_dif.details'         
5 3 'Structure model' '_struct_site.pdbx_auth_asym_id'      
6 3 'Structure model' '_struct_site.pdbx_auth_comp_id'      
7 3 'Structure model' '_struct_site.pdbx_auth_seq_id'       
# 
_pdbx_database_status.entry_id                        4J9C 
_pdbx_database_status.status_code                     REL 
_pdbx_database_status.deposit_site                    RCSB 
_pdbx_database_status.process_site                    RCSB 
_pdbx_database_status.recvd_initial_deposition_date   2013-02-16 
_pdbx_database_status.status_code_sf                  REL 
_pdbx_database_status.status_code_mr                  ? 
_pdbx_database_status.SG_entry                        ? 
_pdbx_database_status.status_code_cs                  ? 
_pdbx_database_status.methods_development_category    ? 
_pdbx_database_status.pdb_format_compatible           Y 
_pdbx_database_status.status_code_nmr_data            ? 
# 
loop_
_pdbx_database_related.db_name 
_pdbx_database_related.db_id 
_pdbx_database_related.details 
_pdbx_database_related.content_type 
PDB 2O88 
;Crystal structure of the N114A mutant of ABL-SH3 domain complexed with a designed high-affinity peptide ligand: implications for SH3-ligand interactions
;
unspecified 
PDB 3EG0 'Crystal structure of the N114T mutant of ABL-SH3 domain' unspecified 
PDB 3EG1 
;Crystal structure of the N114Q mutant of ABL-SH3 domain complexed with a designed high-affinity peptide ligand: implications for SH3-ligand interactions
;
unspecified 
PDB 3EG2 'Crystal structure of the N114Q mutant of ABL-SH3 domain' unspecified 
PDB 3EG3 'Crystal structure of the N114A mutant of ABL-SH3 domain' unspecified 
PDB 3EGU 'Crystal structure of the N114A mutant of ABL-SH3 domain' unspecified 
PDB 4J9B . unspecified 
# 
_audit_author.name           'Camara-Artigas, A.' 
_audit_author.pdbx_ordinal   1 
# 
loop_
_citation.id 
_citation.title 
_citation.journal_abbrev 
_citation.journal_volume 
_citation.page_first 
_citation.page_last 
_citation.year 
_citation.journal_id_ASTM 
_citation.country 
_citation.journal_id_ISSN 
_citation.journal_id_CSD 
_citation.book_publisher 
_citation.pdbx_database_id_PubMed 
_citation.pdbx_database_id_DOI 
primary 'Crystal structure of the Abl-SH3 domain H59Q-N96T mutant complexed with the designed high-affinity peptide ligand P17' 
'To be Published'          ?   ?    ?    ?    ?      ?  ?         0353 ? ?        ?                         
1       
;Crystallization by capillary counter-diffusion and structure determination of the N114A mutant of the SH3 domain of Abl tyrosine kinase complexed with a high-affinity peptide ligand.
;
'Acta Crystallogr.,Sect.D' 63  646  652  2007 ABCRE6 DK 0907-4449 0766 ? 17452790 10.1107/S0907444907011109 
2       'Role of interfacial water molecules in proline-rich ligand recognition by the Src homology 3 domain of Abl.' J.Biol.Chem. 
285 2823 2833 2010 JBCHA3 US 0021-9258 0071 ? 19906645 10.1074/jbc.M109.048033   
# 
loop_
_citation_author.citation_id 
_citation_author.name 
_citation_author.ordinal 
_citation_author.identifier_ORCID 
primary 'Camara-Artigas, A.' 1  ? 
1       'Camara-Artigas, A.' 2  ? 
1       'Palencia, A.'       3  ? 
1       'Martinez, J.C.'     4  ? 
1       'Luque, I.'          5  ? 
1       'Gavira, J.A.'       6  ? 
1       'Garcia-Ruiz, J.M.'  7  ? 
2       'Palencia, A.'       8  ? 
2       'Camara-Artigas, A.' 9  ? 
2       'Pisabarro, M.T.'    10 ? 
2       'Martinez, J.C.'     11 ? 
2       'Luque, I.'          12 ? 
# 
loop_
_entity.id 
_entity.type 
_entity.src_method 
_entity.pdbx_description 
_entity.formula_weight 
_entity.pdbx_number_of_molecules 
_entity.pdbx_ec 
_entity.pdbx_mutation 
_entity.pdbx_fragment 
_entity.details 
1 polymer     man 'Tyrosine-protein kinase ABL1' 6986.677 1  2.7.10.2 'H59Q, N96T' 'SH3 domain (unp residues 60-121)' ? 
2 polymer     syn P17                            1065.218 1  ?        ?            ?                                  ? 
3 non-polymer syn 'TRIETHYLENE GLYCOL'           150.173  1  ?        ?            ?                                  ? 
4 non-polymer syn 'DI(HYDROXYETHYL)ETHER'        106.120  1  ?        ?            ?                                  ? 
5 water       nat water                          18.015   80 ?        ?            ?                                  ? 
# 
_entity_name_com.entity_id   1 
_entity_name_com.name        
'Abelson murine leukemia viral oncogene homolog 1, Abelson tyrosine-protein kinase 1, Proto-oncogene c-Abl, p150' 
# 
loop_
_entity_poly.entity_id 
_entity_poly.type 
_entity_poly.nstd_linkage 
_entity_poly.nstd_monomer 
_entity_poly.pdbx_seq_one_letter_code 
_entity_poly.pdbx_seq_one_letter_code_can 
_entity_poly.pdbx_strand_id 
_entity_poly.pdbx_target_identifier 
1 'polypeptide(L)' no no  MENDPNLFVALYDFVASGDNTLSITKGEKLRVLGYNQTGEWCEAQTKNGQGWVPSNYITPVNS 
MENDPNLFVALYDFVASGDNTLSITKGEKLRVLGYNQTGEWCEAQTKNGQGWVPSNYITPVNS A ? 
2 'polypeptide(L)' no yes '(ACE)APTYSPPLPP'                                               XAPTYSPPLPP B ? 
# 
loop_
_pdbx_entity_nonpoly.entity_id 
_pdbx_entity_nonpoly.name 
_pdbx_entity_nonpoly.comp_id 
3 'TRIETHYLENE GLYCOL'    PGE 
4 'DI(HYDROXYETHYL)ETHER' PEG 
5 water                   HOH 
# 
loop_
_entity_poly_seq.entity_id 
_entity_poly_seq.num 
_entity_poly_seq.mon_id 
_entity_poly_seq.hetero 
1 1  MET n 
1 2  GLU n 
1 3  ASN n 
1 4  ASP n 
1 5  PRO n 
1 6  ASN n 
1 7  LEU n 
1 8  PHE n 
1 9  VAL n 
1 10 ALA n 
1 11 LEU n 
1 12 TYR n 
1 13 ASP n 
1 14 PHE n 
1 15 VAL n 
1 16 ALA n 
1 17 SER n 
1 18 GLY n 
1 19 ASP n 
1 20 ASN n 
1 21 THR n 
1 22 LEU n 
1 23 SER n 
1 24 ILE n 
1 25 THR n 
1 26 LYS n 
1 27 GLY n 
1 28 GLU n 
1 29 LYS n 
1 30 LEU n 
1 31 ARG n 
1 32 VAL n 
1 33 LEU n 
1 34 GLY n 
1 35 TYR n 
1 36 ASN n 
1 37 GLN n 
1 38 THR n 
1 39 GLY n 
1 40 GLU n 
1 41 TRP n 
1 42 CYS n 
1 43 GLU n 
1 44 ALA n 
1 45 GLN n 
1 46 THR n 
1 47 LYS n 
1 48 ASN n 
1 49 GLY n 
1 50 GLN n 
1 51 GLY n 
1 52 TRP n 
1 53 VAL n 
1 54 PRO n 
1 55 SER n 
1 56 ASN n 
1 57 TYR n 
1 58 ILE n 
1 59 THR n 
1 60 PRO n 
1 61 VAL n 
1 62 ASN n 
1 63 SER n 
2 1  ACE n 
2 2  ALA n 
2 3  PRO n 
2 4  THR n 
2 5  TYR n 
2 6  SER n 
2 7  PRO n 
2 8  PRO n 
2 9  LEU n 
2 10 PRO n 
2 11 PRO n 
# 
_entity_src_gen.entity_id                          1 
_entity_src_gen.pdbx_src_id                        1 
_entity_src_gen.pdbx_alt_source_flag               sample 
_entity_src_gen.pdbx_seq_type                      ? 
_entity_src_gen.pdbx_beg_seq_num                   ? 
_entity_src_gen.pdbx_end_seq_num                   ? 
_entity_src_gen.gene_src_common_name               human 
_entity_src_gen.gene_src_genus                     ? 
_entity_src_gen.pdbx_gene_src_gene                 'ABL, ABL1, JTK7' 
_entity_src_gen.gene_src_species                   ? 
_entity_src_gen.gene_src_strain                    ? 
_entity_src_gen.gene_src_tissue                    ? 
_entity_src_gen.gene_src_tissue_fraction           ? 
_entity_src_gen.gene_src_details                   ? 
_entity_src_gen.pdbx_gene_src_fragment             ? 
_entity_src_gen.pdbx_gene_src_scientific_name      'Homo sapiens' 
_entity_src_gen.pdbx_gene_src_ncbi_taxonomy_id     9606 
_entity_src_gen.pdbx_gene_src_variant              ? 
_entity_src_gen.pdbx_gene_src_cell_line            ? 
_entity_src_gen.pdbx_gene_src_atcc                 ? 
_entity_src_gen.pdbx_gene_src_organ                ? 
_entity_src_gen.pdbx_gene_src_organelle            ? 
_entity_src_gen.pdbx_gene_src_cell                 ? 
_entity_src_gen.pdbx_gene_src_cellular_location    ? 
_entity_src_gen.host_org_common_name               ? 
_entity_src_gen.pdbx_host_org_scientific_name      'Escherichia coli' 
_entity_src_gen.pdbx_host_org_ncbi_taxonomy_id     469008 
_entity_src_gen.host_org_genus                     ? 
_entity_src_gen.pdbx_host_org_gene                 ? 
_entity_src_gen.pdbx_host_org_organ                ? 
_entity_src_gen.host_org_species                   ? 
_entity_src_gen.pdbx_host_org_tissue               ? 
_entity_src_gen.pdbx_host_org_tissue_fraction      ? 
_entity_src_gen.pdbx_host_org_strain               'BL21(DE3)' 
_entity_src_gen.pdbx_host_org_variant              ? 
_entity_src_gen.pdbx_host_org_cell_line            ? 
_entity_src_gen.pdbx_host_org_atcc                 ? 
_entity_src_gen.pdbx_host_org_culture_collection   ? 
_entity_src_gen.pdbx_host_org_cell                 ? 
_entity_src_gen.pdbx_host_org_organelle            ? 
_entity_src_gen.pdbx_host_org_cellular_location    ? 
_entity_src_gen.pdbx_host_org_vector_type          plasmid 
_entity_src_gen.pdbx_host_org_vector               ? 
_entity_src_gen.host_org_details                   ? 
_entity_src_gen.expression_system_id               ? 
_entity_src_gen.plasmid_name                       pET15b 
_entity_src_gen.plasmid_details                    ? 
_entity_src_gen.pdbx_description                   ? 
# 
loop_
_chem_comp.id 
_chem_comp.type 
_chem_comp.mon_nstd_flag 
_chem_comp.name 
_chem_comp.pdbx_synonyms 
_chem_comp.formula 
_chem_comp.formula_weight 
ACE non-polymer         . 'ACETYL GROUP'          ? 'C2 H4 O'        44.053  
ALA 'L-peptide linking' y ALANINE                 ? 'C3 H7 N O2'     89.093  
ARG 'L-peptide linking' y ARGININE                ? 'C6 H15 N4 O2 1' 175.209 
ASN 'L-peptide linking' y ASPARAGINE              ? 'C4 H8 N2 O3'    132.118 
ASP 'L-peptide linking' y 'ASPARTIC ACID'         ? 'C4 H7 N O4'     133.103 
CYS 'L-peptide linking' y CYSTEINE                ? 'C3 H7 N O2 S'   121.158 
GLN 'L-peptide linking' y GLUTAMINE               ? 'C5 H10 N2 O3'   146.144 
GLU 'L-peptide linking' y 'GLUTAMIC ACID'         ? 'C5 H9 N O4'     147.129 
GLY 'peptide linking'   y GLYCINE                 ? 'C2 H5 N O2'     75.067  
HIS 'L-peptide linking' y HISTIDINE               ? 'C6 H10 N3 O2 1' 156.162 
HOH non-polymer         . WATER                   ? 'H2 O'           18.015  
ILE 'L-peptide linking' y ISOLEUCINE              ? 'C6 H13 N O2'    131.173 
LEU 'L-peptide linking' y LEUCINE                 ? 'C6 H13 N O2'    131.173 
LYS 'L-peptide linking' y LYSINE                  ? 'C6 H15 N2 O2 1' 147.195 
MET 'L-peptide linking' y METHIONINE              ? 'C5 H11 N O2 S'  149.211 
PEG non-polymer         . 'DI(HYDROXYETHYL)ETHER' ? 'C4 H10 O3'      106.120 
PGE non-polymer         . 'TRIETHYLENE GLYCOL'    ? 'C6 H14 O4'      150.173 
PHE 'L-peptide linking' y PHENYLALANINE           ? 'C9 H11 N O2'    165.189 
PRO 'L-peptide linking' y PROLINE                 ? 'C5 H9 N O2'     115.130 
SER 'L-peptide linking' y SERINE                  ? 'C3 H7 N O3'     105.093 
THR 'L-peptide linking' y THREONINE               ? 'C4 H9 N O3'     119.119 
TRP 'L-peptide linking' y TRYPTOPHAN              ? 'C11 H12 N2 O2'  204.225 
TYR 'L-peptide linking' y TYROSINE                ? 'C9 H11 N O3'    181.189 
VAL 'L-peptide linking' y VALINE                  ? 'C5 H11 N O2'    117.146 
# 
loop_
_pdbx_poly_seq_scheme.asym_id 
_pdbx_poly_seq_scheme.entity_id 
_pdbx_poly_seq_scheme.seq_id 
_pdbx_poly_seq_scheme.mon_id 
_pdbx_poly_seq_scheme.ndb_seq_num 
_pdbx_poly_seq_scheme.pdb_seq_num 
_pdbx_poly_seq_scheme.auth_seq_num 
_pdbx_poly_seq_scheme.pdb_mon_id 
_pdbx_poly_seq_scheme.auth_mon_id 
_pdbx_poly_seq_scheme.pdb_strand_id 
_pdbx_poly_seq_scheme.pdb_ins_code 
_pdbx_poly_seq_scheme.hetero 
A 1 1  MET 1  59  ?   ?   ?   A . n 
A 1 2  GLU 2  60  ?   ?   ?   A . n 
A 1 3  ASN 3  61  ?   ?   ?   A . n 
A 1 4  ASP 4  62  ?   ?   ?   A . n 
A 1 5  PRO 5  63  63  PRO PRO A . n 
A 1 6  ASN 6  64  64  ASN ASN A . n 
A 1 7  LEU 7  65  65  LEU LEU A . n 
A 1 8  PHE 8  66  66  PHE PHE A . n 
A 1 9  VAL 9  67  67  VAL VAL A . n 
A 1 10 ALA 10 68  68  ALA ALA A . n 
A 1 11 LEU 11 69  69  LEU LEU A . n 
A 1 12 TYR 12 70  70  TYR TYR A . n 
A 1 13 ASP 13 71  71  ASP ASP A . n 
A 1 14 PHE 14 72  72  PHE PHE A . n 
A 1 15 VAL 15 73  73  VAL VAL A . n 
A 1 16 ALA 16 74  74  ALA ALA A . n 
A 1 17 SER 17 75  75  SER SER A . n 
A 1 18 GLY 18 76  76  GLY GLY A . n 
A 1 19 ASP 19 77  77  ASP ASP A . n 
A 1 20 ASN 20 78  78  ASN ASN A . n 
A 1 21 THR 21 79  79  THR THR A . n 
A 1 22 LEU 22 80  80  LEU LEU A . n 
A 1 23 SER 23 81  81  SER SER A . n 
A 1 24 ILE 24 82  82  ILE ILE A . n 
A 1 25 THR 25 83  83  THR THR A . n 
A 1 26 LYS 26 84  84  LYS LYS A . n 
A 1 27 GLY 27 85  85  GLY GLY A . n 
A 1 28 GLU 28 86  86  GLU GLU A . n 
A 1 29 LYS 29 87  87  LYS LYS A . n 
A 1 30 LEU 30 88  88  LEU LEU A . n 
A 1 31 ARG 31 89  89  ARG ARG A . n 
A 1 32 VAL 32 90  90  VAL VAL A . n 
A 1 33 LEU 33 91  91  LEU LEU A . n 
A 1 34 GLY 34 92  92  GLY GLY A . n 
A 1 35 TYR 35 93  93  TYR TYR A . n 
A 1 36 ASN 36 94  94  ASN ASN A . n 
A 1 37 GLN 37 95  95  GLN GLN A . n 
A 1 38 THR 38 96  96  THR THR A . n 
A 1 39 GLY 39 97  97  GLY GLY A . n 
A 1 40 GLU 40 98  98  GLU GLU A . n 
A 1 41 TRP 41 99  99  TRP TRP A . n 
A 1 42 CYS 42 100 100 CYS CYS A . n 
A 1 43 GLU 43 101 101 GLU GLU A . n 
A 1 44 ALA 44 102 102 ALA ALA A . n 
A 1 45 GLN 45 103 103 GLN GLN A . n 
A 1 46 THR 46 104 104 THR THR A . n 
A 1 47 LYS 47 105 105 LYS LYS A . n 
A 1 48 ASN 48 106 106 ASN ASN A . n 
A 1 49 GLY 49 107 107 GLY GLY A . n 
A 1 50 GLN 50 108 108 GLN GLN A . n 
A 1 51 GLY 51 109 109 GLY GLY A . n 
A 1 52 TRP 52 110 110 TRP TRP A . n 
A 1 53 VAL 53 111 111 VAL VAL A . n 
A 1 54 PRO 54 112 112 PRO PRO A . n 
A 1 55 SER 55 113 113 SER SER A . n 
A 1 56 ASN 56 114 114 ASN ASN A . n 
A 1 57 TYR 57 115 115 TYR TYR A . n 
A 1 58 ILE 58 116 116 ILE ILE A . n 
A 1 59 THR 59 117 117 THR THR A . n 
A 1 60 PRO 60 118 118 PRO PRO A . n 
A 1 61 VAL 61 119 119 VAL VAL A . n 
A 1 62 ASN 62 120 120 ASN ASN A . n 
A 1 63 SER 63 121 ?   ?   ?   A . n 
B 2 1  ACE 1  0   0   ACE ACE B . n 
B 2 2  ALA 2  1   1   ALA ALA B . n 
B 2 3  PRO 3  2   2   PRO PRO B . n 
B 2 4  THR 4  3   3   THR THR B . n 
B 2 5  TYR 5  4   4   TYR TYR B . n 
B 2 6  SER 6  5   5   SER SER B . n 
B 2 7  PRO 7  6   6   PRO PRO B . n 
B 2 8  PRO 8  7   7   PRO PRO B . n 
B 2 9  LEU 9  8   8   LEU LEU B . n 
B 2 10 PRO 10 9   9   PRO PRO B . n 
B 2 11 PRO 11 10  10  PRO PRO B . n 
# 
loop_
_pdbx_nonpoly_scheme.asym_id 
_pdbx_nonpoly_scheme.entity_id 
_pdbx_nonpoly_scheme.mon_id 
_pdbx_nonpoly_scheme.ndb_seq_num 
_pdbx_nonpoly_scheme.pdb_seq_num 
_pdbx_nonpoly_scheme.auth_seq_num 
_pdbx_nonpoly_scheme.pdb_mon_id 
_pdbx_nonpoly_scheme.auth_mon_id 
_pdbx_nonpoly_scheme.pdb_strand_id 
_pdbx_nonpoly_scheme.pdb_ins_code 
C 3 PGE 1  201 1  PGE PGE A . 
D 4 PEG 1  202 2  PEG PEG A . 
E 5 HOH 1  301 1  HOH HOH A . 
E 5 HOH 2  302 2  HOH HOH A . 
E 5 HOH 3  303 3  HOH HOH A . 
E 5 HOH 4  304 4  HOH HOH A . 
E 5 HOH 5  305 5  HOH HOH A . 
E 5 HOH 6  306 6  HOH HOH A . 
E 5 HOH 7  307 7  HOH HOH A . 
E 5 HOH 8  308 8  HOH HOH A . 
E 5 HOH 9  309 9  HOH HOH A . 
E 5 HOH 10 310 10 HOH HOH A . 
E 5 HOH 11 311 12 HOH HOH A . 
E 5 HOH 12 312 14 HOH HOH A . 
E 5 HOH 13 313 15 HOH HOH A . 
E 5 HOH 14 314 17 HOH HOH A . 
E 5 HOH 15 315 18 HOH HOH A . 
E 5 HOH 16 316 19 HOH HOH A . 
E 5 HOH 17 317 20 HOH HOH A . 
E 5 HOH 18 318 22 HOH HOH A . 
E 5 HOH 19 319 23 HOH HOH A . 
E 5 HOH 20 320 25 HOH HOH A . 
E 5 HOH 21 321 27 HOH HOH A . 
E 5 HOH 22 322 28 HOH HOH A . 
E 5 HOH 23 323 29 HOH HOH A . 
E 5 HOH 24 324 30 HOH HOH A . 
E 5 HOH 25 325 32 HOH HOH A . 
E 5 HOH 26 326 33 HOH HOH A . 
E 5 HOH 27 327 34 HOH HOH A . 
E 5 HOH 28 328 35 HOH HOH A . 
E 5 HOH 29 329 36 HOH HOH A . 
E 5 HOH 30 330 38 HOH HOH A . 
E 5 HOH 31 331 39 HOH HOH A . 
E 5 HOH 32 332 40 HOH HOH A . 
E 5 HOH 33 333 41 HOH HOH A . 
E 5 HOH 34 334 42 HOH HOH A . 
E 5 HOH 35 335 43 HOH HOH A . 
E 5 HOH 36 336 44 HOH HOH A . 
E 5 HOH 37 337 47 HOH HOH A . 
E 5 HOH 38 338 48 HOH HOH A . 
E 5 HOH 39 339 49 HOH HOH A . 
E 5 HOH 40 340 50 HOH HOH A . 
E 5 HOH 41 341 51 HOH HOH A . 
E 5 HOH 42 342 52 HOH HOH A . 
E 5 HOH 43 343 53 HOH HOH A . 
E 5 HOH 44 344 54 HOH HOH A . 
E 5 HOH 45 345 55 HOH HOH A . 
E 5 HOH 46 346 56 HOH HOH A . 
E 5 HOH 47 347 58 HOH HOH A . 
E 5 HOH 48 348 60 HOH HOH A . 
E 5 HOH 49 349 61 HOH HOH A . 
E 5 HOH 50 350 63 HOH HOH A . 
E 5 HOH 51 351 64 HOH HOH A . 
E 5 HOH 52 352 67 HOH HOH A . 
E 5 HOH 53 353 69 HOH HOH A . 
E 5 HOH 54 354 70 HOH HOH A . 
E 5 HOH 55 355 72 HOH HOH A . 
E 5 HOH 56 356 74 HOH HOH A . 
E 5 HOH 57 357 76 HOH HOH A . 
E 5 HOH 58 358 77 HOH HOH A . 
E 5 HOH 59 359 81 HOH HOH A . 
E 5 HOH 60 360 83 HOH HOH A . 
E 5 HOH 61 361 85 HOH HOH A . 
E 5 HOH 62 362 86 HOH HOH A . 
E 5 HOH 63 363 87 HOH HOH A . 
E 5 HOH 64 364 16 HOH HOH A . 
F 5 HOH 1  101 11 HOH HOH B . 
F 5 HOH 2  102 13 HOH HOH B . 
F 5 HOH 3  103 21 HOH HOH B . 
F 5 HOH 4  104 24 HOH HOH B . 
F 5 HOH 5  105 26 HOH HOH B . 
F 5 HOH 6  106 31 HOH HOH B . 
F 5 HOH 7  107 37 HOH HOH B . 
F 5 HOH 8  108 45 HOH HOH B . 
F 5 HOH 9  109 46 HOH HOH B . 
F 5 HOH 10 110 57 HOH HOH B . 
F 5 HOH 11 111 59 HOH HOH B . 
F 5 HOH 12 112 62 HOH HOH B . 
F 5 HOH 13 113 68 HOH HOH B . 
F 5 HOH 14 114 75 HOH HOH B . 
F 5 HOH 15 115 78 HOH HOH B . 
F 5 HOH 16 116 79 HOH HOH B . 
# 
loop_
_pdbx_unobs_or_zero_occ_atoms.id 
_pdbx_unobs_or_zero_occ_atoms.PDB_model_num 
_pdbx_unobs_or_zero_occ_atoms.polymer_flag 
_pdbx_unobs_or_zero_occ_atoms.occupancy_flag 
_pdbx_unobs_or_zero_occ_atoms.auth_asym_id 
_pdbx_unobs_or_zero_occ_atoms.auth_comp_id 
_pdbx_unobs_or_zero_occ_atoms.auth_seq_id 
_pdbx_unobs_or_zero_occ_atoms.PDB_ins_code 
_pdbx_unobs_or_zero_occ_atoms.auth_atom_id 
_pdbx_unobs_or_zero_occ_atoms.label_alt_id 
_pdbx_unobs_or_zero_occ_atoms.label_asym_id 
_pdbx_unobs_or_zero_occ_atoms.label_comp_id 
_pdbx_unobs_or_zero_occ_atoms.label_seq_id 
_pdbx_unobs_or_zero_occ_atoms.label_atom_id 
1 1 Y 0 A ASN 78 ? OD1 ? A ASN 20 OD1 
2 1 Y 0 A ARG 89 ? NH1 ? A ARG 31 NH1 
# 
loop_
_software.pdbx_ordinal 
_software.name 
_software.version 
_software.date 
_software.type 
_software.contact_author 
_software.contact_author_email 
_software.classification 
_software.location 
_software.language 
_software.citation_id 
1 SCALA       0.1.30     30/08/12         other   'Phil R. Evans' pre@mrc-lmb.cam.ac.uk       'data scaling'    
http://www.ccp4.ac.uk/dist/html/scala.html  Fortran_77 ? 
2 PHASER      .          ?                program 'Randy J. Read' cimr-phaser@lists.cam.ac.uk phasing           
http://www-structmed.cimr.cam.ac.uk/phaser/ ?          ? 
3 PHENIX      1.8.1_1168 ?                package 'Paul D. Adams' PDAdams@lbl.gov             refinement        
http://www.phenix-online.org/               C++        ? 
4 PDB_EXTRACT 3.11       'April 22, 2011' package PDB             deposit@deposit.rcsb.org    'data extraction' 
http://sw-tools.pdb.org/apps/PDB_EXTRACT/   C++        ? 
5 ADSC        Quantum    ?                ?       ?               ?                           'data collection' ? ?          ? 
6 XDS         .          ?                ?       ?               ?                           'data reduction'  ? ?          ? 
# 
_cell.length_a           49.646 
_cell.length_b           49.646 
_cell.length_c           45.410 
_cell.angle_alpha        90.000 
_cell.angle_beta         90.000 
_cell.angle_gamma        120.000 
_cell.entry_id           4J9C 
_cell.pdbx_unique_axis   ? 
_cell.Z_PDB              6 
_cell.length_a_esd       ? 
_cell.length_b_esd       ? 
_cell.length_c_esd       ? 
_cell.angle_alpha_esd    ? 
_cell.angle_beta_esd     ? 
_cell.angle_gamma_esd    ? 
# 
_symmetry.space_group_name_H-M             'P 32 1 2' 
_symmetry.entry_id                         4J9C 
_symmetry.Int_Tables_number                153 
_symmetry.pdbx_full_space_group_name_H-M   ? 
_symmetry.cell_setting                     ? 
_symmetry.space_group_name_Hall            ? 
# 
_exptl.crystals_number   1 
_exptl.entry_id          4J9C 
_exptl.method            'X-RAY DIFFRACTION' 
# 
_exptl_crystal.id                    1 
_exptl_crystal.density_Matthews      2.01 
_exptl_crystal.density_meas          ? 
_exptl_crystal.density_percent_sol   38.69 
_exptl_crystal.description           ? 
_exptl_crystal.F_000                 ? 
_exptl_crystal.preparation           ? 
# 
_exptl_crystal_grow.crystal_id      1 
_exptl_crystal_grow.method          'VAPOR DIFFUSION, HANGING DROP' 
_exptl_crystal_grow.pH              5.6 
_exptl_crystal_grow.temp            298 
_exptl_crystal_grow.pdbx_details    
'1.5 M AMS, 5% PEG 200, 20 mM LiCl, 0.1 M AcONa , pH 5.6, VAPOR DIFFUSION, HANGING DROP, temperature 298K' 
_exptl_crystal_grow.temp_details    ? 
_exptl_crystal_grow.pdbx_pH_range   ? 
# 
_diffrn.id                     1 
_diffrn.ambient_temp           100 
_diffrn.ambient_temp_details   ? 
_diffrn.crystal_id             1 
# 
_diffrn_detector.diffrn_id              1 
_diffrn_detector.detector               CCD 
_diffrn_detector.type                   ? 
_diffrn_detector.pdbx_collection_date   2011-04-08 
_diffrn_detector.details                ? 
# 
_diffrn_radiation.diffrn_id                        1 
_diffrn_radiation.pdbx_diffrn_protocol             'SINGLE WAVELENGTH' 
_diffrn_radiation.monochromator                    'Channel cut ESRF monochromator and torodial focusing mirror' 
_diffrn_radiation.wavelength_id                    1 
_diffrn_radiation.pdbx_monochromatic_or_laue_m_l   M 
_diffrn_radiation.pdbx_scattering_type             x-ray 
# 
_diffrn_radiation_wavelength.id           1 
_diffrn_radiation_wavelength.wavelength   0.97 
_diffrn_radiation_wavelength.wt           1.0 
# 
_diffrn_source.diffrn_id                   1 
_diffrn_source.source                      SYNCHROTRON 
_diffrn_source.type                        'ESRF BEAMLINE ID14-4' 
_diffrn_source.pdbx_wavelength_list        0.97 
_diffrn_source.pdbx_wavelength             ? 
_diffrn_source.pdbx_synchrotron_site       ESRF 
_diffrn_source.pdbx_synchrotron_beamline   ID14-4 
# 
_reflns.entry_id                     4J9C 
_reflns.d_resolution_high            1.051 
_reflns.d_resolution_low             42.995 
_reflns.number_obs                   29561 
_reflns.pdbx_redundancy              8.300 
_reflns.percent_possible_obs         98.800 
_reflns.observed_criterion_sigma_F   0 
_reflns.observed_criterion_sigma_I   0 
_reflns.number_all                   29920 
_reflns.pdbx_Rmerge_I_obs            0.040 
_reflns.pdbx_Rsym_value              0.040 
_reflns.pdbx_netI_over_sigmaI        28.7 
_reflns.B_iso_Wilson_estimate        8.3 
_reflns.R_free_details               ? 
_reflns.limit_h_max                  ? 
_reflns.limit_h_min                  ? 
_reflns.limit_k_max                  ? 
_reflns.limit_k_min                  ? 
_reflns.limit_l_max                  ? 
_reflns.limit_l_min                  ? 
_reflns.observed_criterion_F_max     ? 
_reflns.observed_criterion_F_min     ? 
_reflns.pdbx_chi_squared             ? 
_reflns.pdbx_scaling_rejects         ? 
_reflns.pdbx_ordinal                 1 
_reflns.pdbx_diffrn_id               1 
# 
_reflns_shell.d_res_high             1.05 
_reflns_shell.d_res_low              1.11 
_reflns_shell.percent_possible_obs   ? 
_reflns_shell.percent_possible_all   99.1 
_reflns_shell.Rmerge_I_obs           0.472 
_reflns_shell.meanI_over_sigI_obs    4.61 
_reflns_shell.pdbx_Rsym_value        ? 
_reflns_shell.pdbx_redundancy        ? 
_reflns_shell.number_unique_all      4721 
_reflns_shell.number_measured_all    ? 
_reflns_shell.number_measured_obs    ? 
_reflns_shell.number_unique_obs      ? 
_reflns_shell.pdbx_chi_squared       ? 
_reflns_shell.pdbx_ordinal           1 
_reflns_shell.pdbx_diffrn_id         1 
# 
_refine.entry_id                                 4J9C 
_refine.ls_d_res_high                            1.0510 
_refine.ls_d_res_low                             16.7540 
_refine.pdbx_ls_sigma_F                          0 
_refine.pdbx_data_cutoff_high_absF               ? 
_refine.pdbx_data_cutoff_low_absF                ? 
_refine.ls_percent_reflns_obs                    98.6400 
_refine.ls_number_reflns_obs                     29561 
_refine.ls_number_reflns_all                     ? 
_refine.pdbx_ls_cross_valid_method               ? 
_refine.pdbx_R_Free_selection_details            RANDOM 
_refine.details                                  ? 
_refine.ls_R_factor_all                          0.1468 
_refine.ls_R_factor_obs                          0.1468 
_refine.ls_R_factor_R_work                       0.1460 
_refine.ls_wR_factor_R_work                      ? 
_refine.ls_R_factor_R_free                       0.1622 
_refine.ls_wR_factor_R_free                      ? 
_refine.ls_percent_reflns_R_free                 5.0800 
_refine.ls_number_reflns_R_free                  1500 
_refine.ls_R_factor_R_free_error                 ? 
_refine.B_iso_mean                               14.9500 
_refine.solvent_model_param_bsol                 ? 
_refine.solvent_model_param_ksol                 ? 
_refine.pdbx_isotropic_thermal_model             ? 
_refine.aniso_B[1][1]                            ? 
_refine.aniso_B[2][2]                            ? 
_refine.aniso_B[3][3]                            ? 
_refine.aniso_B[1][2]                            ? 
_refine.aniso_B[1][3]                            ? 
_refine.aniso_B[2][3]                            ? 
_refine.correlation_coeff_Fo_to_Fc               ? 
_refine.correlation_coeff_Fo_to_Fc_free          ? 
_refine.overall_SU_R_Cruickshank_DPI             ? 
_refine.overall_SU_R_free                        ? 
_refine.pdbx_overall_ESU_R                       ? 
_refine.pdbx_overall_ESU_R_Free                  ? 
_refine.overall_SU_ML                            0.0800 
_refine.overall_SU_B                             ? 
_refine.solvent_model_details                    'FLAT BULK SOLVENT MODEL' 
_refine.pdbx_solvent_vdw_probe_radii             1.1100 
_refine.pdbx_solvent_ion_probe_radii             ? 
_refine.pdbx_solvent_shrinkage_radii             0.9000 
_refine.ls_number_parameters                     ? 
_refine.ls_number_restraints                     ? 
_refine.pdbx_starting_model                      2O88 
_refine.pdbx_method_to_determine_struct          'MOLECULAR REPLACEMENT' 
_refine.pdbx_stereochemistry_target_values       ML 
_refine.pdbx_stereochem_target_val_spec_case     ? 
_refine.overall_FOM_work_R_set                   ? 
_refine.B_iso_max                                40.030 
_refine.B_iso_min                                6.310 
_refine.pdbx_overall_phase_error                 13.5200 
_refine.occupancy_max                            1.000 
_refine.occupancy_min                            0.000 
_refine.pdbx_ls_sigma_I                          0 
_refine.ls_redundancy_reflns_obs                 ? 
_refine.ls_R_factor_R_free_error_details         ? 
_refine.pdbx_data_cutoff_high_rms_absF           ? 
_refine.overall_FOM_free_R_set                   ? 
_refine.pdbx_diffrn_id                           1 
_refine.pdbx_refine_id                           'X-RAY DIFFRACTION' 
_refine.pdbx_TLS_residual_ADP_flag               ? 
_refine.pdbx_overall_SU_R_free_Cruickshank_DPI   ? 
_refine.pdbx_overall_SU_R_Blow_DPI               ? 
_refine.pdbx_overall_SU_R_free_Blow_DPI          ? 
# 
_refine_hist.pdbx_refine_id                   'X-RAY DIFFRACTION' 
_refine_hist.cycle_id                         LAST 
_refine_hist.pdbx_number_atoms_protein        529 
_refine_hist.pdbx_number_atoms_nucleic_acid   0 
_refine_hist.pdbx_number_atoms_ligand         17 
_refine_hist.number_atoms_solvent             80 
_refine_hist.number_atoms_total               626 
_refine_hist.d_res_high                       1.0510 
_refine_hist.d_res_low                        16.7540 
# 
loop_
_refine_ls_restr.type 
_refine_ls_restr.number 
_refine_ls_restr.dev_ideal 
_refine_ls_restr.dev_ideal_target 
_refine_ls_restr.weight 
_refine_ls_restr.pdbx_restraint_function 
_refine_ls_restr.pdbx_refine_id 
f_bond_d           569 0.008  ? ? ? 'X-RAY DIFFRACTION' 
f_angle_d          772 1.237  ? ? ? 'X-RAY DIFFRACTION' 
f_chiral_restr     83  0.070  ? ? ? 'X-RAY DIFFRACTION' 
f_plane_restr      99  0.008  ? ? ? 'X-RAY DIFFRACTION' 
f_dihedral_angle_d 209 14.422 ? ? ? 'X-RAY DIFFRACTION' 
# 
loop_
_refine_ls_shell.d_res_high 
_refine_ls_shell.d_res_low 
_refine_ls_shell.pdbx_total_number_of_bins_used 
_refine_ls_shell.percent_reflns_obs 
_refine_ls_shell.number_reflns_R_work 
_refine_ls_shell.R_factor_all 
_refine_ls_shell.R_factor_R_work 
_refine_ls_shell.R_factor_R_free 
_refine_ls_shell.percent_reflns_R_free 
_refine_ls_shell.number_reflns_R_free 
_refine_ls_shell.R_factor_R_free_error 
_refine_ls_shell.number_reflns_all 
_refine_ls_shell.number_reflns_obs 
_refine_ls_shell.redundancy_reflns_obs 
_refine_ls_shell.pdbx_refine_id 
1.0510 1.0683  21 98.0000  2575 . 0.2298 0.2666 . 125 . 2700 . . 'X-RAY DIFFRACTION' 
1.0683 1.0867  21 99.0000  2612 . 0.1920 0.2439 . 130 . 2742 . . 'X-RAY DIFFRACTION' 
1.0867 1.1065  21 100.0000 2632 . 0.1730 0.1802 . 152 . 2784 . . 'X-RAY DIFFRACTION' 
1.1065 1.1277  21 100.0000 2614 . 0.1564 0.1502 . 140 . 2754 . . 'X-RAY DIFFRACTION' 
1.1277 1.1507  21 100.0000 2633 . 0.1412 0.2199 . 119 . 2752 . . 'X-RAY DIFFRACTION' 
1.1507 1.1758  21 100.0000 2616 . 0.1319 0.1849 . 176 . 2792 . . 'X-RAY DIFFRACTION' 
1.1758 1.2031  21 100.0000 2623 . 0.1309 0.1337 . 147 . 2770 . . 'X-RAY DIFFRACTION' 
1.2031 1.2332  21 100.0000 2606 . 0.1332 0.1545 . 127 . 2733 . . 'X-RAY DIFFRACTION' 
1.2332 1.2665  21 100.0000 2635 . 0.1319 0.1904 . 170 . 2805 . . 'X-RAY DIFFRACTION' 
1.2665 1.3038  21 100.0000 2601 . 0.1283 0.1899 . 152 . 2753 . . 'X-RAY DIFFRACTION' 
1.3038 1.3458  21 100.0000 2693 . 0.1262 0.1526 . 134 . 2827 . . 'X-RAY DIFFRACTION' 
1.3458 1.3939  21 100.0000 2584 . 0.1165 0.1421 . 133 . 2717 . . 'X-RAY DIFFRACTION' 
1.3939 1.4497  21 100.0000 2624 . 0.1170 0.1460 . 158 . 2782 . . 'X-RAY DIFFRACTION' 
1.4497 1.5156  21 100.0000 2655 . 0.1163 0.1416 . 133 . 2788 . . 'X-RAY DIFFRACTION' 
1.5156 1.5955  21 100.0000 2621 . 0.1239 0.1704 . 180 . 2801 . . 'X-RAY DIFFRACTION' 
1.5955 1.6953  21 100.0000 2592 . 0.1175 0.1232 . 154 . 2746 . . 'X-RAY DIFFRACTION' 
1.6953 1.8261  21 100.0000 2680 . 0.1212 0.1741 . 123 . 2803 . . 'X-RAY DIFFRACTION' 
1.8261 2.0096  21 100.0000 2611 . 0.1250 0.1367 . 136 . 2747 . . 'X-RAY DIFFRACTION' 
2.0096 2.2997  21 100.0000 2643 . 0.1370 0.1246 . 136 . 2779 . . 'X-RAY DIFFRACTION' 
2.2997 2.8950  21 100.0000 2647 . 0.1631 0.1569 . 128 . 2775 . . 'X-RAY DIFFRACTION' 
2.8950 16.7558 21 77.0000  2074 . 0.1948 0.2325 . 66  . 2140 . . 'X-RAY DIFFRACTION' 
# 
_struct.entry_id                  4J9C 
_struct.title                     
'Crystal structure of the Abl-SH3 domain H59Q-N96T mutant complexed with the designed high-affinity peptide ligand P17' 
_struct.pdbx_model_details        ? 
_struct.pdbx_CASP_flag            ? 
_struct.pdbx_model_type_details   ? 
# 
_struct_keywords.entry_id        4J9C 
_struct_keywords.text            
'beta shandwich, SH3 domain, kinase, poly proline rich motifs, Transferase-unknown function complex' 
_struct_keywords.pdbx_keywords   'Transferase/unknown function' 
# 
loop_
_struct_asym.id 
_struct_asym.pdbx_blank_PDB_chainid_flag 
_struct_asym.pdbx_modified 
_struct_asym.entity_id 
_struct_asym.details 
A N N 1 ? 
B N N 2 ? 
C N N 3 ? 
D N N 4 ? 
E N N 5 ? 
F N N 5 ? 
# 
loop_
_struct_ref.id 
_struct_ref.db_name 
_struct_ref.db_code 
_struct_ref.pdbx_db_accession 
_struct_ref.entity_id 
_struct_ref.pdbx_seq_one_letter_code 
_struct_ref.pdbx_align_begin 
_struct_ref.pdbx_db_isoform 
1 UNP ABL1_HUMAN P00519 1 ENDPNLFVALYDFVASGDNTLSITKGEKLRVLGYNHNGEWCEAQTKNGQGWVPSNYITPVNS 60 ? 
2 PDB 4J9C       4J9C   2 ?                                                              ?  ? 
# 
loop_
_struct_ref_seq.align_id 
_struct_ref_seq.ref_id 
_struct_ref_seq.pdbx_PDB_id_code 
_struct_ref_seq.pdbx_strand_id 
_struct_ref_seq.seq_align_beg 
_struct_ref_seq.pdbx_seq_align_beg_ins_code 
_struct_ref_seq.seq_align_end 
_struct_ref_seq.pdbx_seq_align_end_ins_code 
_struct_ref_seq.pdbx_db_accession 
_struct_ref_seq.db_align_beg 
_struct_ref_seq.pdbx_db_align_beg_ins_code 
_struct_ref_seq.db_align_end 
_struct_ref_seq.pdbx_db_align_end_ins_code 
_struct_ref_seq.pdbx_auth_seq_align_beg 
_struct_ref_seq.pdbx_auth_seq_align_end 
1 1 4J9C A 2 ? 63 ? P00519 60 ? 121 ? 60 121 
2 2 4J9C B 1 ? 11 ? 4J9C   0  ? 10  ? 0  10  
# 
loop_
_struct_ref_seq_dif.align_id 
_struct_ref_seq_dif.pdbx_pdb_id_code 
_struct_ref_seq_dif.mon_id 
_struct_ref_seq_dif.pdbx_pdb_strand_id 
_struct_ref_seq_dif.seq_num 
_struct_ref_seq_dif.pdbx_pdb_ins_code 
_struct_ref_seq_dif.pdbx_seq_db_name 
_struct_ref_seq_dif.pdbx_seq_db_accession_code 
_struct_ref_seq_dif.db_mon_id 
_struct_ref_seq_dif.pdbx_seq_db_seq_num 
_struct_ref_seq_dif.details 
_struct_ref_seq_dif.pdbx_auth_seq_num 
_struct_ref_seq_dif.pdbx_ordinal 
1 4J9C MET A 1  ? UNP P00519 ?   ?  'initiating methionine' 59 1 
1 4J9C GLN A 37 ? UNP P00519 HIS 95 'engineered mutation'   95 2 
1 4J9C THR A 38 ? UNP P00519 ASN 96 'engineered mutation'   96 3 
# 
_pdbx_struct_assembly.id                   1 
_pdbx_struct_assembly.details              author_defined_assembly 
_pdbx_struct_assembly.method_details       ? 
_pdbx_struct_assembly.oligomeric_details   dimeric 
_pdbx_struct_assembly.oligomeric_count     2 
# 
_pdbx_struct_assembly_gen.assembly_id       1 
_pdbx_struct_assembly_gen.oper_expression   1 
_pdbx_struct_assembly_gen.asym_id_list      A,B,C,D,E,F 
# 
_pdbx_struct_oper_list.id                   1 
_pdbx_struct_oper_list.type                 'identity operation' 
_pdbx_struct_oper_list.name                 1_555 
_pdbx_struct_oper_list.symmetry_operation   x,y,z 
_pdbx_struct_oper_list.matrix[1][1]         1.0000000000 
_pdbx_struct_oper_list.matrix[1][2]         0.0000000000 
_pdbx_struct_oper_list.matrix[1][3]         0.0000000000 
_pdbx_struct_oper_list.vector[1]            0.0000000000 
_pdbx_struct_oper_list.matrix[2][1]         0.0000000000 
_pdbx_struct_oper_list.matrix[2][2]         1.0000000000 
_pdbx_struct_oper_list.matrix[2][3]         0.0000000000 
_pdbx_struct_oper_list.vector[2]            0.0000000000 
_pdbx_struct_oper_list.matrix[3][1]         0.0000000000 
_pdbx_struct_oper_list.matrix[3][2]         0.0000000000 
_pdbx_struct_oper_list.matrix[3][3]         1.0000000000 
_pdbx_struct_oper_list.vector[3]            0.0000000000 
# 
_struct_biol.id        1 
_struct_biol.details   ? 
# 
_struct_conn.id                            covale1 
_struct_conn.conn_type_id                  covale 
_struct_conn.pdbx_leaving_atom_flag        both 
_struct_conn.pdbx_PDB_id                   ? 
_struct_conn.ptnr1_label_asym_id           B 
_struct_conn.ptnr1_label_comp_id           ACE 
_struct_conn.ptnr1_label_seq_id            1 
_struct_conn.ptnr1_label_atom_id           C 
_struct_conn.pdbx_ptnr1_label_alt_id       ? 
_struct_conn.pdbx_ptnr1_PDB_ins_code       ? 
_struct_conn.pdbx_ptnr1_standard_comp_id   ? 
_struct_conn.ptnr1_symmetry                1_555 
_struct_conn.ptnr2_label_asym_id           B 
_struct_conn.ptnr2_label_comp_id           ALA 
_struct_conn.ptnr2_label_seq_id            2 
_struct_conn.ptnr2_label_atom_id           N 
_struct_conn.pdbx_ptnr2_label_alt_id       ? 
_struct_conn.pdbx_ptnr2_PDB_ins_code       ? 
_struct_conn.ptnr1_auth_asym_id            B 
_struct_conn.ptnr1_auth_comp_id            ACE 
_struct_conn.ptnr1_auth_seq_id             0 
_struct_conn.ptnr2_auth_asym_id            B 
_struct_conn.ptnr2_auth_comp_id            ALA 
_struct_conn.ptnr2_auth_seq_id             1 
_struct_conn.ptnr2_symmetry                1_555 
_struct_conn.pdbx_ptnr3_label_atom_id      ? 
_struct_conn.pdbx_ptnr3_label_seq_id       ? 
_struct_conn.pdbx_ptnr3_label_comp_id      ? 
_struct_conn.pdbx_ptnr3_label_asym_id      ? 
_struct_conn.pdbx_ptnr3_label_alt_id       ? 
_struct_conn.pdbx_ptnr3_PDB_ins_code       ? 
_struct_conn.details                       ? 
_struct_conn.pdbx_dist_value               1.328 
_struct_conn.pdbx_value_order              ? 
_struct_conn.pdbx_role                     ? 
# 
_struct_conn_type.id          covale 
_struct_conn_type.criteria    ? 
_struct_conn_type.reference   ? 
# 
_pdbx_modification_feature.ordinal                            1 
_pdbx_modification_feature.label_comp_id                      ACE 
_pdbx_modification_feature.label_asym_id                      B 
_pdbx_modification_feature.label_seq_id                       1 
_pdbx_modification_feature.label_alt_id                       ? 
_pdbx_modification_feature.modified_residue_label_comp_id     ALA 
_pdbx_modification_feature.modified_residue_label_asym_id     B 
_pdbx_modification_feature.modified_residue_label_seq_id      2 
_pdbx_modification_feature.modified_residue_label_alt_id      ? 
_pdbx_modification_feature.auth_comp_id                       ACE 
_pdbx_modification_feature.auth_asym_id                       B 
_pdbx_modification_feature.auth_seq_id                        0 
_pdbx_modification_feature.PDB_ins_code                       ? 
_pdbx_modification_feature.symmetry                           1_555 
_pdbx_modification_feature.modified_residue_auth_comp_id      ALA 
_pdbx_modification_feature.modified_residue_auth_asym_id      B 
_pdbx_modification_feature.modified_residue_auth_seq_id       1 
_pdbx_modification_feature.modified_residue_PDB_ins_code      ? 
_pdbx_modification_feature.modified_residue_symmetry          1_555 
_pdbx_modification_feature.comp_id_linking_atom               . 
_pdbx_modification_feature.modified_residue_id_linking_atom   . 
_pdbx_modification_feature.modified_residue_id                ALA 
_pdbx_modification_feature.ref_pcm_id                         1 
_pdbx_modification_feature.ref_comp_id                        ACE 
_pdbx_modification_feature.type                               None 
_pdbx_modification_feature.category                           'Terminal acetylation' 
# 
_struct_sheet.id               A 
_struct_sheet.type             ? 
_struct_sheet.number_strands   5 
_struct_sheet.details          ? 
# 
loop_
_struct_sheet_order.sheet_id 
_struct_sheet_order.range_id_1 
_struct_sheet_order.range_id_2 
_struct_sheet_order.offset 
_struct_sheet_order.sense 
A 1 2 ? anti-parallel 
A 2 3 ? anti-parallel 
A 3 4 ? anti-parallel 
A 4 5 ? anti-parallel 
# 
loop_
_struct_sheet_range.sheet_id 
_struct_sheet_range.id 
_struct_sheet_range.beg_label_comp_id 
_struct_sheet_range.beg_label_asym_id 
_struct_sheet_range.beg_label_seq_id 
_struct_sheet_range.pdbx_beg_PDB_ins_code 
_struct_sheet_range.end_label_comp_id 
_struct_sheet_range.end_label_asym_id 
_struct_sheet_range.end_label_seq_id 
_struct_sheet_range.pdbx_end_PDB_ins_code 
_struct_sheet_range.beg_auth_comp_id 
_struct_sheet_range.beg_auth_asym_id 
_struct_sheet_range.beg_auth_seq_id 
_struct_sheet_range.end_auth_comp_id 
_struct_sheet_range.end_auth_asym_id 
_struct_sheet_range.end_auth_seq_id 
A 1 GLY A 49 ? PRO A 54 ? GLY A 107 PRO A 112 
A 2 TRP A 41 ? THR A 46 ? TRP A 99  THR A 104 
A 3 LYS A 29 ? TYR A 35 ? LYS A 87  TYR A 93  
A 4 LEU A 7  ? ALA A 10 ? LEU A 65  ALA A 68  
A 5 ILE A 58 ? PRO A 60 ? ILE A 116 PRO A 118 
# 
loop_
_pdbx_struct_sheet_hbond.sheet_id 
_pdbx_struct_sheet_hbond.range_id_1 
_pdbx_struct_sheet_hbond.range_id_2 
_pdbx_struct_sheet_hbond.range_1_label_atom_id 
_pdbx_struct_sheet_hbond.range_1_label_comp_id 
_pdbx_struct_sheet_hbond.range_1_label_asym_id 
_pdbx_struct_sheet_hbond.range_1_label_seq_id 
_pdbx_struct_sheet_hbond.range_1_PDB_ins_code 
_pdbx_struct_sheet_hbond.range_1_auth_atom_id 
_pdbx_struct_sheet_hbond.range_1_auth_comp_id 
_pdbx_struct_sheet_hbond.range_1_auth_asym_id 
_pdbx_struct_sheet_hbond.range_1_auth_seq_id 
_pdbx_struct_sheet_hbond.range_2_label_atom_id 
_pdbx_struct_sheet_hbond.range_2_label_comp_id 
_pdbx_struct_sheet_hbond.range_2_label_asym_id 
_pdbx_struct_sheet_hbond.range_2_label_seq_id 
_pdbx_struct_sheet_hbond.range_2_PDB_ins_code 
_pdbx_struct_sheet_hbond.range_2_auth_atom_id 
_pdbx_struct_sheet_hbond.range_2_auth_comp_id 
_pdbx_struct_sheet_hbond.range_2_auth_asym_id 
_pdbx_struct_sheet_hbond.range_2_auth_seq_id 
A 1 2 O VAL A 53 ? O VAL A 111 N CYS A 42 ? N CYS A 100 
A 2 3 O GLU A 43 ? O GLU A 101 N LEU A 33 ? N LEU A 91  
A 3 4 O LEU A 30 ? O LEU A 88  N PHE A 8  ? N PHE A 66  
A 4 5 N VAL A 9  ? N VAL A 67  O THR A 59 ? O THR A 117 
# 
loop_
_struct_site.id 
_struct_site.pdbx_evidence_code 
_struct_site.pdbx_auth_asym_id 
_struct_site.pdbx_auth_comp_id 
_struct_site.pdbx_auth_seq_id 
_struct_site.pdbx_auth_ins_code 
_struct_site.pdbx_num_residues 
_struct_site.details 
AC1 Software A PGE 201 ? 8  'BINDING SITE FOR RESIDUE PGE A 201' 
AC2 Software A PEG 202 ? 5  'BINDING SITE FOR RESIDUE PEG A 202' 
AC3 Software ? ?   ?   ? 34 'BINDING SITE FOR CHAIN B OF P17'    
# 
loop_
_struct_site_gen.id 
_struct_site_gen.site_id 
_struct_site_gen.pdbx_num_res 
_struct_site_gen.label_comp_id 
_struct_site_gen.label_asym_id 
_struct_site_gen.label_seq_id 
_struct_site_gen.pdbx_auth_ins_code 
_struct_site_gen.auth_comp_id 
_struct_site_gen.auth_asym_id 
_struct_site_gen.auth_seq_id 
_struct_site_gen.label_atom_id 
_struct_site_gen.label_alt_id 
_struct_site_gen.symmetry 
_struct_site_gen.details 
1  AC1 8  TYR A 12 ? TYR A 70  . ? 1_555 ? 
2  AC1 8  TYR A 12 ? TYR A 70  . ? 5_554 ? 
3  AC1 8  SER A 55 ? SER A 113 . ? 1_555 ? 
4  AC1 8  ASN A 56 ? ASN A 114 . ? 1_555 ? 
5  AC1 8  ILE A 58 ? ILE A 116 . ? 1_555 ? 
6  AC1 8  HOH E .  ? HOH A 330 . ? 1_555 ? 
7  AC1 8  PRO B 10 ? PRO B 9   . ? 1_555 ? 
8  AC1 8  PRO B 11 ? PRO B 10  . ? 3_565 ? 
9  AC2 5  LEU A 33 ? LEU A 91  . ? 1_555 ? 
10 AC2 5  GLU A 43 ? GLU A 101 . ? 1_555 ? 
11 AC2 5  ASN A 48 ? ASN A 106 . ? 6_555 ? 
12 AC2 5  HOH E .  ? HOH A 332 . ? 1_555 ? 
13 AC2 5  HOH E .  ? HOH A 332 . ? 4_665 ? 
14 AC3 34 TYR A 12 ? TYR A 70  . ? 4_664 ? 
15 AC3 34 TYR A 12 ? TYR A 70  . ? 1_555 ? 
16 AC3 34 SER A 17 ? SER A 75  . ? 1_555 ? 
17 AC3 34 ASP A 19 ? ASP A 77  . ? 1_555 ? 
18 AC3 34 LYS A 26 ? LYS A 84  . ? 4_664 ? 
19 AC3 34 ASN A 36 ? ASN A 94  . ? 1_555 ? 
20 AC3 34 GLU A 40 ? GLU A 98  . ? 1_555 ? 
21 AC3 34 TRP A 41 ? TRP A 99  . ? 1_555 ? 
22 AC3 34 LYS A 47 ? LYS A 105 . ? 3_665 ? 
23 AC3 34 ASN A 48 ? ASN A 106 . ? 3_665 ? 
24 AC3 34 TRP A 52 ? TRP A 110 . ? 1_555 ? 
25 AC3 34 PRO A 54 ? PRO A 112 . ? 1_555 ? 
26 AC3 34 ASN A 56 ? ASN A 114 . ? 1_555 ? 
27 AC3 34 TYR A 57 ? TYR A 115 . ? 1_555 ? 
28 AC3 34 PGE C .  ? PGE A 201 . ? 1_555 ? 
29 AC3 34 PGE C .  ? PGE A 201 . ? 2_664 ? 
30 AC3 34 HOH E .  ? HOH A 308 . ? 1_555 ? 
31 AC3 34 HOH E .  ? HOH A 312 . ? 4_665 ? 
32 AC3 34 HOH E .  ? HOH A 316 . ? 4_664 ? 
33 AC3 34 HOH E .  ? HOH A 354 . ? 1_555 ? 
34 AC3 34 HOH E .  ? HOH A 364 . ? 1_555 ? 
35 AC3 34 HOH F .  ? HOH B 101 . ? 1_555 ? 
36 AC3 34 HOH F .  ? HOH B 102 . ? 1_555 ? 
37 AC3 34 HOH F .  ? HOH B 103 . ? 1_555 ? 
38 AC3 34 HOH F .  ? HOH B 104 . ? 1_555 ? 
39 AC3 34 HOH F .  ? HOH B 105 . ? 1_555 ? 
40 AC3 34 HOH F .  ? HOH B 106 . ? 1_555 ? 
41 AC3 34 HOH F .  ? HOH B 107 . ? 1_555 ? 
42 AC3 34 HOH F .  ? HOH B 108 . ? 1_555 ? 
43 AC3 34 HOH F .  ? HOH B 109 . ? 1_555 ? 
44 AC3 34 HOH F .  ? HOH B 111 . ? 1_555 ? 
45 AC3 34 HOH F .  ? HOH B 113 . ? 1_555 ? 
46 AC3 34 HOH F .  ? HOH B 115 . ? 1_555 ? 
47 AC3 34 HOH F .  ? HOH B 116 . ? 1_555 ? 
# 
_pdbx_entry_details.entry_id                   4J9C 
_pdbx_entry_details.compound_details           ? 
_pdbx_entry_details.source_details             ? 
_pdbx_entry_details.nonpolymer_details         ? 
_pdbx_entry_details.sequence_details           ? 
_pdbx_entry_details.has_ligand_of_interest     ? 
_pdbx_entry_details.has_protein_modification   Y 
# 
_pdbx_struct_special_symmetry.id              1 
_pdbx_struct_special_symmetry.PDB_model_num   1 
_pdbx_struct_special_symmetry.auth_asym_id    A 
_pdbx_struct_special_symmetry.auth_comp_id    HOH 
_pdbx_struct_special_symmetry.auth_seq_id     303 
_pdbx_struct_special_symmetry.PDB_ins_code    ? 
_pdbx_struct_special_symmetry.label_asym_id   E 
_pdbx_struct_special_symmetry.label_comp_id   HOH 
_pdbx_struct_special_symmetry.label_seq_id    . 
# 
_phasing.method   MR 
# 
loop_
_pdbx_unobs_or_zero_occ_residues.id 
_pdbx_unobs_or_zero_occ_residues.PDB_model_num 
_pdbx_unobs_or_zero_occ_residues.polymer_flag 
_pdbx_unobs_or_zero_occ_residues.occupancy_flag 
_pdbx_unobs_or_zero_occ_residues.auth_asym_id 
_pdbx_unobs_or_zero_occ_residues.auth_comp_id 
_pdbx_unobs_or_zero_occ_residues.auth_seq_id 
_pdbx_unobs_or_zero_occ_residues.PDB_ins_code 
_pdbx_unobs_or_zero_occ_residues.label_asym_id 
_pdbx_unobs_or_zero_occ_residues.label_comp_id 
_pdbx_unobs_or_zero_occ_residues.label_seq_id 
1 1 Y 1 A MET 59  ? A MET 1  
2 1 Y 1 A GLU 60  ? A GLU 2  
3 1 Y 1 A ASN 61  ? A ASN 3  
4 1 Y 1 A ASP 62  ? A ASP 4  
5 1 Y 1 A SER 121 ? A SER 63 
# 
loop_
_chem_comp_atom.comp_id 
_chem_comp_atom.atom_id 
_chem_comp_atom.type_symbol 
_chem_comp_atom.pdbx_aromatic_flag 
_chem_comp_atom.pdbx_stereo_config 
_chem_comp_atom.pdbx_ordinal 
ACE C    C N N 1   
ACE O    O N N 2   
ACE CH3  C N N 3   
ACE H    H N N 4   
ACE H1   H N N 5   
ACE H2   H N N 6   
ACE H3   H N N 7   
ALA N    N N N 8   
ALA CA   C N S 9   
ALA C    C N N 10  
ALA O    O N N 11  
ALA CB   C N N 12  
ALA OXT  O N N 13  
ALA H    H N N 14  
ALA H2   H N N 15  
ALA HA   H N N 16  
ALA HB1  H N N 17  
ALA HB2  H N N 18  
ALA HB3  H N N 19  
ALA HXT  H N N 20  
ARG N    N N N 21  
ARG CA   C N S 22  
ARG C    C N N 23  
ARG O    O N N 24  
ARG CB   C N N 25  
ARG CG   C N N 26  
ARG CD   C N N 27  
ARG NE   N N N 28  
ARG CZ   C N N 29  
ARG NH1  N N N 30  
ARG NH2  N N N 31  
ARG OXT  O N N 32  
ARG H    H N N 33  
ARG H2   H N N 34  
ARG HA   H N N 35  
ARG HB2  H N N 36  
ARG HB3  H N N 37  
ARG HG2  H N N 38  
ARG HG3  H N N 39  
ARG HD2  H N N 40  
ARG HD3  H N N 41  
ARG HE   H N N 42  
ARG HH11 H N N 43  
ARG HH12 H N N 44  
ARG HH21 H N N 45  
ARG HH22 H N N 46  
ARG HXT  H N N 47  
ASN N    N N N 48  
ASN CA   C N S 49  
ASN C    C N N 50  
ASN O    O N N 51  
ASN CB   C N N 52  
ASN CG   C N N 53  
ASN OD1  O N N 54  
ASN ND2  N N N 55  
ASN OXT  O N N 56  
ASN H    H N N 57  
ASN H2   H N N 58  
ASN HA   H N N 59  
ASN HB2  H N N 60  
ASN HB3  H N N 61  
ASN HD21 H N N 62  
ASN HD22 H N N 63  
ASN HXT  H N N 64  
ASP N    N N N 65  
ASP CA   C N S 66  
ASP C    C N N 67  
ASP O    O N N 68  
ASP CB   C N N 69  
ASP CG   C N N 70  
ASP OD1  O N N 71  
ASP OD2  O N N 72  
ASP OXT  O N N 73  
ASP H    H N N 74  
ASP H2   H N N 75  
ASP HA   H N N 76  
ASP HB2  H N N 77  
ASP HB3  H N N 78  
ASP HD2  H N N 79  
ASP HXT  H N N 80  
CYS N    N N N 81  
CYS CA   C N R 82  
CYS C    C N N 83  
CYS O    O N N 84  
CYS CB   C N N 85  
CYS SG   S N N 86  
CYS OXT  O N N 87  
CYS H    H N N 88  
CYS H2   H N N 89  
CYS HA   H N N 90  
CYS HB2  H N N 91  
CYS HB3  H N N 92  
CYS HG   H N N 93  
CYS HXT  H N N 94  
GLN N    N N N 95  
GLN CA   C N S 96  
GLN C    C N N 97  
GLN O    O N N 98  
GLN CB   C N N 99  
GLN CG   C N N 100 
GLN CD   C N N 101 
GLN OE1  O N N 102 
GLN NE2  N N N 103 
GLN OXT  O N N 104 
GLN H    H N N 105 
GLN H2   H N N 106 
GLN HA   H N N 107 
GLN HB2  H N N 108 
GLN HB3  H N N 109 
GLN HG2  H N N 110 
GLN HG3  H N N 111 
GLN HE21 H N N 112 
GLN HE22 H N N 113 
GLN HXT  H N N 114 
GLU N    N N N 115 
GLU CA   C N S 116 
GLU C    C N N 117 
GLU O    O N N 118 
GLU CB   C N N 119 
GLU CG   C N N 120 
GLU CD   C N N 121 
GLU OE1  O N N 122 
GLU OE2  O N N 123 
GLU OXT  O N N 124 
GLU H    H N N 125 
GLU H2   H N N 126 
GLU HA   H N N 127 
GLU HB2  H N N 128 
GLU HB3  H N N 129 
GLU HG2  H N N 130 
GLU HG3  H N N 131 
GLU HE2  H N N 132 
GLU HXT  H N N 133 
GLY N    N N N 134 
GLY CA   C N N 135 
GLY C    C N N 136 
GLY O    O N N 137 
GLY OXT  O N N 138 
GLY H    H N N 139 
GLY H2   H N N 140 
GLY HA2  H N N 141 
GLY HA3  H N N 142 
GLY HXT  H N N 143 
HIS N    N N N 144 
HIS CA   C N S 145 
HIS C    C N N 146 
HIS O    O N N 147 
HIS CB   C N N 148 
HIS CG   C Y N 149 
HIS ND1  N Y N 150 
HIS CD2  C Y N 151 
HIS CE1  C Y N 152 
HIS NE2  N Y N 153 
HIS OXT  O N N 154 
HIS H    H N N 155 
HIS H2   H N N 156 
HIS HA   H N N 157 
HIS HB2  H N N 158 
HIS HB3  H N N 159 
HIS HD1  H N N 160 
HIS HD2  H N N 161 
HIS HE1  H N N 162 
HIS HE2  H N N 163 
HIS HXT  H N N 164 
HOH O    O N N 165 
HOH H1   H N N 166 
HOH H2   H N N 167 
ILE N    N N N 168 
ILE CA   C N S 169 
ILE C    C N N 170 
ILE O    O N N 171 
ILE CB   C N S 172 
ILE CG1  C N N 173 
ILE CG2  C N N 174 
ILE CD1  C N N 175 
ILE OXT  O N N 176 
ILE H    H N N 177 
ILE H2   H N N 178 
ILE HA   H N N 179 
ILE HB   H N N 180 
ILE HG12 H N N 181 
ILE HG13 H N N 182 
ILE HG21 H N N 183 
ILE HG22 H N N 184 
ILE HG23 H N N 185 
ILE HD11 H N N 186 
ILE HD12 H N N 187 
ILE HD13 H N N 188 
ILE HXT  H N N 189 
LEU N    N N N 190 
LEU CA   C N S 191 
LEU C    C N N 192 
LEU O    O N N 193 
LEU CB   C N N 194 
LEU CG   C N N 195 
LEU CD1  C N N 196 
LEU CD2  C N N 197 
LEU OXT  O N N 198 
LEU H    H N N 199 
LEU H2   H N N 200 
LEU HA   H N N 201 
LEU HB2  H N N 202 
LEU HB3  H N N 203 
LEU HG   H N N 204 
LEU HD11 H N N 205 
LEU HD12 H N N 206 
LEU HD13 H N N 207 
LEU HD21 H N N 208 
LEU HD22 H N N 209 
LEU HD23 H N N 210 
LEU HXT  H N N 211 
LYS N    N N N 212 
LYS CA   C N S 213 
LYS C    C N N 214 
LYS O    O N N 215 
LYS CB   C N N 216 
LYS CG   C N N 217 
LYS CD   C N N 218 
LYS CE   C N N 219 
LYS NZ   N N N 220 
LYS OXT  O N N 221 
LYS H    H N N 222 
LYS H2   H N N 223 
LYS HA   H N N 224 
LYS HB2  H N N 225 
LYS HB3  H N N 226 
LYS HG2  H N N 227 
LYS HG3  H N N 228 
LYS HD2  H N N 229 
LYS HD3  H N N 230 
LYS HE2  H N N 231 
LYS HE3  H N N 232 
LYS HZ1  H N N 233 
LYS HZ2  H N N 234 
LYS HZ3  H N N 235 
LYS HXT  H N N 236 
MET N    N N N 237 
MET CA   C N S 238 
MET C    C N N 239 
MET O    O N N 240 
MET CB   C N N 241 
MET CG   C N N 242 
MET SD   S N N 243 
MET CE   C N N 244 
MET OXT  O N N 245 
MET H    H N N 246 
MET H2   H N N 247 
MET HA   H N N 248 
MET HB2  H N N 249 
MET HB3  H N N 250 
MET HG2  H N N 251 
MET HG3  H N N 252 
MET HE1  H N N 253 
MET HE2  H N N 254 
MET HE3  H N N 255 
MET HXT  H N N 256 
PEG C1   C N N 257 
PEG O1   O N N 258 
PEG C2   C N N 259 
PEG O2   O N N 260 
PEG C3   C N N 261 
PEG C4   C N N 262 
PEG O4   O N N 263 
PEG H11  H N N 264 
PEG H12  H N N 265 
PEG HO1  H N N 266 
PEG H21  H N N 267 
PEG H22  H N N 268 
PEG H31  H N N 269 
PEG H32  H N N 270 
PEG H41  H N N 271 
PEG H42  H N N 272 
PEG HO4  H N N 273 
PGE C1   C N N 274 
PGE O1   O N N 275 
PGE C2   C N N 276 
PGE O2   O N N 277 
PGE C3   C N N 278 
PGE C4   C N N 279 
PGE O4   O N N 280 
PGE C6   C N N 281 
PGE C5   C N N 282 
PGE O3   O N N 283 
PGE H1   H N N 284 
PGE H12  H N N 285 
PGE HO1  H N N 286 
PGE H2   H N N 287 
PGE H22  H N N 288 
PGE H3   H N N 289 
PGE H32  H N N 290 
PGE H4   H N N 291 
PGE H42  H N N 292 
PGE HO4  H N N 293 
PGE H6   H N N 294 
PGE H62  H N N 295 
PGE H5   H N N 296 
PGE H52  H N N 297 
PHE N    N N N 298 
PHE CA   C N S 299 
PHE C    C N N 300 
PHE O    O N N 301 
PHE CB   C N N 302 
PHE CG   C Y N 303 
PHE CD1  C Y N 304 
PHE CD2  C Y N 305 
PHE CE1  C Y N 306 
PHE CE2  C Y N 307 
PHE CZ   C Y N 308 
PHE OXT  O N N 309 
PHE H    H N N 310 
PHE H2   H N N 311 
PHE HA   H N N 312 
PHE HB2  H N N 313 
PHE HB3  H N N 314 
PHE HD1  H N N 315 
PHE HD2  H N N 316 
PHE HE1  H N N 317 
PHE HE2  H N N 318 
PHE HZ   H N N 319 
PHE HXT  H N N 320 
PRO N    N N N 321 
PRO CA   C N S 322 
PRO C    C N N 323 
PRO O    O N N 324 
PRO CB   C N N 325 
PRO CG   C N N 326 
PRO CD   C N N 327 
PRO OXT  O N N 328 
PRO H    H N N 329 
PRO HA   H N N 330 
PRO HB2  H N N 331 
PRO HB3  H N N 332 
PRO HG2  H N N 333 
PRO HG3  H N N 334 
PRO HD2  H N N 335 
PRO HD3  H N N 336 
PRO HXT  H N N 337 
SER N    N N N 338 
SER CA   C N S 339 
SER C    C N N 340 
SER O    O N N 341 
SER CB   C N N 342 
SER OG   O N N 343 
SER OXT  O N N 344 
SER H    H N N 345 
SER H2   H N N 346 
SER HA   H N N 347 
SER HB2  H N N 348 
SER HB3  H N N 349 
SER HG   H N N 350 
SER HXT  H N N 351 
THR N    N N N 352 
THR CA   C N S 353 
THR C    C N N 354 
THR O    O N N 355 
THR CB   C N R 356 
THR OG1  O N N 357 
THR CG2  C N N 358 
THR OXT  O N N 359 
THR H    H N N 360 
THR H2   H N N 361 
THR HA   H N N 362 
THR HB   H N N 363 
THR HG1  H N N 364 
THR HG21 H N N 365 
THR HG22 H N N 366 
THR HG23 H N N 367 
THR HXT  H N N 368 
TRP N    N N N 369 
TRP CA   C N S 370 
TRP C    C N N 371 
TRP O    O N N 372 
TRP CB   C N N 373 
TRP CG   C Y N 374 
TRP CD1  C Y N 375 
TRP CD2  C Y N 376 
TRP NE1  N Y N 377 
TRP CE2  C Y N 378 
TRP CE3  C Y N 379 
TRP CZ2  C Y N 380 
TRP CZ3  C Y N 381 
TRP CH2  C Y N 382 
TRP OXT  O N N 383 
TRP H    H N N 384 
TRP H2   H N N 385 
TRP HA   H N N 386 
TRP HB2  H N N 387 
TRP HB3  H N N 388 
TRP HD1  H N N 389 
TRP HE1  H N N 390 
TRP HE3  H N N 391 
TRP HZ2  H N N 392 
TRP HZ3  H N N 393 
TRP HH2  H N N 394 
TRP HXT  H N N 395 
TYR N    N N N 396 
TYR CA   C N S 397 
TYR C    C N N 398 
TYR O    O N N 399 
TYR CB   C N N 400 
TYR CG   C Y N 401 
TYR CD1  C Y N 402 
TYR CD2  C Y N 403 
TYR CE1  C Y N 404 
TYR CE2  C Y N 405 
TYR CZ   C Y N 406 
TYR OH   O N N 407 
TYR OXT  O N N 408 
TYR H    H N N 409 
TYR H2   H N N 410 
TYR HA   H N N 411 
TYR HB2  H N N 412 
TYR HB3  H N N 413 
TYR HD1  H N N 414 
TYR HD2  H N N 415 
TYR HE1  H N N 416 
TYR HE2  H N N 417 
TYR HH   H N N 418 
TYR HXT  H N N 419 
VAL N    N N N 420 
VAL CA   C N S 421 
VAL C    C N N 422 
VAL O    O N N 423 
VAL CB   C N N 424 
VAL CG1  C N N 425 
VAL CG2  C N N 426 
VAL OXT  O N N 427 
VAL H    H N N 428 
VAL H2   H N N 429 
VAL HA   H N N 430 
VAL HB   H N N 431 
VAL HG11 H N N 432 
VAL HG12 H N N 433 
VAL HG13 H N N 434 
VAL HG21 H N N 435 
VAL HG22 H N N 436 
VAL HG23 H N N 437 
VAL HXT  H N N 438 
# 
loop_
_chem_comp_bond.comp_id 
_chem_comp_bond.atom_id_1 
_chem_comp_bond.atom_id_2 
_chem_comp_bond.value_order 
_chem_comp_bond.pdbx_aromatic_flag 
_chem_comp_bond.pdbx_stereo_config 
_chem_comp_bond.pdbx_ordinal 
ACE C   O    doub N N 1   
ACE C   CH3  sing N N 2   
ACE C   H    sing N N 3   
ACE CH3 H1   sing N N 4   
ACE CH3 H2   sing N N 5   
ACE CH3 H3   sing N N 6   
ALA N   CA   sing N N 7   
ALA N   H    sing N N 8   
ALA N   H2   sing N N 9   
ALA CA  C    sing N N 10  
ALA CA  CB   sing N N 11  
ALA CA  HA   sing N N 12  
ALA C   O    doub N N 13  
ALA C   OXT  sing N N 14  
ALA CB  HB1  sing N N 15  
ALA CB  HB2  sing N N 16  
ALA CB  HB3  sing N N 17  
ALA OXT HXT  sing N N 18  
ARG N   CA   sing N N 19  
ARG N   H    sing N N 20  
ARG N   H2   sing N N 21  
ARG CA  C    sing N N 22  
ARG CA  CB   sing N N 23  
ARG CA  HA   sing N N 24  
ARG C   O    doub N N 25  
ARG C   OXT  sing N N 26  
ARG CB  CG   sing N N 27  
ARG CB  HB2  sing N N 28  
ARG CB  HB3  sing N N 29  
ARG CG  CD   sing N N 30  
ARG CG  HG2  sing N N 31  
ARG CG  HG3  sing N N 32  
ARG CD  NE   sing N N 33  
ARG CD  HD2  sing N N 34  
ARG CD  HD3  sing N N 35  
ARG NE  CZ   sing N N 36  
ARG NE  HE   sing N N 37  
ARG CZ  NH1  sing N N 38  
ARG CZ  NH2  doub N N 39  
ARG NH1 HH11 sing N N 40  
ARG NH1 HH12 sing N N 41  
ARG NH2 HH21 sing N N 42  
ARG NH2 HH22 sing N N 43  
ARG OXT HXT  sing N N 44  
ASN N   CA   sing N N 45  
ASN N   H    sing N N 46  
ASN N   H2   sing N N 47  
ASN CA  C    sing N N 48  
ASN CA  CB   sing N N 49  
ASN CA  HA   sing N N 50  
ASN C   O    doub N N 51  
ASN C   OXT  sing N N 52  
ASN CB  CG   sing N N 53  
ASN CB  HB2  sing N N 54  
ASN CB  HB3  sing N N 55  
ASN CG  OD1  doub N N 56  
ASN CG  ND2  sing N N 57  
ASN ND2 HD21 sing N N 58  
ASN ND2 HD22 sing N N 59  
ASN OXT HXT  sing N N 60  
ASP N   CA   sing N N 61  
ASP N   H    sing N N 62  
ASP N   H2   sing N N 63  
ASP CA  C    sing N N 64  
ASP CA  CB   sing N N 65  
ASP CA  HA   sing N N 66  
ASP C   O    doub N N 67  
ASP C   OXT  sing N N 68  
ASP CB  CG   sing N N 69  
ASP CB  HB2  sing N N 70  
ASP CB  HB3  sing N N 71  
ASP CG  OD1  doub N N 72  
ASP CG  OD2  sing N N 73  
ASP OD2 HD2  sing N N 74  
ASP OXT HXT  sing N N 75  
CYS N   CA   sing N N 76  
CYS N   H    sing N N 77  
CYS N   H2   sing N N 78  
CYS CA  C    sing N N 79  
CYS CA  CB   sing N N 80  
CYS CA  HA   sing N N 81  
CYS C   O    doub N N 82  
CYS C   OXT  sing N N 83  
CYS CB  SG   sing N N 84  
CYS CB  HB2  sing N N 85  
CYS CB  HB3  sing N N 86  
CYS SG  HG   sing N N 87  
CYS OXT HXT  sing N N 88  
GLN N   CA   sing N N 89  
GLN N   H    sing N N 90  
GLN N   H2   sing N N 91  
GLN CA  C    sing N N 92  
GLN CA  CB   sing N N 93  
GLN CA  HA   sing N N 94  
GLN C   O    doub N N 95  
GLN C   OXT  sing N N 96  
GLN CB  CG   sing N N 97  
GLN CB  HB2  sing N N 98  
GLN CB  HB3  sing N N 99  
GLN CG  CD   sing N N 100 
GLN CG  HG2  sing N N 101 
GLN CG  HG3  sing N N 102 
GLN CD  OE1  doub N N 103 
GLN CD  NE2  sing N N 104 
GLN NE2 HE21 sing N N 105 
GLN NE2 HE22 sing N N 106 
GLN OXT HXT  sing N N 107 
GLU N   CA   sing N N 108 
GLU N   H    sing N N 109 
GLU N   H2   sing N N 110 
GLU CA  C    sing N N 111 
GLU CA  CB   sing N N 112 
GLU CA  HA   sing N N 113 
GLU C   O    doub N N 114 
GLU C   OXT  sing N N 115 
GLU CB  CG   sing N N 116 
GLU CB  HB2  sing N N 117 
GLU CB  HB3  sing N N 118 
GLU CG  CD   sing N N 119 
GLU CG  HG2  sing N N 120 
GLU CG  HG3  sing N N 121 
GLU CD  OE1  doub N N 122 
GLU CD  OE2  sing N N 123 
GLU OE2 HE2  sing N N 124 
GLU OXT HXT  sing N N 125 
GLY N   CA   sing N N 126 
GLY N   H    sing N N 127 
GLY N   H2   sing N N 128 
GLY CA  C    sing N N 129 
GLY CA  HA2  sing N N 130 
GLY CA  HA3  sing N N 131 
GLY C   O    doub N N 132 
GLY C   OXT  sing N N 133 
GLY OXT HXT  sing N N 134 
HIS N   CA   sing N N 135 
HIS N   H    sing N N 136 
HIS N   H2   sing N N 137 
HIS CA  C    sing N N 138 
HIS CA  CB   sing N N 139 
HIS CA  HA   sing N N 140 
HIS C   O    doub N N 141 
HIS C   OXT  sing N N 142 
HIS CB  CG   sing N N 143 
HIS CB  HB2  sing N N 144 
HIS CB  HB3  sing N N 145 
HIS CG  ND1  sing Y N 146 
HIS CG  CD2  doub Y N 147 
HIS ND1 CE1  doub Y N 148 
HIS ND1 HD1  sing N N 149 
HIS CD2 NE2  sing Y N 150 
HIS CD2 HD2  sing N N 151 
HIS CE1 NE2  sing Y N 152 
HIS CE1 HE1  sing N N 153 
HIS NE2 HE2  sing N N 154 
HIS OXT HXT  sing N N 155 
HOH O   H1   sing N N 156 
HOH O   H2   sing N N 157 
ILE N   CA   sing N N 158 
ILE N   H    sing N N 159 
ILE N   H2   sing N N 160 
ILE CA  C    sing N N 161 
ILE CA  CB   sing N N 162 
ILE CA  HA   sing N N 163 
ILE C   O    doub N N 164 
ILE C   OXT  sing N N 165 
ILE CB  CG1  sing N N 166 
ILE CB  CG2  sing N N 167 
ILE CB  HB   sing N N 168 
ILE CG1 CD1  sing N N 169 
ILE CG1 HG12 sing N N 170 
ILE CG1 HG13 sing N N 171 
ILE CG2 HG21 sing N N 172 
ILE CG2 HG22 sing N N 173 
ILE CG2 HG23 sing N N 174 
ILE CD1 HD11 sing N N 175 
ILE CD1 HD12 sing N N 176 
ILE CD1 HD13 sing N N 177 
ILE OXT HXT  sing N N 178 
LEU N   CA   sing N N 179 
LEU N   H    sing N N 180 
LEU N   H2   sing N N 181 
LEU CA  C    sing N N 182 
LEU CA  CB   sing N N 183 
LEU CA  HA   sing N N 184 
LEU C   O    doub N N 185 
LEU C   OXT  sing N N 186 
LEU CB  CG   sing N N 187 
LEU CB  HB2  sing N N 188 
LEU CB  HB3  sing N N 189 
LEU CG  CD1  sing N N 190 
LEU CG  CD2  sing N N 191 
LEU CG  HG   sing N N 192 
LEU CD1 HD11 sing N N 193 
LEU CD1 HD12 sing N N 194 
LEU CD1 HD13 sing N N 195 
LEU CD2 HD21 sing N N 196 
LEU CD2 HD22 sing N N 197 
LEU CD2 HD23 sing N N 198 
LEU OXT HXT  sing N N 199 
LYS N   CA   sing N N 200 
LYS N   H    sing N N 201 
LYS N   H2   sing N N 202 
LYS CA  C    sing N N 203 
LYS CA  CB   sing N N 204 
LYS CA  HA   sing N N 205 
LYS C   O    doub N N 206 
LYS C   OXT  sing N N 207 
LYS CB  CG   sing N N 208 
LYS CB  HB2  sing N N 209 
LYS CB  HB3  sing N N 210 
LYS CG  CD   sing N N 211 
LYS CG  HG2  sing N N 212 
LYS CG  HG3  sing N N 213 
LYS CD  CE   sing N N 214 
LYS CD  HD2  sing N N 215 
LYS CD  HD3  sing N N 216 
LYS CE  NZ   sing N N 217 
LYS CE  HE2  sing N N 218 
LYS CE  HE3  sing N N 219 
LYS NZ  HZ1  sing N N 220 
LYS NZ  HZ2  sing N N 221 
LYS NZ  HZ3  sing N N 222 
LYS OXT HXT  sing N N 223 
MET N   CA   sing N N 224 
MET N   H    sing N N 225 
MET N   H2   sing N N 226 
MET CA  C    sing N N 227 
MET CA  CB   sing N N 228 
MET CA  HA   sing N N 229 
MET C   O    doub N N 230 
MET C   OXT  sing N N 231 
MET CB  CG   sing N N 232 
MET CB  HB2  sing N N 233 
MET CB  HB3  sing N N 234 
MET CG  SD   sing N N 235 
MET CG  HG2  sing N N 236 
MET CG  HG3  sing N N 237 
MET SD  CE   sing N N 238 
MET CE  HE1  sing N N 239 
MET CE  HE2  sing N N 240 
MET CE  HE3  sing N N 241 
MET OXT HXT  sing N N 242 
PEG C1  O1   sing N N 243 
PEG C1  C2   sing N N 244 
PEG C1  H11  sing N N 245 
PEG C1  H12  sing N N 246 
PEG O1  HO1  sing N N 247 
PEG C2  O2   sing N N 248 
PEG C2  H21  sing N N 249 
PEG C2  H22  sing N N 250 
PEG O2  C3   sing N N 251 
PEG C3  C4   sing N N 252 
PEG C3  H31  sing N N 253 
PEG C3  H32  sing N N 254 
PEG C4  O4   sing N N 255 
PEG C4  H41  sing N N 256 
PEG C4  H42  sing N N 257 
PEG O4  HO4  sing N N 258 
PGE C1  O1   sing N N 259 
PGE C1  C2   sing N N 260 
PGE C1  H1   sing N N 261 
PGE C1  H12  sing N N 262 
PGE O1  HO1  sing N N 263 
PGE C2  O2   sing N N 264 
PGE C2  H2   sing N N 265 
PGE C2  H22  sing N N 266 
PGE O2  C3   sing N N 267 
PGE C3  C4   sing N N 268 
PGE C3  H3   sing N N 269 
PGE C3  H32  sing N N 270 
PGE C4  O3   sing N N 271 
PGE C4  H4   sing N N 272 
PGE C4  H42  sing N N 273 
PGE O4  C6   sing N N 274 
PGE O4  HO4  sing N N 275 
PGE C6  C5   sing N N 276 
PGE C6  H6   sing N N 277 
PGE C6  H62  sing N N 278 
PGE C5  O3   sing N N 279 
PGE C5  H5   sing N N 280 
PGE C5  H52  sing N N 281 
PHE N   CA   sing N N 282 
PHE N   H    sing N N 283 
PHE N   H2   sing N N 284 
PHE CA  C    sing N N 285 
PHE CA  CB   sing N N 286 
PHE CA  HA   sing N N 287 
PHE C   O    doub N N 288 
PHE C   OXT  sing N N 289 
PHE CB  CG   sing N N 290 
PHE CB  HB2  sing N N 291 
PHE CB  HB3  sing N N 292 
PHE CG  CD1  doub Y N 293 
PHE CG  CD2  sing Y N 294 
PHE CD1 CE1  sing Y N 295 
PHE CD1 HD1  sing N N 296 
PHE CD2 CE2  doub Y N 297 
PHE CD2 HD2  sing N N 298 
PHE CE1 CZ   doub Y N 299 
PHE CE1 HE1  sing N N 300 
PHE CE2 CZ   sing Y N 301 
PHE CE2 HE2  sing N N 302 
PHE CZ  HZ   sing N N 303 
PHE OXT HXT  sing N N 304 
PRO N   CA   sing N N 305 
PRO N   CD   sing N N 306 
PRO N   H    sing N N 307 
PRO CA  C    sing N N 308 
PRO CA  CB   sing N N 309 
PRO CA  HA   sing N N 310 
PRO C   O    doub N N 311 
PRO C   OXT  sing N N 312 
PRO CB  CG   sing N N 313 
PRO CB  HB2  sing N N 314 
PRO CB  HB3  sing N N 315 
PRO CG  CD   sing N N 316 
PRO CG  HG2  sing N N 317 
PRO CG  HG3  sing N N 318 
PRO CD  HD2  sing N N 319 
PRO CD  HD3  sing N N 320 
PRO OXT HXT  sing N N 321 
SER N   CA   sing N N 322 
SER N   H    sing N N 323 
SER N   H2   sing N N 324 
SER CA  C    sing N N 325 
SER CA  CB   sing N N 326 
SER CA  HA   sing N N 327 
SER C   O    doub N N 328 
SER C   OXT  sing N N 329 
SER CB  OG   sing N N 330 
SER CB  HB2  sing N N 331 
SER CB  HB3  sing N N 332 
SER OG  HG   sing N N 333 
SER OXT HXT  sing N N 334 
THR N   CA   sing N N 335 
THR N   H    sing N N 336 
THR N   H2   sing N N 337 
THR CA  C    sing N N 338 
THR CA  CB   sing N N 339 
THR CA  HA   sing N N 340 
THR C   O    doub N N 341 
THR C   OXT  sing N N 342 
THR CB  OG1  sing N N 343 
THR CB  CG2  sing N N 344 
THR CB  HB   sing N N 345 
THR OG1 HG1  sing N N 346 
THR CG2 HG21 sing N N 347 
THR CG2 HG22 sing N N 348 
THR CG2 HG23 sing N N 349 
THR OXT HXT  sing N N 350 
TRP N   CA   sing N N 351 
TRP N   H    sing N N 352 
TRP N   H2   sing N N 353 
TRP CA  C    sing N N 354 
TRP CA  CB   sing N N 355 
TRP CA  HA   sing N N 356 
TRP C   O    doub N N 357 
TRP C   OXT  sing N N 358 
TRP CB  CG   sing N N 359 
TRP CB  HB2  sing N N 360 
TRP CB  HB3  sing N N 361 
TRP CG  CD1  doub Y N 362 
TRP CG  CD2  sing Y N 363 
TRP CD1 NE1  sing Y N 364 
TRP CD1 HD1  sing N N 365 
TRP CD2 CE2  doub Y N 366 
TRP CD2 CE3  sing Y N 367 
TRP NE1 CE2  sing Y N 368 
TRP NE1 HE1  sing N N 369 
TRP CE2 CZ2  sing Y N 370 
TRP CE3 CZ3  doub Y N 371 
TRP CE3 HE3  sing N N 372 
TRP CZ2 CH2  doub Y N 373 
TRP CZ2 HZ2  sing N N 374 
TRP CZ3 CH2  sing Y N 375 
TRP CZ3 HZ3  sing N N 376 
TRP CH2 HH2  sing N N 377 
TRP OXT HXT  sing N N 378 
TYR N   CA   sing N N 379 
TYR N   H    sing N N 380 
TYR N   H2   sing N N 381 
TYR CA  C    sing N N 382 
TYR CA  CB   sing N N 383 
TYR CA  HA   sing N N 384 
TYR C   O    doub N N 385 
TYR C   OXT  sing N N 386 
TYR CB  CG   sing N N 387 
TYR CB  HB2  sing N N 388 
TYR CB  HB3  sing N N 389 
TYR CG  CD1  doub Y N 390 
TYR CG  CD2  sing Y N 391 
TYR CD1 CE1  sing Y N 392 
TYR CD1 HD1  sing N N 393 
TYR CD2 CE2  doub Y N 394 
TYR CD2 HD2  sing N N 395 
TYR CE1 CZ   doub Y N 396 
TYR CE1 HE1  sing N N 397 
TYR CE2 CZ   sing Y N 398 
TYR CE2 HE2  sing N N 399 
TYR CZ  OH   sing N N 400 
TYR OH  HH   sing N N 401 
TYR OXT HXT  sing N N 402 
VAL N   CA   sing N N 403 
VAL N   H    sing N N 404 
VAL N   H2   sing N N 405 
VAL CA  C    sing N N 406 
VAL CA  CB   sing N N 407 
VAL CA  HA   sing N N 408 
VAL C   O    doub N N 409 
VAL C   OXT  sing N N 410 
VAL CB  CG1  sing N N 411 
VAL CB  CG2  sing N N 412 
VAL CB  HB   sing N N 413 
VAL CG1 HG11 sing N N 414 
VAL CG1 HG12 sing N N 415 
VAL CG1 HG13 sing N N 416 
VAL CG2 HG21 sing N N 417 
VAL CG2 HG22 sing N N 418 
VAL CG2 HG23 sing N N 419 
VAL OXT HXT  sing N N 420 
# 
_pdbx_initial_refinement_model.id               1 
_pdbx_initial_refinement_model.entity_id_list   ? 
_pdbx_initial_refinement_model.type             'experimental model' 
_pdbx_initial_refinement_model.source_name      PDB 
_pdbx_initial_refinement_model.accession_code   2O88 
_pdbx_initial_refinement_model.details          ? 
# 
_atom_sites.entry_id                    4J9C 
_atom_sites.fract_transf_matrix[1][1]   -0.01912950 
_atom_sites.fract_transf_matrix[1][2]   0.00864072 
_atom_sites.fract_transf_matrix[1][3]   0.01001869 
_atom_sites.fract_transf_matrix[2][1]   -0.00218587 
_atom_sites.fract_transf_matrix[2][2]   -0.00038161 
_atom_sites.fract_transf_matrix[2][3]   0.02315291 
_atom_sites.fract_transf_matrix[3][1]   0.00958338 
_atom_sites.fract_transf_matrix[3][2]   0.01978919 
_atom_sites.fract_transf_matrix[3][3]   0.00123094 
_atom_sites.fract_transf_vector[1]      0.457268 
_atom_sites.fract_transf_vector[2]      0.455798 
_atom_sites.fract_transf_vector[3]      -0.087741 
# 
loop_
_atom_type.symbol 
C 
H 
N 
O 
S 
# 
loop_
_atom_site.group_PDB 
_atom_site.id 
_atom_site.type_symbol 
_atom_site.label_atom_id 
_atom_site.label_alt_id 
_atom_site.label_comp_id 
_atom_site.label_asym_id 
_atom_site.label_entity_id 
_atom_site.label_seq_id 
_atom_site.pdbx_PDB_ins_code 
_atom_site.Cartn_x 
_atom_site.Cartn_y 
_atom_site.Cartn_z 
_atom_site.occupancy 
_atom_site.B_iso_or_equiv 
_atom_site.pdbx_formal_charge 
_atom_site.auth_seq_id 
_atom_site.auth_comp_id 
_atom_site.auth_asym_id 
_atom_site.auth_atom_id 
_atom_site.pdbx_PDB_model_num 
ATOM   1    N N    . PRO A 1 5  ? 12.996  3.919   -8.811  1.00   24.23 ? 63  PRO A N    1 
ATOM   2    C CA   . PRO A 1 5  ? 13.118  3.769   -7.361  1.00   29.00 ? 63  PRO A CA   1 
ATOM   3    C C    . PRO A 1 5  ? 11.767  3.719   -6.681  1.00   26.97 ? 63  PRO A C    1 
ATOM   4    O O    . PRO A 1 5  ? 11.714  3.540   -5.465  1.00   31.51 ? 63  PRO A O    1 
ATOM   5    C CB   . PRO A 1 5  ? 13.867  5.038   -6.935  1.00   27.86 ? 63  PRO A CB   1 
ATOM   6    C CG   . PRO A 1 5  ? 13.686  5.991   -8.067  1.00   27.05 ? 63  PRO A CG   1 
ATOM   7    C CD   . PRO A 1 5  ? 13.647  5.149   -9.286  1.00   26.12 ? 63  PRO A CD   1 
ATOM   8    H HA   . PRO A 1 5  ? 13.643  2.974   -7.129  1.00   34.81 ? 63  PRO A HA   1 
ATOM   9    H HB2  . PRO A 1 5  ? 13.473  5.393   -6.123  1.00   33.43 ? 63  PRO A HB2  1 
ATOM   10   H HB3  . PRO A 1 5  ? 14.806  4.836   -6.804  1.00   33.43 ? 63  PRO A HB3  1 
ATOM   11   H HG2  . PRO A 1 5  ? 12.852  6.474   -7.958  1.00   32.46 ? 63  PRO A HG2  1 
ATOM   12   H HG3  . PRO A 1 5  ? 14.436  6.605   -8.099  1.00   32.46 ? 63  PRO A HG3  1 
ATOM   13   H HD2  . PRO A 1 5  ? 13.112  5.573   -9.975  1.00   31.35 ? 63  PRO A HD2  1 
ATOM   14   H HD3  . PRO A 1 5  ? 14.546  4.958   -9.597  1.00   31.35 ? 63  PRO A HD3  1 
ATOM   15   N N    . ASN A 1 6  ? 10.688  3.887   -7.441  1.00   20.30 ? 64  ASN A N    1 
ATOM   16   C CA   . ASN A 1 6  ? 9.368   3.875   -6.833  1.00   16.80 ? 64  ASN A CA   1 
ATOM   17   C C    . ASN A 1 6  ? 8.615   2.570   -7.055  1.00   13.57 ? 64  ASN A C    1 
ATOM   18   O O    . ASN A 1 6  ? 7.453   2.489   -6.666  1.00   13.98 ? 64  ASN A O    1 
ATOM   19   C CB   . ASN A 1 6  ? 8.530   5.076   -7.294  1.00   20.39 ? 64  ASN A CB   1 
ATOM   20   C CG   . ASN A 1 6  ? 9.220   6.397   -7.026  1.00   25.64 ? 64  ASN A CG   1 
ATOM   21   O OD1  . ASN A 1 6  ? 9.781   6.603   -5.950  1.00   30.18 ? 64  ASN A OD1  1 
ATOM   22   N ND2  . ASN A 1 6  ? 9.206   7.291   -8.013  1.00   28.19 ? 64  ASN A ND2  1 
ATOM   23   H H    . ASN A 1 6  ? 10.693  4.008   -8.293  1.00   24.36 ? 64  ASN A H    1 
ATOM   24   H HA   . ASN A 1 6  ? 9.488   3.970   -5.865  1.00   20.16 ? 64  ASN A HA   1 
ATOM   25   H HB2  . ASN A 1 6  ? 8.373   5.005   -8.249  1.00   24.47 ? 64  ASN A HB2  1 
ATOM   26   H HB3  . ASN A 1 6  ? 7.685   5.074   -6.818  1.00   24.47 ? 64  ASN A HB3  1 
ATOM   27   H HD21 . ASN A 1 6  ? 8.817   7.104   -8.757  1.00   33.83 ? 64  ASN A HD21 1 
ATOM   28   H HD22 . ASN A 1 6  ? 9.584   8.056   -7.907  1.00   33.83 ? 64  ASN A HD22 1 
ATOM   29   N N    . LEU A 1 7  ? 9.277   1.549   -7.625  1.00   13.39 ? 65  LEU A N    1 
ATOM   30   C CA   . LEU A 1 7  ? 8.640   0.252   -7.925  1.00   12.30 ? 65  LEU A CA   1 
ATOM   31   C C    . LEU A 1 7  ? 8.748   -0.686  -6.748  1.00   11.88 ? 65  LEU A C    1 
ATOM   32   O O    . LEU A 1 7  ? 9.839   -0.926  -6.229  1.00   12.26 ? 65  LEU A O    1 
ATOM   33   C CB   . LEU A 1 7  ? 9.282   -0.418  -9.132  1.00   15.52 ? 65  LEU A CB   1 
ATOM   34   C CG   . LEU A 1 7  ? 8.574   -1.676  -9.645  1.00   15.70 ? 65  LEU A CG   1 
ATOM   35   C CD1  . LEU A 1 7  ? 7.196   -1.350  -10.198 1.00   16.80 ? 65  LEU A CD1  1 
ATOM   36   C CD2  . LEU A 1 7  ? 9.429   -2.353  -10.698 1.00   20.30 ? 65  LEU A CD2  1 
ATOM   37   H H    . LEU A 1 7  ? 10.106  1.583   -7.850  1.00   16.07 ? 65  LEU A H    1 
ATOM   38   H HA   . LEU A 1 7  ? 7.690   0.394   -8.119  1.00   14.76 ? 65  LEU A HA   1 
ATOM   39   H HB2  . LEU A 1 7  ? 9.304   0.221   -9.861  1.00   18.62 ? 65  LEU A HB2  1 
ATOM   40   H HB3  . LEU A 1 7  ? 10.188  -0.671  -8.896  1.00   18.62 ? 65  LEU A HB3  1 
ATOM   41   H HG   . LEU A 1 7  ? 8.461   -2.296  -8.908  1.00   18.84 ? 65  LEU A HG   1 
ATOM   42   H HD11 . LEU A 1 7  ? 6.664   -0.960  -9.500  1.00   20.16 ? 65  LEU A HD11 1 
ATOM   43   H HD12 . LEU A 1 7  ? 7.290   -0.731  -10.924 1.00   20.16 ? 65  LEU A HD12 1 
ATOM   44   H HD13 . LEU A 1 7  ? 6.786   -2.162  -10.508 1.00   20.16 ? 65  LEU A HD13 1 
ATOM   45   H HD21 . LEU A 1 7  ? 10.271  -2.596  -10.307 1.00   24.35 ? 65  LEU A HD21 1 
ATOM   46   H HD22 . LEU A 1 7  ? 8.974   -3.138  -11.011 1.00   24.35 ? 65  LEU A HD22 1 
ATOM   47   H HD23 . LEU A 1 7  ? 9.569   -1.743  -11.426 1.00   24.35 ? 65  LEU A HD23 1 
ATOM   48   N N    . PHE A 1 8  ? 7.590   -1.191  -6.338  1.00   9.57  ? 66  PHE A N    1 
ATOM   49   C CA   . PHE A 1 8  ? 7.454   -2.012  -5.158  1.00   9.08  ? 66  PHE A CA   1 
ATOM   50   C C    . PHE A 1 8  ? 6.624   -3.237  -5.508  1.00   8.55  ? 66  PHE A C    1 
ATOM   51   O O    . PHE A 1 8  ? 5.981   -3.286  -6.559  1.00   9.43  ? 66  PHE A O    1 
ATOM   52   C CB   . PHE A 1 8  ? 6.747   -1.232  -4.043  1.00   9.23  ? 66  PHE A CB   1 
ATOM   53   C CG   . PHE A 1 8  ? 7.609   -0.208  -3.353  1.00   10.42 ? 66  PHE A CG   1 
ATOM   54   C CD1  . PHE A 1 8  ? 7.941   -0.350  -2.019  1.00   12.81 ? 66  PHE A CD1  1 
ATOM   55   C CD2  . PHE A 1 8  ? 8.056   0.922   -4.032  1.00   12.63 ? 66  PHE A CD2  1 
ATOM   56   C CE1  . PHE A 1 8  ? 8.718   0.597   -1.379  1.00   14.92 ? 66  PHE A CE1  1 
ATOM   57   C CE2  . PHE A 1 8  ? 8.841   1.878   -3.390  1.00   15.99 ? 66  PHE A CE2  1 
ATOM   58   C CZ   . PHE A 1 8  ? 9.167   1.709   -2.067  1.00   16.71 ? 66  PHE A CZ   1 
ATOM   59   H H    . PHE A 1 8  ? 6.845   -1.062  -6.748  1.00   11.48 ? 66  PHE A H    1 
ATOM   60   H HA   . PHE A 1 8  ? 8.335   -2.300  -4.841  1.00   10.89 ? 66  PHE A HA   1 
ATOM   61   H HB2  . PHE A 1 8  ? 5.987   -0.766  -4.425  1.00   11.08 ? 66  PHE A HB2  1 
ATOM   62   H HB3  . PHE A 1 8  ? 6.441   -1.860  -3.371  1.00   11.08 ? 66  PHE A HB3  1 
ATOM   63   H HD1  . PHE A 1 8  ? 7.645   -1.095  -1.548  1.00   15.37 ? 66  PHE A HD1  1 
ATOM   64   H HD2  . PHE A 1 8  ? 7.837   1.035   -4.929  1.00   15.16 ? 66  PHE A HD2  1 
ATOM   65   H HE1  . PHE A 1 8  ? 8.940   0.485   -0.484  1.00   17.91 ? 66  PHE A HE1  1 
ATOM   66   H HE2  . PHE A 1 8  ? 9.141   2.625   -3.855  1.00   19.18 ? 66  PHE A HE2  1 
ATOM   67   H HZ   . PHE A 1 8  ? 9.690   2.343   -1.633  1.00   20.05 ? 66  PHE A HZ   1 
ATOM   68   N N    . VAL A 1 9  ? 6.674   -4.227  -4.618  1.00   9.22  ? 67  VAL A N    1 
ATOM   69   C CA   . VAL A 1 9  ? 5.844   -5.408  -4.710  1.00   9.98  ? 67  VAL A CA   1 
ATOM   70   C C    . VAL A 1 9  ? 5.108   -5.603  -3.374  1.00   8.52  ? 67  VAL A C    1 
ATOM   71   O O    . VAL A 1 9  ? 5.624   -5.306  -2.293  1.00   8.79  ? 67  VAL A O    1 
ATOM   72   C CB   . VAL A 1 9  ? 6.672   -6.668  -5.090  1.00   13.98 ? 67  VAL A CB   1 
ATOM   73   C CG1  . VAL A 1 9  ? 7.709   -6.963  -4.051  1.00   18.08 ? 67  VAL A CG1  1 
ATOM   74   C CG2  . VAL A 1 9  ? 5.768   -7.862  -5.293  1.00   17.95 ? 67  VAL A CG2  1 
ATOM   75   H H    . VAL A 1 9  ? 7.199   -4.229  -3.936  1.00   11.06 ? 67  VAL A H    1 
ATOM   76   H HA   . VAL A 1 9  ? 5.169   -5.268  -5.407  1.00   11.97 ? 67  VAL A HA   1 
ATOM   77   H HB   . VAL A 1 9  ? 7.136   -6.497  -5.937  1.00   16.78 ? 67  VAL A HB   1 
ATOM   78   H HG11 . VAL A 1 9  ? 7.648   -6.305  -3.355  1.00   21.69 ? 67  VAL A HG11 1 
ATOM   79   H HG12 . VAL A 1 9  ? 7.549   -7.838  -3.691  1.00   21.69 ? 67  VAL A HG12 1 
ATOM   80   H HG13 . VAL A 1 9  ? 8.577   -6.931  -4.459  1.00   21.69 ? 67  VAL A HG13 1 
ATOM   81   H HG21 . VAL A 1 9  ? 6.303   -8.623  -5.526  1.00   21.54 ? 67  VAL A HG21 1 
ATOM   82   H HG22 . VAL A 1 9  ? 5.290   -8.034  -4.477  1.00   21.54 ? 67  VAL A HG22 1 
ATOM   83   H HG23 . VAL A 1 9  ? 5.148   -7.668  -6.000  1.00   21.54 ? 67  VAL A HG23 1 
ATOM   84   N N    . ALA A 1 10 ? 3.891   -6.127  -3.465  1.00   8.44  ? 68  ALA A N    1 
ATOM   85   C CA   . ALA A 1 10 ? 3.087   -6.421  -2.287  1.00   8.33  ? 68  ALA A CA   1 
ATOM   86   C C    . ALA A 1 10 ? 3.561   -7.705  -1.590  1.00   7.74  ? 68  ALA A C    1 
ATOM   87   O O    . ALA A 1 10 ? 3.692   -8.753  -2.241  1.00   8.48  ? 68  ALA A O    1 
ATOM   88   C CB   . ALA A 1 10 ? 1.619   -6.556  -2.668  1.00   9.18  ? 68  ALA A CB   1 
ATOM   89   H H    . ALA A 1 10 ? 3.505   -6.323  -4.208  1.00   10.13 ? 68  ALA A H    1 
ATOM   90   H HA   . ALA A 1 10 ? 3.170   -5.681  -1.650  1.00   10.00 ? 68  ALA A HA   1 
ATOM   91   H HB1  . ALA A 1 10 ? 1.320   -5.731  -3.059  1.00   11.02 ? 68  ALA A HB1  1 
ATOM   92   H HB2  . ALA A 1 10 ? 1.525   -7.271  -3.303  1.00   11.02 ? 68  ALA A HB2  1 
ATOM   93   H HB3  . ALA A 1 10 ? 1.108   -6.750  -1.879  1.00   11.02 ? 68  ALA A HB3  1 
ATOM   94   N N    . LEU A 1 11 ? 3.779   -7.615  -0.277  1.00   8.00  ? 69  LEU A N    1 
ATOM   95   C CA   . LEU A 1 11 ? 4.120   -8.766  0.559   1.00   7.96  ? 69  LEU A CA   1 
ATOM   96   C C    . LEU A 1 11 ? 2.908   -9.645  0.859   1.00   8.42  ? 69  LEU A C    1 
ATOM   97   O O    . LEU A 1 11 ? 3.050   -10.848 1.041   1.00   9.20  ? 69  LEU A O    1 
ATOM   98   C CB   . LEU A 1 11 ? 4.664   -8.303  1.904   1.00   8.52  ? 69  LEU A CB   1 
ATOM   99   C CG   . LEU A 1 11 ? 6.128   -7.921  1.984   1.00   15.68 ? 69  LEU A CG   1 
ATOM   100  C CD1  . LEU A 1 11 ? 6.480   -6.758  1.107   1.00   19.97 ? 69  LEU A CD1  1 
ATOM   101  C CD2  . LEU A 1 11 ? 6.546   -7.681  3.433   1.00   20.79 ? 69  LEU A CD2  1 
ATOM   102  H H    . LEU A 1 11 ? 3.735   -6.878  0.163   1.00   9.60  ? 69  LEU A H    1 
ATOM   103  H HA   . LEU A 1 11 ? 4.802   -9.310  0.112   1.00   9.55  ? 69  LEU A HA   1 
ATOM   104  H HB2  . LEU A 1 11 ? 4.154   -7.524  2.179   1.00   10.22 ? 69  LEU A HB2  1 
ATOM   105  H HB3  . LEU A 1 11 ? 4.523   -9.016  2.545   1.00   10.22 ? 69  LEU A HB3  1 
ATOM   106  H HG   . LEU A 1 11 ? 6.646   -8.676  1.665   1.00   18.82 ? 69  LEU A HG   1 
ATOM   107  H HD11 . LEU A 1 11 ? 6.281   -6.983  0.196   1.00   23.97 ? 69  LEU A HD11 1 
ATOM   108  H HD12 . LEU A 1 11 ? 5.960   -5.996  1.377   1.00   23.97 ? 69  LEU A HD12 1 
ATOM   109  H HD13 . LEU A 1 11 ? 7.415   -6.567  1.203   1.00   23.97 ? 69  LEU A HD13 1 
ATOM   110  H HD21 . LEU A 1 11 ? 6.016   -6.968  3.798   1.00   24.95 ? 69  LEU A HD21 1 
ATOM   111  H HD22 . LEU A 1 11 ? 6.403   -8.487  3.937   1.00   24.95 ? 69  LEU A HD22 1 
ATOM   112  H HD23 . LEU A 1 11 ? 7.475   -7.442  3.455   1.00   24.95 ? 69  LEU A HD23 1 
ATOM   113  N N    . TYR A 1 12 ? 1.727   -9.032  0.961   1.00   8.68  ? 70  TYR A N    1 
ATOM   114  C CA   . TYR A 1 12 ? 0.521   -9.719  1.408   1.00   8.47  ? 70  TYR A CA   1 
ATOM   115  C C    . TYR A 1 12 ? -0.671  -9.142  0.658   1.00   8.42  ? 70  TYR A C    1 
ATOM   116  O O    . TYR A 1 12 ? -0.664  -7.972  0.255   1.00   9.31  ? 70  TYR A O    1 
ATOM   117  C CB   . TYR A 1 12 ? 0.268   -9.518  2.914   1.00   9.74  ? 70  TYR A CB   1 
ATOM   118  C CG   . TYR A 1 12 ? 1.507   -9.491  3.799   1.00   9.10  ? 70  TYR A CG   1 
ATOM   119  C CD1  . TYR A 1 12 ? 2.253   -10.634 4.034   1.00   10.88 ? 70  TYR A CD1  1 
ATOM   120  C CD2  . TYR A 1 12 ? 1.913   -8.313  4.412   1.00   9.08  ? 70  TYR A CD2  1 
ATOM   121  C CE1  . TYR A 1 12 ? 3.374   -10.585 4.848   1.00   10.60 ? 70  TYR A CE1  1 
ATOM   122  C CE2  . TYR A 1 12 ? 3.018   -8.263  5.222   1.00   8.58  ? 70  TYR A CE2  1 
ATOM   123  C CZ   . TYR A 1 12 ? 3.754   -9.396  5.439   1.00   9.23  ? 70  TYR A CZ   1 
ATOM   124  O OH   . TYR A 1 12 ? 4.867   -9.366  6.255   1.00   10.80 ? 70  TYR A OH   1 
ATOM   125  H H    . TYR A 1 12 ? 1.601   -8.203  0.773   1.00   10.41 ? 70  TYR A H    1 
ATOM   126  H HA   . TYR A 1 12 ? 0.587   -10.678 1.217   1.00   10.16 ? 70  TYR A HA   1 
ATOM   127  H HB2  . TYR A 1 12 ? -0.193  -8.674  3.037   1.00   11.68 ? 70  TYR A HB2  1 
ATOM   128  H HB3  . TYR A 1 12 ? -0.297  -10.243 3.228   1.00   11.68 ? 70  TYR A HB3  1 
ATOM   129  H HD1  . TYR A 1 12 ? 2.005   -11.437 3.637   1.00   13.06 ? 70  TYR A HD1  1 
ATOM   130  H HD2  . TYR A 1 12 ? 1.421   -7.536  4.270   1.00   10.90 ? 70  TYR A HD2  1 
ATOM   131  H HE1  . TYR A 1 12 ? 3.871   -11.357 4.999   1.00   12.72 ? 70  TYR A HE1  1 
ATOM   132  H HE2  . TYR A 1 12 ? 3.271   -7.459  5.618   1.00   10.30 ? 70  TYR A HE2  1 
ATOM   133  H HH   . TYR A 1 12 ? 5.531   -9.597  5.833   1.00   12.96 ? 70  TYR A HH   1 
ATOM   134  N N    . ASP A 1 13 ? -1.714  -9.945  0.506   1.00   8.67  ? 71  ASP A N    1 
ATOM   135  C CA   . ASP A 1 13 ? -2.990  -9.392  0.091   1.00   8.81  ? 71  ASP A CA   1 
ATOM   136  C C    . ASP A 1 13 ? -3.488  -8.410  1.156   1.00   7.95  ? 71  ASP A C    1 
ATOM   137  O O    . ASP A 1 13 ? -3.308  -8.610  2.357   1.00   8.90  ? 71  ASP A O    1 
ATOM   138  C CB   . ASP A 1 13 ? -4.059  -10.484 -0.048  1.00   9.77  ? 71  ASP A CB   1 
ATOM   139  C CG   . ASP A 1 13 ? -3.896  -11.379 -1.278  1.00   10.29 ? 71  ASP A CG   1 
ATOM   140  O OD1  . ASP A 1 13 ? -2.835  -11.418 -1.926  1.00   11.59 ? 71  ASP A OD1  1 
ATOM   141  O OD2  . ASP A 1 13 ? -4.883  -12.099 -1.575  1.00   12.01 ? 71  ASP A OD2  1 
ATOM   142  H H    . ASP A 1 13 ? -1.711  -10.795 0.634   1.00   10.41 ? 71  ASP A H    1 
ATOM   143  H HA   . ASP A 1 13 ? -2.894  -8.921  -0.764  1.00   10.57 ? 71  ASP A HA   1 
ATOM   144  H HB2  . ASP A 1 13 ? -4.024  -11.053 0.736   1.00   11.72 ? 71  ASP A HB2  1 
ATOM   145  H HB3  . ASP A 1 13 ? -4.930  -10.061 -0.105  1.00   11.72 ? 71  ASP A HB3  1 
ATOM   146  N N    . PHE A 1 14 ? -4.155  -7.362  0.690   1.00   8.24  ? 72  PHE A N    1 
ATOM   147  C CA   . PHE A 1 14 ? -4.798  -6.379  1.544   1.00   8.66  ? 72  PHE A CA   1 
ATOM   148  C C    . PHE A 1 14 ? -6.100  -5.985  0.861   1.00   8.36  ? 72  PHE A C    1 
ATOM   149  O O    . PHE A 1 14 ? -6.116  -5.527  -0.280  1.00   8.95  ? 72  PHE A O    1 
ATOM   150  C CB   . PHE A 1 14 ? -3.887  -5.158  1.747   1.00   8.43  ? 72  PHE A CB   1 
ATOM   151  C CG   . PHE A 1 14 ? -4.578  -3.966  2.379   1.00   7.87  ? 72  PHE A CG   1 
ATOM   152  C CD1  . PHE A 1 14 ? -4.883  -3.947  3.729   1.00   8.81  ? 72  PHE A CD1  1 
ATOM   153  C CD2  . PHE A 1 14 ? -4.865  -2.845  1.625   1.00   8.68  ? 72  PHE A CD2  1 
ATOM   154  C CE1  . PHE A 1 14 ? -5.495  -2.853  4.302   1.00   9.79  ? 72  PHE A CE1  1 
ATOM   155  C CE2  . PHE A 1 14 ? -5.482  -1.759  2.183   1.00   10.24 ? 72  PHE A CE2  1 
ATOM   156  C CZ   . PHE A 1 14 ? -5.786  -1.741  3.522   1.00   10.06 ? 72  PHE A CZ   1 
ATOM   157  H H    . PHE A 1 14 ? -4.252  -7.197  -0.148  1.00   9.89  ? 72  PHE A H    1 
ATOM   158  H HA   . PHE A 1 14 ? -5.004  -6.774  2.417   1.00   10.39 ? 72  PHE A HA   1 
ATOM   159  H HB2  . PHE A 1 14 ? -3.150  -5.413  2.325   1.00   10.12 ? 72  PHE A HB2  1 
ATOM   160  H HB3  . PHE A 1 14 ? -3.544  -4.877  0.884   1.00   10.12 ? 72  PHE A HB3  1 
ATOM   161  H HD1  . PHE A 1 14 ? -4.685  -4.689  4.254   1.00   10.57 ? 72  PHE A HD1  1 
ATOM   162  H HD2  . PHE A 1 14 ? -4.663  -2.840  0.717   1.00   10.42 ? 72  PHE A HD2  1 
ATOM   163  H HE1  . PHE A 1 14 ? -5.703  -2.855  5.208   1.00   11.75 ? 72  PHE A HE1  1 
ATOM   164  H HE2  . PHE A 1 14 ? -5.673  -1.017  1.657   1.00   12.29 ? 72  PHE A HE2  1 
ATOM   165  H HZ   . PHE A 1 14 ? -6.204  -1.000  3.899   1.00   12.07 ? 72  PHE A HZ   1 
ATOM   166  N N    . VAL A 1 15 ? -7.199  -6.207  1.565   1.00   9.00  ? 73  VAL A N    1 
ATOM   167  C CA   . VAL A 1 15 ? -8.523  -5.864  1.064   1.00   10.02 ? 73  VAL A CA   1 
ATOM   168  C C    . VAL A 1 15 ? -8.874  -4.457  1.560   1.00   10.09 ? 73  VAL A C    1 
ATOM   169  O O    . VAL A 1 15 ? -8.833  -4.178  2.764   1.00   11.54 ? 73  VAL A O    1 
ATOM   170  C CB   . VAL A 1 15 ? -9.579  -6.895  1.547   1.00   10.78 ? 73  VAL A CB   1 
ATOM   171  C CG1  . VAL A 1 15 ? -10.995 -6.441  1.184   1.00   14.30 ? 73  VAL A CG1  1 
ATOM   172  C CG2  . VAL A 1 15 ? -9.275  -8.276  0.978   1.00   11.56 ? 73  VAL A CG2  1 
ATOM   173  H H    . VAL A 1 15 ? -7.206  -6.560  2.349   1.00   10.79 ? 73  VAL A H    1 
ATOM   174  H HA   . VAL A 1 15 ? -8.515  -5.858  0.084   1.00   12.02 ? 73  VAL A HA   1 
ATOM   175  H HB   . VAL A 1 15 ? -9.529  -6.959  2.524   1.00   12.93 ? 73  VAL A HB   1 
ATOM   176  H HG11 . VAL A 1 15 ? -10.945 -5.600  0.725   1.00   17.16 ? 73  VAL A HG11 1 
ATOM   177  H HG12 . VAL A 1 15 ? -11.398 -7.102  0.615   1.00   17.16 ? 73  VAL A HG12 1 
ATOM   178  H HG13 . VAL A 1 15 ? -11.508 -6.345  1.990   1.00   17.16 ? 73  VAL A HG13 1 
ATOM   179  H HG21 . VAL A 1 15 ? -8.487  -8.223  0.433   1.00   13.87 ? 73  VAL A HG21 1 
ATOM   180  H HG22 . VAL A 1 15 ? -9.131  -8.888  1.704   1.00   13.87 ? 73  VAL A HG22 1 
ATOM   181  H HG23 . VAL A 1 15 ? -10.021 -8.566  0.448   1.00   13.87 ? 73  VAL A HG23 1 
ATOM   182  N N    . ALA A 1 16 ? -9.208  -3.567  0.635   1.00   11.12 ? 74  ALA A N    1 
ATOM   183  C CA   . ALA A 1 16 ? -9.528  -2.193  0.995   1.00   12.15 ? 74  ALA A CA   1 
ATOM   184  C C    . ALA A 1 16 ? -10.593 -2.132  2.085   1.00   12.05 ? 74  ALA A C    1 
ATOM   185  O O    . ALA A 1 16 ? -11.530 -2.932  2.110   1.00   13.31 ? 74  ALA A O    1 
ATOM   186  C CB   . ALA A 1 16 ? -9.974  -1.415  -0.225  1.00   13.64 ? 74  ALA A CB   1 
ATOM   187  H H    . ALA A 1 16 ? -9.258  -3.733  -0.208  1.00   13.34 ? 74  ALA A H    1 
ATOM   188  H HA   . ALA A 1 16 ? -8.720  -1.764  1.344   1.00   14.58 ? 74  ALA A HA   1 
ATOM   189  H HB1  . ALA A 1 16 ? -10.178 -0.515  0.037   1.00   16.37 ? 74  ALA A HB1  1 
ATOM   190  H HB2  . ALA A 1 16 ? -9.263  -1.415  -0.872  1.00   16.37 ? 74  ALA A HB2  1 
ATOM   191  H HB3  . ALA A 1 16 ? -10.753 -1.835  -0.595  1.00   16.37 ? 74  ALA A HB3  1 
ATOM   192  N N    . SER A 1 17 ? -10.425 -1.167  2.980   1.00   12.37 ? 75  SER A N    1 
ATOM   193  C CA   . SER A 1 17 ? -11.317 -0.970  4.114   1.00   13.73 ? 75  SER A CA   1 
ATOM   194  C C    . SER A 1 17 ? -12.069 0.329   3.948   1.00   16.26 ? 75  SER A C    1 
ATOM   195  O O    . SER A 1 17 ? -12.603 0.874   4.921   1.00   23.19 ? 75  SER A O    1 
ATOM   196  C CB   . SER A 1 17 ? -10.535 -0.967  5.433   1.00   14.65 ? 75  SER A CB   1 
ATOM   197  O OG   . SER A 1 17 ? -9.521  0.023   5.435   1.00   15.77 ? 75  SER A OG   1 
ATOM   198  H H    . SER A 1 17 ? -9.781  -0.598  2.951   1.00   14.84 ? 75  SER A H    1 
ATOM   199  H HA   . SER A 1 17 ? -11.969 -1.701  4.143   1.00   16.48 ? 75  SER A HA   1 
ATOM   200  H HB2  . SER A 1 17 ? -11.150 -0.787  6.162   1.00   17.58 ? 75  SER A HB2  1 
ATOM   201  H HB3  . SER A 1 17 ? -10.124 -1.837  5.556   1.00   17.58 ? 75  SER A HB3  1 
ATOM   202  H HG   . SER A 1 17 ? -9.115  0.008   6.148   1.00   18.93 ? 75  SER A HG   1 
ATOM   203  N N    . GLY A 1 18 ? -12.140 0.798   2.708   1.00   24.21 ? 76  GLY A N    1 
ATOM   204  C CA   . GLY A 1 18 ? -12.736 2.073   2.436   1.00   24.75 ? 76  GLY A CA   1 
ATOM   205  C C    . GLY A 1 18 ? -11.794 3.213   2.725   1.00   19.61 ? 76  GLY A C    1 
ATOM   206  O O    . GLY A 1 18 ? -10.601 3.003   2.886   1.00   23.92 ? 76  GLY A O    1 
ATOM   207  N N    . ASP A 1 19 ? -12.317 4.434   2.775   1.00   22.30 ? 77  ASP A N    1 
ATOM   208  C CA   . ASP A 1 19 ? -11.515 5.571   3.194   1.00   22.33 ? 77  ASP A CA   1 
ATOM   209  C C    . ASP A 1 19 ? -10.286 5.720   2.312   1.00   19.05 ? 77  ASP A C    1 
ATOM   210  O O    . ASP A 1 19 ? -9.198  5.980   2.811   1.00   21.00 ? 77  ASP A O    1 
ATOM   211  C CB   . ASP A 1 19 ? -11.091 5.395   4.652   1.00   25.79 ? 77  ASP A CB   1 
ATOM   212  C CG   . ASP A 1 19 ? -12.273 5.251   5.588   1.00   34.89 ? 77  ASP A CG   1 
ATOM   213  O OD1  . ASP A 1 19 ? -13.148 6.147   5.588   1.00   36.94 ? 77  ASP A OD1  1 
ATOM   214  O OD2  . ASP A 1 19 ? -12.343 4.231   6.313   1.00   38.95 ? 77  ASP A OD2  1 
ATOM   215  H H    . ASP A 1 19 ? -13.130 4.626   2.574   1.00   26.76 ? 77  ASP A H    1 
ATOM   216  H HA   . ASP A 1 19 ? -12.048 6.390   3.123   1.00   26.80 ? 77  ASP A HA   1 
ATOM   217  H HB2  . ASP A 1 19 ? -10.546 4.595   4.728   1.00   30.95 ? 77  ASP A HB2  1 
ATOM   218  H HB3  . ASP A 1 19 ? -10.580 6.172   4.929   1.00   30.95 ? 77  ASP A HB3  1 
ATOM   219  N N    . ASN A 1 20 ? -10.467 5.534   1.003   1.00   15.66 ? 78  ASN A N    1 
ATOM   220  C CA   . ASN A 1 20 ? -9.399  5.758   0.035   1.00   15.75 ? 78  ASN A CA   1 
ATOM   221  C C    . ASN A 1 20 ? -8.219  4.819   0.181   1.00   11.61 ? 78  ASN A C    1 
ATOM   222  O O    . ASN A 1 20 ? -7.109  5.124   -0.224  1.00   13.25 ? 78  ASN A O    1 
ATOM   223  C CB   . ASN A 1 20 ? -8.933  7.201   0.087   1.00   20.37 ? 78  ASN A CB   1 
ATOM   224  C CG   . ASN A 1 20 ? -10.039 8.170   -0.282  0.32   24.87 ? 78  ASN A CG   1 
ATOM   225  O OD1  . ASN A 1 20 ? -10.284 9.152   0.416   0.0000 26.25 ? 78  ASN A OD1  1 
ATOM   226  N ND2  . ASN A 1 20 ? -10.740 7.874   -1.378  0.46   25.39 ? 78  ASN A ND2  1 
ATOM   227  H H    . ASN A 1 20 ? -11.208 5.276   0.651   1.00   18.80 ? 78  ASN A H    1 
ATOM   228  H HA   . ASN A 1 20 ? -9.771  5.612   -0.861  1.00   18.90 ? 78  ASN A HA   1 
ATOM   229  H HB2  . ASN A 1 20 ? -8.639  7.407   0.989   1.00   24.44 ? 78  ASN A HB2  1 
ATOM   230  H HB3  . ASN A 1 20 ? -8.202  7.322   -0.539  1.00   24.44 ? 78  ASN A HB3  1 
ATOM   231  H HD21 . ASN A 1 20 ? -10.553 7.167   -1.829  0.32   30.47 ? 78  ASN A HD21 1 
ATOM   232  H HD22 . ASN A 1 20 ? -11.378 8.391   -1.632  0.32   30.47 ? 78  ASN A HD22 1 
ATOM   233  N N    . THR A 1 21 ? -8.495  3.641   0.706   1.00   10.71 ? 79  THR A N    1 
ATOM   234  C CA   . THR A 1 21 ? -7.524  2.572   0.675   1.00   9.85  ? 79  THR A CA   1 
ATOM   235  C C    . THR A 1 21 ? -7.656  1.805   -0.648  1.00   10.07 ? 79  THR A C    1 
ATOM   236  O O    . THR A 1 21 ? -8.663  1.920   -1.357  1.00   14.10 ? 79  THR A O    1 
ATOM   237  C CB   . THR A 1 21 ? -7.675  1.632   1.885   1.00   10.87 ? 79  THR A CB   1 
ATOM   238  O OG1  . THR A 1 21 ? -8.971  1.027   1.899   1.00   12.48 ? 79  THR A OG1  1 
ATOM   239  C CG2  . THR A 1 21 ? -7.434  2.358   3.196   1.00   11.24 ? 79  THR A CG2  1 
ATOM   240  H H    . THR A 1 21 ? -9.238  3.435   1.086   1.00   12.85 ? 79  THR A H    1 
ATOM   241  H HA   . THR A 1 21 ? -6.625  2.960   0.709   1.00   11.82 ? 79  THR A HA   1 
ATOM   242  H HB   . THR A 1 21 ? -7.009  0.930   1.815   1.00   13.04 ? 79  THR A HB   1 
ATOM   243  H HG1  . THR A 1 21 ? -9.550  1.606   1.943   1.00   14.98 ? 79  THR A HG1  1 
ATOM   244  H HG21 . THR A 1 21 ? -7.534  1.750   3.931   1.00   13.49 ? 79  THR A HG21 1 
ATOM   245  H HG22 . THR A 1 21 ? -6.546  2.721   3.210   1.00   13.49 ? 79  THR A HG22 1 
ATOM   246  H HG23 . THR A 1 21 ? -8.066  3.074   3.295   1.00   13.49 ? 79  THR A HG23 1 
ATOM   247  N N    . LEU A 1 22 ? -6.629  1.040   -0.995  1.00   8.88  ? 80  LEU A N    1 
ATOM   248  C CA   . LEU A 1 22 ? -6.549  0.335   -2.268  1.00   8.86  ? 80  LEU A CA   1 
ATOM   249  C C    . LEU A 1 22 ? -6.289  -1.153  -2.021  1.00   8.93  ? 80  LEU A C    1 
ATOM   250  O O    . LEU A 1 22 ? -5.344  -1.496  -1.325  1.00   9.32  ? 80  LEU A O    1 
ATOM   251  C CB   . LEU A 1 22 ? -5.403  0.917   -3.094  1.00   10.03 ? 80  LEU A CB   1 
ATOM   252  C CG   . LEU A 1 22 ? -5.159  0.268   -4.455  1.00   10.24 ? 80  LEU A CG   1 
ATOM   253  C CD1  . LEU A 1 22 ? -6.299  0.554   -5.413  1.00   12.86 ? 80  LEU A CD1  1 
ATOM   254  C CD2  . LEU A 1 22 ? -3.849  0.773   -5.022  1.00   11.53 ? 80  LEU A CD2  1 
ATOM   255  H H    . LEU A 1 22 ? -5.944  0.910   -0.493  1.00   10.66 ? 80  LEU A H    1 
ATOM   256  H HA   . LEU A 1 22 ? -7.389  0.437   -2.764  1.00   10.63 ? 80  LEU A HA   1 
ATOM   257  H HB2  . LEU A 1 22 ? -5.586  1.856   -3.252  1.00   12.03 ? 80  LEU A HB2  1 
ATOM   258  H HB3  . LEU A 1 22 ? -4.584  0.832   -2.583  1.00   12.03 ? 80  LEU A HB3  1 
ATOM   259  H HG   . LEU A 1 22 ? -5.091  -0.694  -4.343  1.00   12.28 ? 80  LEU A HG   1 
ATOM   260  H HD11 . LEU A 1 22 ? -7.112  0.204   -5.045  1.00   15.43 ? 80  LEU A HD11 1 
ATOM   261  H HD12 . LEU A 1 22 ? -6.374  1.504   -5.533  1.00   15.43 ? 80  LEU A HD12 1 
ATOM   262  H HD13 . LEU A 1 22 ? -6.112  0.132   -6.255  1.00   15.43 ? 80  LEU A HD13 1 
ATOM   263  H HD21 . LEU A 1 22 ? -3.139  0.542   -4.418  1.00   13.84 ? 80  LEU A HD21 1 
ATOM   264  H HD22 . LEU A 1 22 ? -3.699  0.363   -5.876  1.00   13.84 ? 80  LEU A HD22 1 
ATOM   265  H HD23 . LEU A 1 22 ? -3.898  1.727   -5.119  1.00   13.84 ? 80  LEU A HD23 1 
ATOM   266  N N    . SER A 1 23 ? -7.116  -2.030  -2.576  1.00   9.21  ? 81  SER A N    1 
ATOM   267  C CA   . SER A 1 23 ? -6.834  -3.462  -2.473  1.00   9.23  ? 81  SER A CA   1 
ATOM   268  C C    . SER A 1 23 ? -5.610  -3.812  -3.309  1.00   9.33  ? 81  SER A C    1 
ATOM   269  O O    . SER A 1 23 ? -5.474  -3.337  -4.441  1.00   10.29 ? 81  SER A O    1 
ATOM   270  C CB   . SER A 1 23 ? -8.020  -4.298  -2.963  1.00   11.18 ? 81  SER A CB   1 
ATOM   271  O OG   . SER A 1 23 ? -9.146  -4.128  -2.131  1.00   12.58 ? 81  SER A OG   1 
ATOM   272  H H    . SER A 1 23 ? -7.832  -1.832  -3.010  1.00   11.05 ? 81  SER A H    1 
ATOM   273  H HA   . SER A 1 23 ? -6.652  -3.694  -1.538  1.00   11.08 ? 81  SER A HA   1 
ATOM   274  H HB2  . SER A 1 23 ? -8.250  -4.020  -3.864  1.00   13.41 ? 81  SER A HB2  1 
ATOM   275  H HB3  . SER A 1 23 ? -7.767  -5.234  -2.961  1.00   13.41 ? 81  SER A HB3  1 
ATOM   276  H HG   . SER A 1 23 ? -9.770  -4.583  -2.408  1.00   15.10 ? 81  SER A HG   1 
ATOM   277  N N    . ILE A 1 24 ? -4.739  -4.657  -2.755  1.00   9.05  ? 82  ILE A N    1 
ATOM   278  C CA   . ILE A 1 24 ? -3.570  -5.152  -3.459  1.00   9.08  ? 82  ILE A CA   1 
ATOM   279  C C    . ILE A 1 24 ? -3.422  -6.654  -3.210  1.00   9.50  ? 82  ILE A C    1 
ATOM   280  O O    . ILE A 1 24 ? -3.903  -7.183  -2.205  1.00   9.25  ? 82  ILE A O    1 
ATOM   281  C CB   . ILE A 1 24 ? -2.277  -4.410  -3.038  1.00   8.87  ? 82  ILE A CB   1 
ATOM   282  C CG1  . ILE A 1 24 ? -2.035  -4.512  -1.528  1.00   9.05  ? 82  ILE A CG1  1 
ATOM   283  C CG2  . ILE A 1 24 ? -2.351  -2.929  -3.476  1.00   9.98  ? 82  ILE A CG2  1 
ATOM   284  C CD1  . ILE A 1 24 ? -0.713  -3.930  -1.065  1.00   9.21  ? 82  ILE A CD1  1 
ATOM   285  H H    . ILE A 1 24 ? -4.811  -4.961  -1.954  1.00   10.86 ? 82  ILE A H    1 
ATOM   286  H HA   . ILE A 1 24 ? -3.697  -5.017  -4.422  1.00   10.90 ? 82  ILE A HA   1 
ATOM   287  H HB   . ILE A 1 24 ? -1.528  -4.825  -3.492  1.00   10.65 ? 82  ILE A HB   1 
ATOM   288  H HG12 . ILE A 1 24 ? -2.745  -4.036  -1.067  1.00   10.86 ? 82  ILE A HG12 1 
ATOM   289  H HG13 . ILE A 1 24 ? -2.051  -5.447  -1.273  1.00   10.86 ? 82  ILE A HG13 1 
ATOM   290  H HG21 . ILE A 1 24 ? -1.544  -2.484  -3.209  1.00   11.97 ? 82  ILE A HG21 1 
ATOM   291  H HG22 . ILE A 1 24 ? -2.444  -2.892  -4.432  1.00   11.97 ? 82  ILE A HG22 1 
ATOM   292  H HG23 . ILE A 1 24 ? -3.108  -2.516  -3.057  1.00   11.97 ? 82  ILE A HG23 1 
ATOM   293  H HD11 . ILE A 1 24 ? -0.642  -4.034  -0.114  1.00   11.05 ? 82  ILE A HD11 1 
ATOM   294  H HD12 . ILE A 1 24 ? 0.003   -4.398  -1.500  1.00   11.05 ? 82  ILE A HD12 1 
ATOM   295  H HD13 . ILE A 1 24 ? -0.685  -2.998  -1.296  1.00   11.05 ? 82  ILE A HD13 1 
ATOM   296  N N    . THR A 1 25 ? -2.740  -7.315  -4.135  1.00   9.49  ? 83  THR A N    1 
ATOM   297  C CA   . THR A 1 25 ? -2.539  -8.760  -4.087  1.00   10.84 ? 83  THR A CA   1 
ATOM   298  C C    . THR A 1 25 ? -1.052  -9.080  -3.945  1.00   10.21 ? 83  THR A C    1 
ATOM   299  O O    . THR A 1 25 ? -0.213  -8.498  -4.632  1.00   10.75 ? 83  THR A O    1 
ATOM   300  C CB   . THR A 1 25 ? -3.104  -9.419  -5.362  1.00   12.99 ? 83  THR A CB   1 
ATOM   301  O OG1  . THR A 1 25 ? -4.521  -9.222  -5.413  1.00   13.57 ? 83  THR A OG1  1 
ATOM   302  C CG2  . THR A 1 25 ? -2.820  -10.899 -5.384  1.00   14.65 ? 83  THR A CG2  1 
ATOM   303  H H    . THR A 1 25 ? -2.376  -6.941  -4.819  1.00   11.39 ? 83  THR A H    1 
ATOM   304  H HA   . THR A 1 25 ? -3.010  -9.129  -3.310  1.00   13.01 ? 83  THR A HA   1 
ATOM   305  H HB   . THR A 1 25 ? -2.694  -9.016  -6.144  1.00   15.58 ? 83  THR A HB   1 
ATOM   306  H HG1  . THR A 1 25 ? -4.829  -9.570  -6.088  1.00   16.28 ? 83  THR A HG1  1 
ATOM   307  H HG21 . THR A 1 25 ? -3.222  -11.321 -4.622  1.00   17.58 ? 83  THR A HG21 1 
ATOM   308  H HG22 . THR A 1 25 ? -3.179  -11.290 -6.184  1.00   17.58 ? 83  THR A HG22 1 
ATOM   309  H HG23 . THR A 1 25 ? -1.872  -11.051 -5.361  1.00   17.58 ? 83  THR A HG23 1 
ATOM   310  N N    . LYS A 1 26 ? -0.740  -10.031 -3.064  1.00   10.38 ? 84  LYS A N    1 
ATOM   311  C CA   . LYS A 1 26 ? 0.629   -10.509 -2.866  1.00   10.09 ? 84  LYS A CA   1 
ATOM   312  C C    . LYS A 1 26 ? 1.307   -10.785 -4.191  1.00   10.46 ? 84  LYS A C    1 
ATOM   313  O O    . LYS A 1 26 ? 0.764   -11.503 -5.033  1.00   12.03 ? 84  LYS A O    1 
ATOM   314  C CB   . LYS A 1 26 ? 0.646   -11.795 -2.025  1.00   11.64 ? 84  LYS A CB   1 
ATOM   315  C CG   . LYS A 1 26 ? 2.056   -12.338 -1.744  1.00   12.14 ? 84  LYS A CG   1 
ATOM   316  C CD   . LYS A 1 26 ? 2.063   -13.587 -0.883  1.00   14.08 ? 84  LYS A CD   1 
ATOM   317  C CE   . LYS A 1 26 ? 1.712   -14.802 -1.696  1.00   13.47 ? 84  LYS A CE   1 
ATOM   318  N NZ   . LYS A 1 26 ? 1.510   -16.001 -0.852  1.00   13.50 ? 84  LYS A NZ   1 
ATOM   319  H H    . LYS A 1 26 ? -1.317  -10.421 -2.559  1.00   12.46 ? 84  LYS A H    1 
ATOM   320  H HA   . LYS A 1 26 ? 1.146   -9.824  -2.392  1.00   12.10 ? 84  LYS A HA   1 
ATOM   321  H HB2  . LYS A 1 26 ? 0.223   -11.615 -1.171  1.00   13.97 ? 84  LYS A HB2  1 
ATOM   322  H HB3  . LYS A 1 26 ? 0.152   -12.483 -2.498  1.00   13.97 ? 84  LYS A HB3  1 
ATOM   323  H HG2  . LYS A 1 26 ? 2.481   -12.557 -2.587  1.00   14.56 ? 84  LYS A HG2  1 
ATOM   324  H HG3  . LYS A 1 26 ? 2.568   -11.655 -1.283  1.00   14.56 ? 84  LYS A HG3  1 
ATOM   325  H HD2  . LYS A 1 26 ? 2.949   -13.714 -0.509  1.00   16.90 ? 84  LYS A HD2  1 
ATOM   326  H HD3  . LYS A 1 26 ? 1.407   -13.493 -0.174  1.00   16.90 ? 84  LYS A HD3  1 
ATOM   327  H HE2  . LYS A 1 26 ? 0.889   -14.632 -2.181  1.00   16.16 ? 84  LYS A HE2  1 
ATOM   328  H HE3  . LYS A 1 26 ? 2.434   -14.988 -2.316  1.00   16.16 ? 84  LYS A HE3  1 
ATOM   329  H HZ1  . LYS A 1 26 ? 0.846   -15.859 -0.276  1.00   16.20 ? 84  LYS A HZ1  1 
ATOM   330  H HZ2  . LYS A 1 26 ? 1.303   -16.700 -1.362  1.00   16.20 ? 84  LYS A HZ2  1 
ATOM   331  H HZ3  . LYS A 1 26 ? 2.253   -16.183 -0.399  1.00   16.20 ? 84  LYS A HZ3  1 
ATOM   332  N N    . GLY A 1 27 ? 2.505   -10.241 -4.358  1.00   9.75  ? 85  GLY A N    1 
ATOM   333  C CA   . GLY A 1 27 ? 3.322   -10.502 -5.526  1.00   11.06 ? 85  GLY A CA   1 
ATOM   334  C C    . GLY A 1 27 ? 3.113   -9.529  -6.668  1.00   11.90 ? 85  GLY A C    1 
ATOM   335  O O    . GLY A 1 27 ? 3.898   -9.527  -7.607  1.00   14.36 ? 85  GLY A O    1 
ATOM   336  H H    . GLY A 1 27 ? 2.873   -9.705  -3.794  1.00   11.70 ? 85  GLY A H    1 
ATOM   337  H HA2  . GLY A 1 27 ? 4.258   -10.470 -5.272  1.00   13.27 ? 85  GLY A HA2  1 
ATOM   338  H HA3  . GLY A 1 27 ? 3.128   -11.394 -5.853  1.00   13.27 ? 85  GLY A HA3  1 
ATOM   339  N N    . GLU A 1 28 ? 2.092   -8.671  -6.574  1.00   12.66 ? 86  GLU A N    1 
ATOM   340  C CA   . GLU A 1 28 ? 1.793   -7.694  -7.619  1.00   13.28 ? 86  GLU A CA   1 
ATOM   341  C C    . GLU A 1 28 ? 2.601   -6.415  -7.394  1.00   12.39 ? 86  GLU A C    1 
ATOM   342  O O    . GLU A 1 28 ? 2.899   -6.033  -6.266  1.00   13.34 ? 86  GLU A O    1 
ATOM   343  C CB   . GLU A 1 28 ? 0.291   -7.368  -7.685  1.00   19.95 ? 86  GLU A CB   1 
ATOM   344  C CG   . GLU A 1 28 ? -0.040  -5.967  -7.235  1.00   20.08 ? 86  GLU A CG   1 
ATOM   345  C CD   . GLU A 1 28 ? -1.493  -5.522  -7.443  1.00   20.07 ? 86  GLU A CD   1 
ATOM   346  O OE1  . GLU A 1 28 ? -1.817  -5.011  -8.533  1.00   25.18 ? 86  GLU A OE1  1 
ATOM   347  O OE2  . GLU A 1 28 ? -2.307  -5.616  -6.499  1.00   13.87 ? 86  GLU A OE2  1 
ATOM   348  H H    . GLU A 1 28 ? 1.553   -8.637  -5.905  1.00   15.19 ? 86  GLU A H    1 
ATOM   349  H HA   . GLU A 1 28 ? 2.056   -8.068  -8.486  1.00   15.94 ? 86  GLU A HA   1 
ATOM   350  H HB2  . GLU A 1 28 ? -0.011  -7.465  -8.602  1.00   23.94 ? 86  GLU A HB2  1 
ATOM   351  H HB3  . GLU A 1 28 ? -0.190  -7.985  -7.112  1.00   23.94 ? 86  GLU A HB3  1 
ATOM   352  H HG2  . GLU A 1 28 ? 0.152   -5.897  -6.287  1.00   24.09 ? 86  GLU A HG2  1 
ATOM   353  H HG3  . GLU A 1 28 ? 0.525   -5.348  -7.724  1.00   24.09 ? 86  GLU A HG3  1 
ATOM   354  N N    . LYS A 1 29 ? 2.942   -5.726  -8.463  1.00   11.82 ? 87  LYS A N    1 
ATOM   355  C CA   . LYS A 1 29 ? 3.782   -4.539  -8.419  1.00   11.91 ? 87  LYS A CA   1 
ATOM   356  C C    . LYS A 1 29 ? 2.934   -3.245  -8.267  1.00   11.38 ? 87  LYS A C    1 
ATOM   357  O O    . LYS A 1 29 ? 1.759   -3.205  -8.540  1.00   13.92 ? 87  LYS A O    1 
ATOM   358  C CB   . LYS A 1 29 ? 4.686   -4.483  -9.663  1.00   15.55 ? 87  LYS A CB   1 
ATOM   359  C CG   . LYS A 1 29 ? 5.655   -5.650  -9.706  1.00   19.86 ? 87  LYS A CG   1 
ATOM   360  C CD   . LYS A 1 29 ? 6.576   -5.647  -10.886 1.00   23.46 ? 87  LYS A CD   1 
ATOM   361  C CE   . LYS A 1 29 ? 7.356   -6.955  -10.979 1.00   28.37 ? 87  LYS A CE   1 
ATOM   362  N NZ   . LYS A 1 29 ? 7.854   -7.146  -12.356 1.00   33.36 ? 87  LYS A NZ   1 
ATOM   363  H H    . LYS A 1 29 ? 2.661   -5.899  -9.218  1.00   14.18 ? 87  LYS A H    1 
ATOM   364  H HA   . LYS A 1 29 ? 4.377   -4.601  -7.675  1.00   14.29 ? 87  LYS A HA   1 
ATOM   365  H HB2  . LYS A 1 29 ? 4.139   -4.479  -10.447 1.00   18.66 ? 87  LYS A HB2  1 
ATOM   366  H HB3  . LYS A 1 29 ? 5.206   -3.683  -9.632  1.00   18.66 ? 87  LYS A HB3  1 
ATOM   367  H HG2  . LYS A 1 29 ? 6.199   -5.636  -8.927  1.00   23.84 ? 87  LYS A HG2  1 
ATOM   368  H HG3  . LYS A 1 29 ? 5.128   -6.452  -9.741  1.00   23.84 ? 87  LYS A HG3  1 
ATOM   369  H HD2  . LYS A 1 29 ? 6.069   -5.507  -11.690 1.00   28.15 ? 87  LYS A HD2  1 
ATOM   370  H HD3  . LYS A 1 29 ? 7.212   -4.946  -10.767 1.00   28.15 ? 87  LYS A HD3  1 
ATOM   371  H HE2  . LYS A 1 29 ? 8.101   -6.910  -10.375 1.00   34.05 ? 87  LYS A HE2  1 
ATOM   372  H HE3  . LYS A 1 29 ? 6.779   -7.701  -10.781 1.00   34.05 ? 87  LYS A HE3  1 
ATOM   373  H HZ1  . LYS A 1 29 ? 7.203   -6.808  -12.981 1.00   40.03 ? 87  LYS A HZ1  1 
ATOM   374  H HZ2  . LYS A 1 29 ? 8.672   -6.668  -12.476 1.00   40.03 ? 87  LYS A HZ2  1 
ATOM   375  H HZ3  . LYS A 1 29 ? 8.003   -8.075  -12.523 1.00   40.03 ? 87  LYS A HZ3  1 
ATOM   376  N N    A LEU A 1 30 ? 3.591   -2.246  -7.704  0.50   8.70  ? 88  LEU A N    1 
ATOM   377  N N    B LEU A 1 30 ? 3.570   -2.290  -7.565  0.50   10.72 ? 88  LEU A N    1 
ATOM   378  C CA   A LEU A 1 30 ? 2.921   -0.996  -7.432  0.50   10.56 ? 88  LEU A CA   1 
ATOM   379  C CA   B LEU A 1 30 ? 2.982   -0.970  -7.321  0.50   9.42  ? 88  LEU A CA   1 
ATOM   380  C C    A LEU A 1 30 ? 3.962   0.117   -7.433  0.50   9.40  ? 88  LEU A C    1 
ATOM   381  C C    B LEU A 1 30 ? 4.003   0.111   -7.595  0.50   8.76  ? 88  LEU A C    1 
ATOM   382  O O    A LEU A 1 30 ? 5.154   -0.127  -7.235  0.50   9.12  ? 88  LEU A O    1 
ATOM   383  O O    B LEU A 1 30 ? 5.208   -0.141  -7.662  0.50   8.56  ? 88  LEU A O    1 
ATOM   384  C CB   A LEU A 1 30 ? 2.192   -1.076  -6.091  0.50   11.85 ? 88  LEU A CB   1 
ATOM   385  C CB   B LEU A 1 30 ? 2.580   -0.760  -5.859  0.50   10.19 ? 88  LEU A CB   1 
ATOM   386  C CG   A LEU A 1 30 ? 3.080   -1.431  -4.899  0.50   9.48  ? 88  LEU A CG   1 
ATOM   387  C CG   B LEU A 1 30 ? 1.971   -1.889  -5.057  0.50   8.87  ? 88  LEU A CG   1 
ATOM   388  C CD1  A LEU A 1 30 ? 2.989   -0.344  -3.849  0.50   10.15 ? 88  LEU A CD1  1 
ATOM   389  C CD1  B LEU A 1 30 ? 3.066   -2.767  -4.459  0.50   8.11  ? 88  LEU A CD1  1 
ATOM   390  C CD2  A LEU A 1 30 ? 2.717   -2.790  -4.311  0.50   10.30 ? 88  LEU A CD2  1 
ATOM   391  C CD2  B LEU A 1 30 ? 1.064   -1.316  -3.978  0.50   9.07  ? 88  LEU A CD2  1 
ATOM   392  H H    A LEU A 1 30 ? 4.426   -2.246  -7.501  0.50   10.45 ? 88  LEU A H    1 
ATOM   393  H H    B LEU A 1 30 ? 4.363   -2.365  -7.241  0.50   12.86 ? 88  LEU A H    1 
ATOM   394  H HA   A LEU A 1 30 ? 2.264   -0.813  -8.136  0.50   12.68 ? 88  LEU A HA   1 
ATOM   395  H HA   B LEU A 1 30 ? 2.200   -0.832  -7.896  0.50   11.30 ? 88  LEU A HA   1 
ATOM   396  H HB2  A LEU A 1 30 ? 1.786   -0.214  -5.908  0.50   14.23 ? 88  LEU A HB2  1 
ATOM   397  H HB2  B LEU A 1 30 ? 3.376   -0.482  -5.378  0.50   12.23 ? 88  LEU A HB2  1 
ATOM   398  H HB3  A LEU A 1 30 ? 1.502   -1.754  -6.154  0.50   14.23 ? 88  LEU A HB3  1 
ATOM   399  H HB3  B LEU A 1 30 ? 1.938   -0.034  -5.838  0.50   12.23 ? 88  LEU A HB3  1 
ATOM   400  H HG   A LEU A 1 30 ? 4.002   -1.476  -5.199  0.50   11.38 ? 88  LEU A HG   1 
ATOM   401  H HG   B LEU A 1 30 ? 1.431   -2.440  -5.645  0.50   10.65 ? 88  LEU A HG   1 
ATOM   402  H HD11 A LEU A 1 30 ? 3.550   -0.579  -3.107  0.50   12.18 ? 88  LEU A HD11 1 
ATOM   403  H HD11 B LEU A 1 30 ? 2.657   -3.476  -3.956  0.50   9.73  ? 88  LEU A HD11 1 
ATOM   404  H HD12 A LEU A 1 30 ? 3.282   0.486   -4.233  0.50   12.18 ? 88  LEU A HD12 1 
ATOM   405  H HD12 B LEU A 1 30 ? 3.596   -3.134  -5.171  0.50   9.73  ? 88  LEU A HD12 1 
ATOM   406  H HD13 A LEU A 1 30 ? 2.077   -0.267  -3.559  0.50   12.18 ? 88  LEU A HD13 1 
ATOM   407  H HD13 B LEU A 1 30 ? 3.616   -2.231  -3.883  0.50   9.73  ? 88  LEU A HD13 1 
ATOM   408  H HD21 A LEU A 1 30 ? 3.295   -2.974  -3.568  0.50   12.37 ? 88  LEU A HD21 1 
ATOM   409  H HD21 B LEU A 1 30 ? 0.682   -2.038  -3.475  0.50   10.88 ? 88  LEU A HD21 1 
ATOM   410  H HD22 A LEU A 1 30 ? 1.802   -2.768  -4.018  0.50   12.37 ? 88  LEU A HD22 1 
ATOM   411  H HD22 B LEU A 1 30 ? 1.584   -0.752  -3.401  0.50   10.88 ? 88  LEU A HD22 1 
ATOM   412  H HD23 A LEU A 1 30 ? 2.828   -3.463  -4.987  0.50   12.37 ? 88  LEU A HD23 1 
ATOM   413  H HD23 B LEU A 1 30 ? 0.368   -0.803  -4.396  0.50   10.88 ? 88  LEU A HD23 1 
ATOM   414  N N    . ARG A 1 31 ? 3.513   1.337   -7.691  1.00   8.39  ? 89  ARG A N    1 
ATOM   415  C CA   . ARG A 1 31 ? 4.375   2.500   -7.637  1.00   9.51  ? 89  ARG A CA   1 
ATOM   416  C C    . ARG A 1 31 ? 3.955   3.377   -6.460  1.00   8.92  ? 89  ARG A C    1 
ATOM   417  O O    . ARG A 1 31 ? 2.784   3.631   -6.244  1.00   12.69 ? 89  ARG A O    1 
ATOM   418  C CB   . ARG A 1 31 ? 4.309   3.261   -8.950  1.00   19.95 ? 89  ARG A CB   1 
ATOM   419  C CG   . ARG A 1 31 ? 4.973   2.483   -10.064 1.00   20.00 ? 89  ARG A CG   1 
ATOM   420  C CD   . ARG A 1 31 ? 4.653   3.061   -11.431 0.51   20.00 ? 89  ARG A CD   1 
ATOM   421  N NE   . ARG A 1 31 ? 5.258   2.285   -12.511 0.24   20.00 ? 89  ARG A NE   1 
ATOM   422  C CZ   . ARG A 1 31 ? 5.038   0.993   -12.743 0.27   20.00 ? 89  ARG A CZ   1 
ATOM   423  N NH1  . ARG A 1 31 ? 4.221   0.283   -11.973 0.0000 20.00 ? 89  ARG A NH1  1 
ATOM   424  N NH2  . ARG A 1 31 ? 5.649   0.397   -13.756 0.11   20.00 ? 89  ARG A NH2  1 
ATOM   425  H H    A ARG A 1 31 ? 2.699   1.517   -7.901  0.50   10.07 ? 89  ARG A H    1 
ATOM   426  H H    B ARG A 1 31 ? 2.678   1.522   -7.787  0.50   10.07 ? 89  ARG A H    1 
ATOM   427  H HA   . ARG A 1 31 ? 5.301   2.212   -7.493  1.00   11.41 ? 89  ARG A HA   1 
ATOM   428  H HB2  . ARG A 1 31 ? 3.380   3.406   -9.190  1.00   23.94 ? 89  ARG A HB2  1 
ATOM   429  H HB3  . ARG A 1 31 ? 4.769   4.109   -8.853  1.00   23.94 ? 89  ARG A HB3  1 
ATOM   430  H HG2  . ARG A 1 31 ? 5.935   2.511   -9.942  1.00   24.00 ? 89  ARG A HG2  1 
ATOM   431  H HG3  . ARG A 1 31 ? 4.660   1.566   -10.043 1.00   24.00 ? 89  ARG A HG3  1 
ATOM   432  H HD2  . ARG A 1 31 ? 3.691   3.058   -11.560 0.51   24.00 ? 89  ARG A HD2  1 
ATOM   433  H HD3  . ARG A 1 31 ? 4.995   3.967   -11.482 0.51   24.00 ? 89  ARG A HD3  1 
ATOM   434  H HE   . ARG A 1 31 ? 5.799   2.697   -13.038 0.24   24.00 ? 89  ARG A HE   1 
ATOM   435  H HH11 . ARG A 1 31 ? 3.819   0.659   -11.311 0.0000 24.00 ? 89  ARG A HH11 1 
ATOM   436  H HH12 . ARG A 1 31 ? 4.091   -0.551  -12.138 0.0000 24.00 ? 89  ARG A HH12 1 
ATOM   437  H HH21 . ARG A 1 31 ? 6.181   0.847   -14.261 0.11   24.00 ? 89  ARG A HH21 1 
ATOM   438  H HH22 . ARG A 1 31 ? 5.510   -0.438  -13.910 0.11   24.00 ? 89  ARG A HH22 1 
ATOM   439  N N    . VAL A 1 32 ? 4.928   3.828   -5.699  1.00   7.83  ? 90  VAL A N    1 
ATOM   440  C CA   . VAL A 1 32 ? 4.670   4.559   -4.479  1.00   7.24  ? 90  VAL A CA   1 
ATOM   441  C C    . VAL A 1 32 ? 4.773   6.061   -4.704  1.00   7.66  ? 90  VAL A C    1 
ATOM   442  O O    . VAL A 1 32 ? 5.755   6.555   -5.270  1.00   9.88  ? 90  VAL A O    1 
ATOM   443  C CB   . VAL A 1 32 ? 5.657   4.100   -3.389  1.00   8.72  ? 90  VAL A CB   1 
ATOM   444  C CG1  . VAL A 1 32 ? 5.619   5.019   -2.171  1.00   9.26  ? 90  VAL A CG1  1 
ATOM   445  C CG2  . VAL A 1 32 ? 5.330   2.650   -2.999  1.00   10.01 ? 90  VAL A CG2  1 
ATOM   446  H H    . VAL A 1 32 ? 5.764   3.725   -5.871  1.00   9.40  ? 90  VAL A H    1 
ATOM   447  H HA   . VAL A 1 32 ? 3.761   4.359   -4.173  1.00   8.69  ? 90  VAL A HA   1 
ATOM   448  H HB   . VAL A 1 32 ? 6.566   4.117   -3.753  1.00   10.47 ? 90  VAL A HB   1 
ATOM   449  H HG11 . VAL A 1 32 ? 4.977   5.716   -2.326  1.00   11.11 ? 90  VAL A HG11 1 
ATOM   450  H HG12 . VAL A 1 32 ? 5.367   4.507   -1.400  1.00   11.11 ? 90  VAL A HG12 1 
ATOM   451  H HG13 . VAL A 1 32 ? 6.491   5.400   -2.040  1.00   11.11 ? 90  VAL A HG13 1 
ATOM   452  H HG21 . VAL A 1 32 ? 4.581   2.348   -3.521  1.00   12.01 ? 90  VAL A HG21 1 
ATOM   453  H HG22 . VAL A 1 32 ? 6.096   2.100   -3.175  1.00   12.01 ? 90  VAL A HG22 1 
ATOM   454  H HG23 . VAL A 1 32 ? 5.111   2.620   -2.065  1.00   12.01 ? 90  VAL A HG23 1 
ATOM   455  N N    . LEU A 1 33 ? 3.754   6.777   -4.235  1.00   6.74  ? 91  LEU A N    1 
ATOM   456  C CA   . LEU A 1 33 ? 3.730   8.238   -4.256  1.00   7.37  ? 91  LEU A CA   1 
ATOM   457  C C    . LEU A 1 33 ? 4.243   8.869   -2.963  1.00   7.27  ? 91  LEU A C    1 
ATOM   458  O O    . LEU A 1 33 ? 4.847   9.937   -2.989  1.00   8.48  ? 91  LEU A O    1 
ATOM   459  C CB   . LEU A 1 33 ? 2.309   8.741   -4.512  1.00   8.33  ? 91  LEU A CB   1 
ATOM   460  C CG   . LEU A 1 33 ? 1.653   8.243   -5.800  1.00   9.70  ? 91  LEU A CG   1 
ATOM   461  C CD1  . LEU A 1 33 ? 0.254   8.825   -5.928  1.00   12.92 ? 91  LEU A CD1  1 
ATOM   462  C CD2  . LEU A 1 33 ? 2.503   8.573   -7.006  1.00   15.65 ? 91  LEU A CD2  1 
ATOM   463  H H    . LEU A 1 33 ? 3.046   6.430   -3.891  1.00   8.09  ? 91  LEU A H    1 
ATOM   464  H HA   . LEU A 1 33 ? 4.297   8.554   -4.990  1.00   8.84  ? 91  LEU A HA   1 
ATOM   465  H HB2  . LEU A 1 33 ? 1.747   8.460   -3.773  1.00   10.00 ? 91  LEU A HB2  1 
ATOM   466  H HB3  . LEU A 1 33 ? 2.330   9.709   -4.552  1.00   10.00 ? 91  LEU A HB3  1 
ATOM   467  H HG   . LEU A 1 33 ? 1.567   7.279   -5.753  1.00   11.64 ? 91  LEU A HG   1 
ATOM   468  H HD11 . LEU A 1 33 ? -0.270  8.546   -5.173  1.00   15.51 ? 91  LEU A HD11 1 
ATOM   469  H HD12 . LEU A 1 33 ? 0.315   9.782   -5.950  1.00   15.51 ? 91  LEU A HD12 1 
ATOM   470  H HD13 . LEU A 1 33 ? -0.143  8.503   -6.740  1.00   15.51 ? 91  LEU A HD13 1 
ATOM   471  H HD21 . LEU A 1 33 ? 2.612   9.525   -7.059  1.00   18.78 ? 91  LEU A HD21 1 
ATOM   472  H HD22 . LEU A 1 33 ? 3.359   8.149   -6.909  1.00   18.78 ? 91  LEU A HD22 1 
ATOM   473  H HD23 . LEU A 1 33 ? 2.063   8.248   -7.795  1.00   18.78 ? 91  LEU A HD23 1 
ATOM   474  N N    . GLY A 1 34 ? 3.987   8.233   -1.831  1.00   7.34  ? 92  GLY A N    1 
ATOM   475  C CA   . GLY A 1 34 ? 4.430   8.776   -0.562  1.00   6.97  ? 92  GLY A CA   1 
ATOM   476  C C    . GLY A 1 34 ? 3.777   8.073   0.597   1.00   6.67  ? 92  GLY A C    1 
ATOM   477  O O    . GLY A 1 34 ? 3.275   6.953   0.461   1.00   6.86  ? 92  GLY A O    1 
ATOM   478  H H    . GLY A 1 34 ? 3.560   7.490   -1.772  1.00   8.81  ? 92  GLY A H    1 
ATOM   479  H HA2  . GLY A 1 34 ? 5.391   8.676   -0.483  1.00   8.36  ? 92  GLY A HA2  1 
ATOM   480  H HA3  . GLY A 1 34 ? 4.211   9.719   -0.516  1.00   8.36  ? 92  GLY A HA3  1 
ATOM   481  N N    . TYR A 1 35 ? 3.796   8.752   1.742   1.00   6.79  ? 93  TYR A N    1 
ATOM   482  C CA   . TYR A 1 35 ? 3.437   8.180   3.031   1.00   7.02  ? 93  TYR A CA   1 
ATOM   483  C C    . TYR A 1 35 ? 2.660   9.206   3.828   1.00   7.02  ? 93  TYR A C    1 
ATOM   484  O O    . TYR A 1 35 ? 2.708   10.403  3.548   1.00   7.55  ? 93  TYR A O    1 
ATOM   485  C CB   . TYR A 1 35 ? 4.705   7.789   3.806   1.00   7.89  ? 93  TYR A CB   1 
ATOM   486  C CG   . TYR A 1 35 ? 5.451   6.666   3.131   1.00   7.90  ? 93  TYR A CG   1 
ATOM   487  C CD1  . TYR A 1 35 ? 5.095   5.347   3.360   1.00   8.58  ? 93  TYR A CD1  1 
ATOM   488  C CD2  . TYR A 1 35 ? 6.491   6.919   2.253   1.00   8.43  ? 93  TYR A CD2  1 
ATOM   489  C CE1  . TYR A 1 35 ? 5.761   4.303   2.730   1.00   9.40  ? 93  TYR A CE1  1 
ATOM   490  C CE2  . TYR A 1 35 ? 7.158   5.878   1.616   1.00   9.33  ? 93  TYR A CE2  1 
ATOM   491  C CZ   . TYR A 1 35 ? 6.789   4.573   1.858   1.00   9.02  ? 93  TYR A CZ   1 
ATOM   492  O OH   . TYR A 1 35 ? 7.448   3.539   1.234   1.00   11.02 ? 93  TYR A OH   1 
ATOM   493  H H    . TYR A 1 35 ? 4.025   9.580   1.795   1.00   8.14  ? 93  TYR A H    1 
ATOM   494  H HA   . TYR A 1 35 ? 2.879   7.384   2.903   1.00   8.43  ? 93  TYR A HA   1 
ATOM   495  H HB2  . TYR A 1 35 ? 5.296   8.557   3.859   1.00   9.46  ? 93  TYR A HB2  1 
ATOM   496  H HB3  . TYR A 1 35 ? 4.457   7.496   4.697   1.00   9.46  ? 93  TYR A HB3  1 
ATOM   497  H HD1  . TYR A 1 35 ? 4.396   5.158   3.943   1.00   10.29 ? 93  TYR A HD1  1 
ATOM   498  H HD2  . TYR A 1 35 ? 6.740   7.797   2.079   1.00   10.12 ? 93  TYR A HD2  1 
ATOM   499  H HE1  . TYR A 1 35 ? 5.509   3.423   2.895   1.00   11.27 ? 93  TYR A HE1  1 
ATOM   500  H HE2  . TYR A 1 35 ? 7.856   6.063   1.029   1.00   11.19 ? 93  TYR A HE2  1 
ATOM   501  H HH   . TYR A 1 35 ? 6.920   3.103   0.782   1.00   13.23 ? 93  TYR A HH   1 
ATOM   502  N N    . ASN A 1 36 ? 1.958   8.745   4.845   1.00   7.62  ? 94  ASN A N    1 
ATOM   503  C CA   . ASN A 1 36 ? 1.294   9.655   5.758   1.00   8.22  ? 94  ASN A CA   1 
ATOM   504  C C    . ASN A 1 36 ? 2.260   10.140  6.845   1.00   8.06  ? 94  ASN A C    1 
ATOM   505  O O    . ASN A 1 36 ? 3.460   9.870   6.816   1.00   8.61  ? 94  ASN A O    1 
ATOM   506  C CB   . ASN A 1 36 ? 0.045   9.006   6.346   1.00   8.60  ? 94  ASN A CB   1 
ATOM   507  C CG   . ASN A 1 36 ? 0.358   8.009   7.418   1.00   9.03  ? 94  ASN A CG   1 
ATOM   508  O OD1  . ASN A 1 36 ? 1.367   7.307   7.360   1.00   8.64  ? 94  ASN A OD1  1 
ATOM   509  N ND2  . ASN A 1 36 ? -0.522  7.913   8.407   1.00   11.31 ? 94  ASN A ND2  1 
ATOM   510  H H    . ASN A 1 36 ? 1.849   7.913   5.030   1.00   9.14  ? 94  ASN A H    1 
ATOM   511  H HA   . ASN A 1 36 ? 1.003   10.443  5.252   1.00   9.86  ? 94  ASN A HA   1 
ATOM   512  H HB2  . ASN A 1 36 ? -0.516  9.695   6.735   1.00   10.33 ? 94  ASN A HB2  1 
ATOM   513  H HB3  . ASN A 1 36 ? -0.435  8.546   5.640   1.00   10.33 ? 94  ASN A HB3  1 
ATOM   514  H HD21 . ASN A 1 36 ? -1.225  8.409   8.408   1.00   13.57 ? 94  ASN A HD21 1 
ATOM   515  H HD22 . ASN A 1 36 ? -0.389  7.355   9.049   1.00   13.57 ? 94  ASN A HD22 1 
ATOM   516  N N    . GLN A 1 37 ? 1.733   10.902  7.796   1.00   9.42  ? 95  GLN A N    1 
ATOM   517  C CA   . GLN A 1 37 ? 2.575   11.585  8.766   1.00   10.95 ? 95  GLN A CA   1 
ATOM   518  C C    . GLN A 1 37 ? 3.362   10.632  9.660   1.00   10.70 ? 95  GLN A C    1 
ATOM   519  O O    . GLN A 1 37 ? 4.502   10.904  10.034  1.00   12.10 ? 95  GLN A O    1 
ATOM   520  C CB   . GLN A 1 37 ? 1.701   12.478  9.634   1.00   14.35 ? 95  GLN A CB   1 
ATOM   521  C CG   . GLN A 1 37 ? 0.789   13.371  8.838   1.00   22.76 ? 95  GLN A CG   1 
ATOM   522  C CD   . GLN A 1 37 ? -0.653  12.862  8.666   1.00   21.13 ? 95  GLN A CD   1 
ATOM   523  O OE1  . GLN A 1 37 ? -0.929  11.702  8.249   1.00   16.77 ? 95  GLN A OE1  1 
ATOM   524  N NE2  . GLN A 1 37 ? -1.599  13.768  8.950   1.00   21.02 ? 95  GLN A NE2  1 
ATOM   525  H H    . GLN A 1 37 ? 0.891   11.039  7.901   1.00   11.31 ? 95  GLN A H    1 
ATOM   526  H HA   . GLN A 1 37 ? 3.216   12.155  8.291   1.00   13.13 ? 95  GLN A HA   1 
ATOM   527  H HB2  . GLN A 1 37 ? 1.150   11.919  10.204  1.00   17.22 ? 95  GLN A HB2  1 
ATOM   528  H HB3  . GLN A 1 37 ? 2.271   13.042  10.178  1.00   17.22 ? 95  GLN A HB3  1 
ATOM   529  H HG2  . GLN A 1 37 ? 0.743   14.233  9.280   1.00   27.31 ? 95  GLN A HG2  1 
ATOM   530  H HG3  . GLN A 1 37 ? 1.167   13.482  7.951   1.00   27.31 ? 95  GLN A HG3  1 
ATOM   531  H HE21 . GLN A 1 37 ? -1.374  14.558  9.204   1.00   25.22 ? 95  GLN A HE21 1 
ATOM   532  H HE22 . GLN A 1 37 ? -2.430  13.559  8.877   1.00   25.22 ? 95  GLN A HE22 1 
ATOM   533  N N    . THR A 1 38 ? 2.738   9.523   10.017  1.00   10.46 ? 96  THR A N    1 
ATOM   534  C CA   . THR A 1 38 ? 3.368   8.554   10.905  1.00   11.89 ? 96  THR A CA   1 
ATOM   535  C C    . THR A 1 38 ? 4.198   7.538   10.147  1.00   11.08 ? 96  THR A C    1 
ATOM   536  O O    . THR A 1 38 ? 4.917   6.757   10.753  1.00   13.48 ? 96  THR A O    1 
ATOM   537  C CB   . THR A 1 38 ? 2.327   7.762   11.675  1.00   13.22 ? 96  THR A CB   1 
ATOM   538  O OG1  . THR A 1 38 ? 1.534   7.036   10.737  1.00   12.90 ? 96  THR A OG1  1 
ATOM   539  C CG2  . THR A 1 38 ? 1.447   8.681   12.495  1.00   16.27 ? 96  THR A CG2  1 
ATOM   540  H H    . THR A 1 38 ? 1.947   9.304   9.759   1.00   12.55 ? 96  THR A H    1 
ATOM   541  H HA   . THR A 1 38 ? 3.947   9.019   11.545  1.00   14.27 ? 96  THR A HA   1 
ATOM   542  H HB   . THR A 1 38 ? 2.770   7.141   12.275  1.00   15.86 ? 96  THR A HB   1 
ATOM   543  H HG1  . THR A 1 38 ? 0.963   6.599   11.132  1.00   15.48 ? 96  THR A HG1  1 
ATOM   544  H HG21 . THR A 1 38 ? 0.994   9.301   11.919  1.00   19.53 ? 96  THR A HG21 1 
ATOM   545  H HG22 . THR A 1 38 ? 0.795   8.168   12.976  1.00   19.53 ? 96  THR A HG22 1 
ATOM   546  H HG23 . THR A 1 38 ? 1.982   9.173   13.123  1.00   19.53 ? 96  THR A HG23 1 
ATOM   547  N N    . GLY A 1 39 ? 4.056   7.516   8.826   1.00   9.89  ? 97  GLY A N    1 
ATOM   548  C CA   . GLY A 1 39 ? 4.708   6.507   8.027   1.00   10.11 ? 97  GLY A CA   1 
ATOM   549  C C    . GLY A 1 39 ? 3.995   5.167   7.962   1.00   9.70  ? 97  GLY A C    1 
ATOM   550  O O    . GLY A 1 39 ? 4.458   4.278   7.261   1.00   10.83 ? 97  GLY A O    1 
ATOM   551  H H    . GLY A 1 39 ? 3.585   8.076   8.375   1.00   11.87 ? 97  GLY A H    1 
ATOM   552  H HA2  . GLY A 1 39 ? 4.803   6.839   7.120   1.00   12.13 ? 97  GLY A HA2  1 
ATOM   553  H HA3  . GLY A 1 39 ? 5.599   6.354   8.383   1.00   12.13 ? 97  GLY A HA3  1 
ATOM   554  N N    . GLU A 1 40 ? 2.875   5.009   8.663   1.00   8.77  ? 98  GLU A N    1 
ATOM   555  C CA   . GLU A 1 40 ? 2.182   3.725   8.712   1.00   9.32  ? 98  GLU A CA   1 
ATOM   556  C C    . GLU A 1 40 ? 1.435   3.390   7.426   1.00   8.32  ? 98  GLU A C    1 
ATOM   557  O O    . GLU A 1 40 ? 1.221   2.218   7.124   1.00   8.01  ? 98  GLU A O    1 
ATOM   558  C CB   . GLU A 1 40 ? 1.181   3.697   9.869   1.00   11.45 ? 98  GLU A CB   1 
ATOM   559  C CG   . GLU A 1 40 ? 1.814   3.831   11.236  1.00   14.07 ? 98  GLU A CG   1 
ATOM   560  C CD   . GLU A 1 40 ? 0.824   3.715   12.375  1.00   18.69 ? 98  GLU A CD   1 
ATOM   561  O OE1  . GLU A 1 40 ? -0.397  3.827   12.147  1.00   19.74 ? 98  GLU A OE1  1 
ATOM   562  O OE2  . GLU A 1 40 ? 1.278   3.491   13.516  1.00   24.24 ? 98  GLU A OE2  1 
ATOM   563  H H    . GLU A 1 40 ? 2.497   5.630   9.121   1.00   10.52 ? 98  GLU A H    1 
ATOM   564  H HA   . GLU A 1 40 ? 2.842   3.017   8.869   1.00   11.18 ? 98  GLU A HA   1 
ATOM   565  H HB2  . GLU A 1 40 ? 0.556   4.431   9.759   1.00   13.74 ? 98  GLU A HB2  1 
ATOM   566  H HB3  . GLU A 1 40 ? 0.701   2.853   9.846   1.00   13.74 ? 98  GLU A HB3  1 
ATOM   567  H HG2  . GLU A 1 40 ? 2.477   3.131   11.344  1.00   16.88 ? 98  GLU A HG2  1 
ATOM   568  H HG3  . GLU A 1 40 ? 2.241   4.700   11.300  1.00   16.88 ? 98  GLU A HG3  1 
ATOM   569  N N    . TRP A 1 41 ? 0.998   4.412   6.706   1.00   7.37  ? 99  TRP A N    1 
ATOM   570  C CA   . TRP A 1 41 ? 0.248   4.242   5.479   1.00   7.66  ? 99  TRP A CA   1 
ATOM   571  C C    . TRP A 1 41 ? 1.048   4.786   4.302   1.00   6.74  ? 99  TRP A C    1 
ATOM   572  O O    . TRP A 1 41 ? 1.771   5.772   4.429   1.00   7.35  ? 99  TRP A O    1 
ATOM   573  C CB   . TRP A 1 41 ? -1.077  5.006   5.549   1.00   8.06  ? 99  TRP A CB   1 
ATOM   574  C CG   . TRP A 1 41 ? -2.126  4.447   6.444   1.00   8.28  ? 99  TRP A CG   1 
ATOM   575  C CD1  . TRP A 1 41 ? -2.503  4.922   7.667   1.00   9.34  ? 99  TRP A CD1  1 
ATOM   576  C CD2  . TRP A 1 41 ? -2.986  3.334   6.159   1.00   7.93  ? 99  TRP A CD2  1 
ATOM   577  N NE1  . TRP A 1 41 ? -3.546  4.182   8.156   1.00   10.20 ? 99  TRP A NE1  1 
ATOM   578  C CE2  . TRP A 1 41 ? -3.859  3.203   7.255   1.00   9.21  ? 99  TRP A CE2  1 
ATOM   579  C CE3  . TRP A 1 41 ? -3.106  2.452   5.077   1.00   7.98  ? 99  TRP A CE3  1 
ATOM   580  C CZ2  . TRP A 1 41 ? -4.846  2.217   7.297   1.00   9.89  ? 99  TRP A CZ2  1 
ATOM   581  C CZ3  . TRP A 1 41 ? -4.076  1.482   5.127   1.00   9.48  ? 99  TRP A CZ3  1 
ATOM   582  C CH2  . TRP A 1 41 ? -4.933  1.360   6.241   1.00   9.67  ? 99  TRP A CH2  1 
ATOM   583  H H    . TRP A 1 41 ? 1.128   5.235   6.917   1.00   8.85  ? 99  TRP A H    1 
ATOM   584  H HA   . TRP A 1 41 ? 0.061   3.292   5.327   1.00   9.19  ? 99  TRP A HA   1 
ATOM   585  H HB2  . TRP A 1 41 ? -0.890  5.908   5.854   1.00   9.67  ? 99  TRP A HB2  1 
ATOM   586  H HB3  . TRP A 1 41 ? -1.452  5.043   4.655   1.00   9.67  ? 99  TRP A HB3  1 
ATOM   587  H HD1  . TRP A 1 41 ? -2.120  5.652   8.097   1.00   11.21 ? 99  TRP A HD1  1 
ATOM   588  H HE1  . TRP A 1 41 ? -3.933  4.304   8.914   1.00   12.25 ? 99  TRP A HE1  1 
ATOM   589  H HE3  . TRP A 1 41 ? -2.553  2.533   4.334   1.00   9.58  ? 99  TRP A HE3  1 
ATOM   590  H HZ2  . TRP A 1 41 ? -5.404  2.126   8.036   1.00   11.87 ? 99  TRP A HZ2  1 
ATOM   591  H HZ3  . TRP A 1 41 ? -4.163  0.887   4.418   1.00   11.37 ? 99  TRP A HZ3  1 
ATOM   592  H HH2  . TRP A 1 41 ? -5.574  0.686   6.252   1.00   11.61 ? 99  TRP A HH2  1 
ATOM   593  N N    . CYS A 1 42 ? 0.867   4.137   3.152   1.00   6.76  ? 100 CYS A N    1 
ATOM   594  C CA   . CYS A 1 42 ? 1.598   4.435   1.928   1.00   6.63  ? 100 CYS A CA   1 
ATOM   595  C C    . CYS A 1 42 ? 0.598   4.659   0.790   1.00   6.41  ? 100 CYS A C    1 
ATOM   596  O O    . CYS A 1 42 ? -0.311  3.856   0.603   1.00   7.12  ? 100 CYS A O    1 
ATOM   597  C CB   . CYS A 1 42 ? 2.496   3.251   1.599   1.00   7.50  ? 100 CYS A CB   1 
ATOM   598  S SG   . CYS A 1 42 ? 3.382   3.425   0.070   1.00   8.75  ? 100 CYS A SG   1 
ATOM   599  H H    . CYS A 1 42 ? 0.304   3.496   3.057   1.00   8.12  ? 100 CYS A H    1 
ATOM   600  H HA   . CYS A 1 42 ? 2.147   5.239   2.043   1.00   7.96  ? 100 CYS A HA   1 
ATOM   601  H HB2  . CYS A 1 42 ? 3.149   3.147   2.308   1.00   8.99  ? 100 CYS A HB2  1 
ATOM   602  H HB3  . CYS A 1 42 ? 1.949   2.452   1.535   1.00   8.99  ? 100 CYS A HB3  1 
ATOM   603  H HG   . CYS A 1 42 ? 4.058   2.448   -0.104  1.00   10.49 ? 100 CYS A HG   1 
ATOM   604  N N    . GLU A 1 43 ? 0.757   5.752   0.045   1.00   6.44  ? 101 GLU A N    1 
ATOM   605  C CA   . GLU A 1 43 ? -0.109  6.038   -1.078  1.00   6.44  ? 101 GLU A CA   1 
ATOM   606  C C    . GLU A 1 43 ? 0.526   5.463   -2.329  1.00   6.72  ? 101 GLU A C    1 
ATOM   607  O O    . GLU A 1 43 ? 1.653   5.832   -2.680  1.00   7.88  ? 101 GLU A O    1 
ATOM   608  C CB   . GLU A 1 43 ? -0.343  7.545   -1.220  1.00   8.41  ? 101 GLU A CB   1 
ATOM   609  C CG   . GLU A 1 43 ? -1.496  7.816   -2.135  1.00   12.16 ? 101 GLU A CG   1 
ATOM   610  C CD   . GLU A 1 43 ? -1.853  9.273   -2.235  1.00   14.29 ? 101 GLU A CD   1 
ATOM   611  O OE1  . GLU A 1 43 ? -1.022  10.131  -1.890  1.00   16.98 ? 101 GLU A OE1  1 
ATOM   612  O OE2  . GLU A 1 43 ? -2.977  9.543   -2.679  1.00   20.09 ? 101 GLU A OE2  1 
ATOM   613  H H    . GLU A 1 43 ? 1.367   6.345   0.178   1.00   7.73  ? 101 GLU A H    1 
ATOM   614  H HA   . GLU A 1 43 ? -0.976  5.601   -0.941  1.00   7.72  ? 101 GLU A HA   1 
ATOM   615  H HB2  . GLU A 1 43 ? -0.545  7.924   -0.350  1.00   10.09 ? 101 GLU A HB2  1 
ATOM   616  H HB3  . GLU A 1 43 ? 0.449   7.960   -1.594  1.00   10.09 ? 101 GLU A HB3  1 
ATOM   617  H HG2  . GLU A 1 43 ? -1.271  7.502   -3.025  1.00   14.59 ? 101 GLU A HG2  1 
ATOM   618  H HG3  . GLU A 1 43 ? -2.276  7.341   -1.805  1.00   14.59 ? 101 GLU A HG3  1 
ATOM   619  N N    . ALA A 1 44 ? -0.186  4.563   -2.990  1.00   6.69  ? 102 ALA A N    1 
ATOM   620  C CA   . ALA A 1 44 ? 0.356   3.778   -4.087  1.00   8.23  ? 102 ALA A CA   1 
ATOM   621  C C    . ALA A 1 44 ? -0.583  3.765   -5.288  1.00   6.41  ? 102 ALA A C    1 
ATOM   622  O O    . ALA A 1 44 ? -1.785  4.038   -5.175  1.00   7.51  ? 102 ALA A O    1 
ATOM   623  C CB   . ALA A 1 44 ? 0.606   2.358   -3.620  1.00   12.33 ? 102 ALA A CB   1 
ATOM   624  H H    . ALA A 1 44 ? -1.009  4.383   -2.815  1.00   8.03  ? 102 ALA A H    1 
ATOM   625  H HA   . ALA A 1 44 ? 1.211   4.163   -4.369  1.00   9.87  ? 102 ALA A HA   1 
ATOM   626  H HB1  . ALA A 1 44 ? 1.233   2.374   -2.893  1.00   14.79 ? 102 ALA A HB1  1 
ATOM   627  H HB2  . ALA A 1 44 ? -0.225  1.975   -3.328  1.00   14.79 ? 102 ALA A HB2  1 
ATOM   628  H HB3  . ALA A 1 44 ? 0.964   1.847   -4.350  1.00   14.79 ? 102 ALA A HB3  1 
ATOM   629  N N    . GLN A 1 45 ? -0.006  3.402   -6.430  1.00   6.61  ? 103 GLN A N    1 
ATOM   630  C CA   . GLN A 1 45 ? -0.716  3.225   -7.688  1.00   6.78  ? 103 GLN A CA   1 
ATOM   631  C C    . GLN A 1 45 ? -0.485  1.820   -8.201  1.00   7.48  ? 103 GLN A C    1 
ATOM   632  O O    . GLN A 1 45 ? 0.645   1.333   -8.208  1.00   8.14  ? 103 GLN A O    1 
ATOM   633  C CB   . GLN A 1 45 ? -0.183  4.207   -8.732  1.00   7.78  ? 103 GLN A CB   1 
ATOM   634  C CG   . GLN A 1 45 ? -0.525  5.644   -8.419  1.00   8.28  ? 103 GLN A CG   1 
ATOM   635  C CD   . GLN A 1 45 ? 0.112   6.625   -9.370  1.00   9.08  ? 103 GLN A CD   1 
ATOM   636  O OE1  . GLN A 1 45 ? 1.129   6.334   -10.001 1.00   10.55 ? 103 GLN A OE1  1 
ATOM   637  N NE2  . GLN A 1 45 ? -0.485  7.808   -9.478  1.00   8.65  ? 103 GLN A NE2  1 
ATOM   638  H H    . GLN A 1 45 ? 0.836   3.247   -6.500  1.00   7.93  ? 103 GLN A H    1 
ATOM   639  H HA   . GLN A 1 45 ? -1.677  3.372   -7.562  1.00   8.14  ? 103 GLN A HA   1 
ATOM   640  H HB2  . GLN A 1 45 ? 0.783   4.132   -8.771  1.00   9.33  ? 103 GLN A HB2  1 
ATOM   641  H HB3  . GLN A 1 45 ? -0.568  3.990   -9.595  1.00   9.33  ? 103 GLN A HB3  1 
ATOM   642  H HG2  . GLN A 1 45 ? -1.487  5.757   -8.472  1.00   9.93  ? 103 GLN A HG2  1 
ATOM   643  H HG3  . GLN A 1 45 ? -0.216  5.853   -7.523  1.00   9.93  ? 103 GLN A HG3  1 
ATOM   644  H HE21 . GLN A 1 45 ? -1.192  7.977   -9.019  1.00   10.38 ? 103 GLN A HE21 1 
ATOM   645  H HE22 . GLN A 1 45 ? -0.163  8.405   -10.008 1.00   10.38 ? 103 GLN A HE22 1 
ATOM   646  N N    . THR A 1 46 ? -1.559  1.187   -8.651  1.00   8.15  ? 104 THR A N    1 
ATOM   647  C CA   . THR A 1 46 ? -1.468  -0.086  -9.346  1.00   9.41  ? 104 THR A CA   1 
ATOM   648  C C    . THR A 1 46 ? -2.357  -0.010  -10.579 1.00   10.14 ? 104 THR A C    1 
ATOM   649  O O    . THR A 1 46 ? -3.015  1.001   -10.836 1.00   10.42 ? 104 THR A O    1 
ATOM   650  C CB   . THR A 1 46 ? -1.949  -1.262  -8.478  1.00   10.12 ? 104 THR A CB   1 
ATOM   651  O OG1  . THR A 1 46 ? -3.366  -1.172  -8.323  1.00   10.38 ? 104 THR A OG1  1 
ATOM   652  C CG2  . THR A 1 46 ? -1.250  -1.299  -7.120  1.00   11.37 ? 104 THR A CG2  1 
ATOM   653  H H    . THR A 1 46 ? -2.364  1.479   -8.564  1.00   9.78  ? 104 THR A H    1 
ATOM   654  H HA   . THR A 1 46 ? -0.544  -0.250  -9.627  1.00   11.30 ? 104 THR A HA   1 
ATOM   655  H HB   . THR A 1 46 ? -1.740  -2.091  -8.937  1.00   12.14 ? 104 THR A HB   1 
ATOM   656  H HG1  . THR A 1 46 ? -3.563  -0.464  -7.959  1.00   12.46 ? 104 THR A HG1  1 
ATOM   657  H HG21 . THR A 1 46 ? -1.573  -2.043  -6.605  1.00   13.64 ? 104 THR A HG21 1 
ATOM   658  H HG22 . THR A 1 46 ? -0.303  -1.390  -7.240  1.00   13.64 ? 104 THR A HG22 1 
ATOM   659  H HG23 . THR A 1 46 ? -1.427  -0.487  -6.638  1.00   13.64 ? 104 THR A HG23 1 
ATOM   660  N N    . LYS A 1 47 ? -2.434  -1.109  -11.326 1.00   12.49 ? 105 LYS A N    1 
ATOM   661  C CA   . LYS A 1 47 ? -3.322  -1.150  -12.479 1.00   14.13 ? 105 LYS A CA   1 
ATOM   662  C C    . LYS A 1 47 ? -4.780  -0.976  -12.074 1.00   13.96 ? 105 LYS A C    1 
ATOM   663  O O    . LYS A 1 47 ? -5.643  -0.672  -12.908 1.00   15.96 ? 105 LYS A O    1 
ATOM   664  C CB   . LYS A 1 47 ? -3.185  -2.472  -13.234 1.00   18.20 ? 105 LYS A CB   1 
ATOM   665  C CG   . LYS A 1 47 ? -3.945  -3.625  -12.583 1.00   22.75 ? 105 LYS A CG   1 
ATOM   666  C CD   . LYS A 1 47 ? -3.993  -4.851  -13.486 1.00   24.24 ? 105 LYS A CD   1 
ATOM   667  C CE   . LYS A 1 47 ? -4.803  -5.973  -12.877 1.00   21.68 ? 105 LYS A CE   1 
ATOM   668  N NZ   . LYS A 1 47 ? -6.285  -5.755  -12.937 1.00   18.50 ? 105 LYS A NZ   1 
ATOM   669  H H    . LYS A 1 47 ? -1.988  -1.832  -11.189 1.00   14.98 ? 105 LYS A H    1 
ATOM   670  H HA   . LYS A 1 47 ? -3.086  -0.423  -13.091 1.00   16.95 ? 105 LYS A HA   1 
ATOM   671  H HB2  . LYS A 1 47 ? -3.531  -2.357  -14.133 1.00   21.84 ? 105 LYS A HB2  1 
ATOM   672  H HB3  . LYS A 1 47 ? -2.247  -2.717  -13.271 1.00   21.84 ? 105 LYS A HB3  1 
ATOM   673  H HG2  . LYS A 1 47 ? -3.500  -3.874  -11.758 1.00   27.30 ? 105 LYS A HG2  1 
ATOM   674  H HG3  . LYS A 1 47 ? -4.855  -3.346  -12.402 1.00   27.30 ? 105 LYS A HG3  1 
ATOM   675  H HD2  . LYS A 1 47 ? -4.401  -4.608  -14.332 1.00   29.09 ? 105 LYS A HD2  1 
ATOM   676  H HD3  . LYS A 1 47 ? -3.091  -5.175  -13.632 1.00   29.09 ? 105 LYS A HD3  1 
ATOM   677  H HE2  . LYS A 1 47 ? -4.606  -6.795  -13.353 1.00   26.02 ? 105 LYS A HE2  1 
ATOM   678  H HE3  . LYS A 1 47 ? -4.555  -6.066  -11.944 1.00   26.02 ? 105 LYS A HE3  1 
ATOM   679  H HZ1  . LYS A 1 47 ? -6.500  -5.012  -12.497 1.00   22.20 ? 105 LYS A HZ1  1 
ATOM   680  H HZ2  . LYS A 1 47 ? -6.547  -5.677  -13.783 1.00   22.20 ? 105 LYS A HZ2  1 
ATOM   681  H HZ3  . LYS A 1 47 ? -6.709  -6.443  -12.565 1.00   22.20 ? 105 LYS A HZ3  1 
ATOM   682  N N    . ASN A 1 48 ? -5.069  -1.213  -10.803 1.00   11.95 ? 106 ASN A N    1 
ATOM   683  C CA   . ASN A 1 48 ? -6.433  -1.123  -10.314 1.00   12.89 ? 106 ASN A CA   1 
ATOM   684  C C    . ASN A 1 48 ? -6.849  0.245   -9.766  1.00   11.63 ? 106 ASN A C    1 
ATOM   685  O O    . ASN A 1 48 ? -8.015  0.449   -9.427  1.00   15.59 ? 106 ASN A O    1 
ATOM   686  C CB   . ASN A 1 48 ? -6.655  -2.185  -9.255  1.00   13.02 ? 106 ASN A CB   1 
ATOM   687  C CG   . ASN A 1 48 ? -6.530  -3.574  -9.816  1.00   14.03 ? 106 ASN A CG   1 
ATOM   688  O OD1  . ASN A 1 48 ? -7.089  -3.885  -10.871 1.00   17.49 ? 106 ASN A OD1  1 
ATOM   689  N ND2  . ASN A 1 48 ? -5.779  -4.409  -9.135  1.00   14.74 ? 106 ASN A ND2  1 
ATOM   690  H H    . ASN A 1 48 ? -4.492  -1.427  -10.203 1.00   14.34 ? 106 ASN A H    1 
ATOM   691  H HA   . ASN A 1 48 ? -7.037  -1.328  -11.059 1.00   15.47 ? 106 ASN A HA   1 
ATOM   692  H HB2  . ASN A 1 48 ? -5.991  -2.080  -8.556  1.00   15.62 ? 106 ASN A HB2  1 
ATOM   693  H HB3  . ASN A 1 48 ? -7.547  -2.086  -8.887  1.00   15.62 ? 106 ASN A HB3  1 
ATOM   694  H HD21 . ASN A 1 48 ? -5.393  -4.148  -8.413  1.00   17.69 ? 106 ASN A HD21 1 
ATOM   695  H HD22 . ASN A 1 48 ? -5.674  -5.216  -9.411  1.00   17.69 ? 106 ASN A HD22 1 
ATOM   696  N N    . GLY A 1 49 ? -5.912  1.182   -9.671  1.00   9.84  ? 107 GLY A N    1 
ATOM   697  C CA   . GLY A 1 49 ? -6.227  2.508   -9.174  1.00   10.16 ? 107 GLY A CA   1 
ATOM   698  C C    . GLY A 1 49 ? -5.158  3.054   -8.260  1.00   8.35  ? 107 GLY A C    1 
ATOM   699  O O    . GLY A 1 49 ? -3.979  2.720   -8.376  1.00   8.76  ? 107 GLY A O    1 
ATOM   700  H H    . GLY A 1 49 ? -5.087  1.072   -9.889  1.00   11.81 ? 107 GLY A H    1 
ATOM   701  H HA2  . GLY A 1 49 ? -6.331  3.117   -9.922  1.00   12.20 ? 107 GLY A HA2  1 
ATOM   702  H HA3  . GLY A 1 49 ? -7.063  2.478   -8.683  1.00   12.20 ? 107 GLY A HA3  1 
ATOM   703  N N    . GLN A 1 50 ? -5.591  3.904   -7.343  1.00   8.28  ? 108 GLN A N    1 
ATOM   704  C CA   . GLN A 1 50 ? -4.688  4.635   -6.472  1.00   7.77  ? 108 GLN A CA   1 
ATOM   705  C C    . GLN A 1 50 ? -5.305  4.722   -5.093  1.00   8.22  ? 108 GLN A C    1 
ATOM   706  O O    . GLN A 1 50 ? -6.511  4.946   -4.956  1.00   10.20 ? 108 GLN A O    1 
ATOM   707  C CB   . GLN A 1 50 ? -4.484  6.048   -7.034  1.00   8.31  ? 108 GLN A CB   1 
ATOM   708  C CG   . GLN A 1 50 ? -3.584  6.934   -6.185  1.00   8.43  ? 108 GLN A CG   1 
ATOM   709  C CD   . GLN A 1 50 ? -3.451  8.290   -6.830  1.00   8.74  ? 108 GLN A CD   1 
ATOM   710  O OE1  . GLN A 1 50 ? -2.737  8.450   -7.816  1.00   9.58  ? 108 GLN A OE1  1 
ATOM   711  N NE2  . GLN A 1 50 ? -4.190  9.258   -6.324  1.00   12.58 ? 108 GLN A NE2  1 
ATOM   712  H H    . GLN A 1 50 ? -6.421  4.079   -7.204  1.00   9.93  ? 108 GLN A H    1 
ATOM   713  H HA   . GLN A 1 50 ? -3.824  4.178   -6.414  1.00   9.32  ? 108 GLN A HA   1 
ATOM   714  H HB2  . GLN A 1 50 ? -4.083  5.977   -7.914  1.00   9.98  ? 108 GLN A HB2  1 
ATOM   715  H HB3  . GLN A 1 50 ? -5.348  6.483   -7.102  1.00   9.98  ? 108 GLN A HB3  1 
ATOM   716  H HG2  . GLN A 1 50 ? -3.976  7.046   -5.305  1.00   10.11 ? 108 GLN A HG2  1 
ATOM   717  H HG3  . GLN A 1 50 ? -2.703  6.534   -6.118  1.00   10.11 ? 108 GLN A HG3  1 
ATOM   718  H HE21 . GLN A 1 50 ? -4.713  9.097   -5.661  1.00   15.09 ? 108 GLN A HE21 1 
ATOM   719  H HE22 . GLN A 1 50 ? -4.149  10.049  -6.658  1.00   15.09 ? 108 GLN A HE22 1 
ATOM   720  N N    . GLY A 1 51 ? -4.490  4.557   -4.063  1.00   7.39  ? 109 GLY A N    1 
ATOM   721  C CA   . GLY A 1 51 ? -4.978  4.720   -2.716  1.00   7.73  ? 109 GLY A CA   1 
ATOM   722  C C    . GLY A 1 51 ? -3.969  4.245   -1.697  1.00   6.88  ? 109 GLY A C    1 
ATOM   723  O O    . GLY A 1 51 ? -2.834  3.909   -2.013  1.00   7.56  ? 109 GLY A O    1 
ATOM   724  H H    . GLY A 1 51 ? -3.657  4.353   -4.122  1.00   8.87  ? 109 GLY A H    1 
ATOM   725  H HA2  . GLY A 1 51 ? -5.169  5.657   -2.549  1.00   9.27  ? 109 GLY A HA2  1 
ATOM   726  H HA3  . GLY A 1 51 ? -5.797  4.211   -2.602  1.00   9.27  ? 109 GLY A HA3  1 
ATOM   727  N N    . TRP A 1 52 ? -4.406  4.212   -0.453  1.00   6.70  ? 110 TRP A N    1 
ATOM   728  C CA   . TRP A 1 52 ? -3.533  3.943   0.672   1.00   6.46  ? 110 TRP A CA   1 
ATOM   729  C C    . TRP A 1 52 ? -3.493  2.447   1.005   1.00   6.48  ? 110 TRP A C    1 
ATOM   730  O O    . TRP A 1 52 ? -4.524  1.761   1.005   1.00   7.22  ? 110 TRP A O    1 
ATOM   731  C CB   . TRP A 1 52 ? -4.000  4.760   1.875   1.00   7.79  ? 110 TRP A CB   1 
ATOM   732  C CG   . TRP A 1 52 ? -3.886  6.254   1.650   1.00   8.61  ? 110 TRP A CG   1 
ATOM   733  C CD1  . TRP A 1 52 ? -4.846  7.087   1.155   1.00   10.20 ? 110 TRP A CD1  1 
ATOM   734  C CD2  . TRP A 1 52 ? -2.735  7.068   1.881   1.00   8.16  ? 110 TRP A CD2  1 
ATOM   735  N NE1  . TRP A 1 52 ? -4.366  8.370   1.081   1.00   11.00 ? 110 TRP A NE1  1 
ATOM   736  C CE2  . TRP A 1 52 ? -3.070  8.385   1.526   1.00   10.04 ? 110 TRP A CE2  1 
ATOM   737  C CE3  . TRP A 1 52 ? -1.453  6.816   2.363   1.00   8.61  ? 110 TRP A CE3  1 
ATOM   738  C CZ2  . TRP A 1 52 ? -2.182  9.441   1.652   1.00   11.22 ? 110 TRP A CZ2  1 
ATOM   739  C CZ3  . TRP A 1 52 ? -0.569  7.871   2.493   1.00   10.04 ? 110 TRP A CZ3  1 
ATOM   740  C CH2  . TRP A 1 52 ? -0.938  9.168   2.132   1.00   11.13 ? 110 TRP A CH2  1 
ATOM   741  H H    . TRP A 1 52 ? -5.225  4.346   -0.228  1.00   8.04  ? 110 TRP A H    1 
ATOM   742  H HA   . TRP A 1 52 ? -2.624  4.228   0.446   1.00   7.75  ? 110 TRP A HA   1 
ATOM   743  H HB2  . TRP A 1 52 ? -4.930  4.554   2.055   1.00   9.35  ? 110 TRP A HB2  1 
ATOM   744  H HB3  . TRP A 1 52 ? -3.455  4.530   2.644   1.00   9.35  ? 110 TRP A HB3  1 
ATOM   745  H HD1  . TRP A 1 52 ? -5.703  6.824   0.906   1.00   12.24 ? 110 TRP A HD1  1 
ATOM   746  H HE1  . TRP A 1 52 ? -4.808  9.056   0.808   1.00   13.20 ? 110 TRP A HE1  1 
ATOM   747  H HE3  . TRP A 1 52 ? -1.204  5.958   2.619   1.00   10.33 ? 110 TRP A HE3  1 
ATOM   748  H HZ2  . TRP A 1 52 ? -2.423  10.305  1.406   1.00   13.46 ? 110 TRP A HZ2  1 
ATOM   749  H HZ3  . TRP A 1 52 ? 0.290   7.713   2.816   1.00   12.05 ? 110 TRP A HZ3  1 
ATOM   750  H HH2  . TRP A 1 52 ? -0.320  9.857   2.215   1.00   13.35 ? 110 TRP A HH2  1 
ATOM   751  N N    . VAL A 1 53 ? -2.289  1.978   1.302   1.00   6.61  ? 111 VAL A N    1 
ATOM   752  C CA   . VAL A 1 53 ? -2.021  0.594   1.689   1.00   6.73  ? 111 VAL A CA   1 
ATOM   753  C C    . VAL A 1 53 ? -1.067  0.640   2.889   1.00   6.31  ? 111 VAL A C    1 
ATOM   754  O O    . VAL A 1 53 ? -0.376  1.614   3.118   1.00   6.70  ? 111 VAL A O    1 
ATOM   755  C CB   . VAL A 1 53 ? -1.398  -0.225  0.521   1.00   6.98  ? 111 VAL A CB   1 
ATOM   756  C CG1  . VAL A 1 53 ? -2.268  -0.124  -0.708  1.00   7.93  ? 111 VAL A CG1  1 
ATOM   757  C CG2  . VAL A 1 53 ? 0.034   0.234   0.218   1.00   7.87  ? 111 VAL A CG2  1 
ATOM   758  H H    . VAL A 1 53 ? -1.579  2.463   1.284   1.00   7.93  ? 111 VAL A H    1 
ATOM   759  H HA   . VAL A 1 53 ? -2.855  0.161   1.967   1.00   8.07  ? 111 VAL A HA   1 
ATOM   760  H HB   . VAL A 1 53 ? -1.360  -1.169  0.783   1.00   8.38  ? 111 VAL A HB   1 
ATOM   761  H HG11 . VAL A 1 53 ? -1.870  -0.634  -1.416  1.00   9.51  ? 111 VAL A HG11 1 
ATOM   762  H HG12 . VAL A 1 53 ? -3.139  -0.473  -0.503  1.00   9.51  ? 111 VAL A HG12 1 
ATOM   763  H HG13 . VAL A 1 53 ? -2.336  0.798   -0.967  1.00   9.51  ? 111 VAL A HG13 1 
ATOM   764  H HG21 . VAL A 1 53 ? 0.383   -0.292  -0.504  1.00   9.44  ? 111 VAL A HG21 1 
ATOM   765  H HG22 . VAL A 1 53 ? 0.018   1.162   -0.028  1.00   9.44  ? 111 VAL A HG22 1 
ATOM   766  H HG23 . VAL A 1 53 ? 0.572   0.113   1.004   1.00   9.44  ? 111 VAL A HG23 1 
ATOM   767  N N    . PRO A 1 54 ? -0.995  -0.448  3.670   1.00   6.86  ? 112 PRO A N    1 
ATOM   768  C CA   . PRO A 1 54 ? -0.064  -0.399  4.805   1.00   7.37  ? 112 PRO A CA   1 
ATOM   769  C C    . PRO A 1 54 ? 1.385   -0.327  4.318   1.00   6.99  ? 112 PRO A C    1 
ATOM   770  O O    . PRO A 1 54 ? 1.759   -1.099  3.422   1.00   7.53  ? 112 PRO A O    1 
ATOM   771  C CB   . PRO A 1 54 ? -0.334  -1.722  5.541   1.00   7.80  ? 112 PRO A CB   1 
ATOM   772  C CG   . PRO A 1 54 ? -1.690  -2.121  5.089   1.00   7.94  ? 112 PRO A CG   1 
ATOM   773  C CD   . PRO A 1 54 ? -1.786  -1.681  3.662   1.00   7.62  ? 112 PRO A CD   1 
ATOM   774  H HA   . PRO A 1 54 ? -0.262  0.359   5.392   1.00   8.84  ? 112 PRO A HA   1 
ATOM   775  H HB2  . PRO A 1 54 ? 0.326   -2.384  5.281   1.00   9.36  ? 112 PRO A HB2  1 
ATOM   776  H HB3  . PRO A 1 54 ? -0.318  -1.575  6.499   1.00   9.36  ? 112 PRO A HB3  1 
ATOM   777  H HG2  . PRO A 1 54 ? -1.786  -3.083  5.155   1.00   9.53  ? 112 PRO A HG2  1 
ATOM   778  H HG3  . PRO A 1 54 ? -2.358  -1.672  5.630   1.00   9.53  ? 112 PRO A HG3  1 
ATOM   779  H HD2  . PRO A 1 54 ? -1.386  -2.340  3.073   1.00   9.14  ? 112 PRO A HD2  1 
ATOM   780  H HD3  . PRO A 1 54 ? -2.707  -1.494  3.423   1.00   9.14  ? 112 PRO A HD3  1 
ATOM   781  N N    . SER A 1 55 ? 2.206   0.525   4.918   1.00   7.10  ? 113 SER A N    1 
ATOM   782  C CA   . SER A 1 55 ? 3.573   0.689   4.459   1.00   7.57  ? 113 SER A CA   1 
ATOM   783  C C    . SER A 1 55 ? 4.399   -0.577  4.561   1.00   7.92  ? 113 SER A C    1 
ATOM   784  O O    . SER A 1 55 ? 5.271   -0.810  3.726   1.00   10.04 ? 113 SER A O    1 
ATOM   785  C CB   . SER A 1 55 ? 4.251   1.785   5.248   1.00   8.52  ? 113 SER A CB   1 
ATOM   786  O OG   . SER A 1 55 ? 3.548   2.976   5.040   1.00   9.40  ? 113 SER A OG   1 
ATOM   787  H H    . SER A 1 55 ? 1.997   1.018   5.590   1.00   8.52  ? 113 SER A H    1 
ATOM   788  H HA   . SER A 1 55 ? 3.559   0.961   3.518   1.00   9.08  ? 113 SER A HA   1 
ATOM   789  H HB2  . SER A 1 55 ? 4.235   1.561   6.191   1.00   10.23 ? 113 SER A HB2  1 
ATOM   790  H HB3  . SER A 1 55 ? 5.165   1.890   4.938   1.00   10.23 ? 113 SER A HB3  1 
ATOM   791  H HG   . SER A 1 55 ? 3.900   3.587   5.461   1.00   11.28 ? 113 SER A HG   1 
ATOM   792  N N    . ASN A 1 56 ? 4.144   -1.387  5.585   1.00   8.19  ? 114 ASN A N    1 
ATOM   793  C CA   . ASN A 1 56 ? 4.916   -2.612  5.738   1.00   8.71  ? 114 ASN A CA   1 
ATOM   794  C C    . ASN A 1 56 ? 4.252   -3.818  5.060   1.00   8.65  ? 114 ASN A C    1 
ATOM   795  O O    . ASN A 1 56 ? 4.621   -4.959  5.313   1.00   10.27 ? 114 ASN A O    1 
ATOM   796  C CB   . ASN A 1 56 ? 5.283   -2.876  7.194   1.00   9.52  ? 114 ASN A CB   1 
ATOM   797  C CG   . ASN A 1 56 ? 4.095   -3.072  8.070   1.00   9.51  ? 114 ASN A CG   1 
ATOM   798  O OD1  . ASN A 1 56 ? 2.979   -3.222  7.590   1.00   10.39 ? 114 ASN A OD1  1 
ATOM   799  N ND2  . ASN A 1 56 ? 4.325   -3.093  9.377   1.00   11.83 ? 114 ASN A ND2  1 
ATOM   800  H H    . ASN A 1 56 ? 3.546   -1.255  6.188   1.00   9.83  ? 114 ASN A H    1 
ATOM   801  H HA   . ASN A 1 56 ? 5.765   -2.475  5.269   1.00   10.45 ? 114 ASN A HA   1 
ATOM   802  H HB2  . ASN A 1 56 ? 5.825   -3.678  7.242   1.00   11.43 ? 114 ASN A HB2  1 
ATOM   803  H HB3  . ASN A 1 56 ? 5.783   -2.118  7.535   1.00   11.43 ? 114 ASN A HB3  1 
ATOM   804  H HD21 . ASN A 1 56 ? 5.126   -2.996  9.674   1.00   14.19 ? 114 ASN A HD21 1 
ATOM   805  H HD22 . ASN A 1 56 ? 3.673   -3.204  9.926   1.00   14.19 ? 114 ASN A HD22 1 
ATOM   806  N N    . TYR A 1 57 ? 3.313   -3.556  4.153   1.00   7.89  ? 115 TYR A N    1 
ATOM   807  C CA   . TYR A 1 57 ? 2.770   -4.584  3.272   1.00   8.46  ? 115 TYR A CA   1 
ATOM   808  C C    . TYR A 1 57 ? 3.419   -4.582  1.891   1.00   8.12  ? 115 TYR A C    1 
ATOM   809  O O    . TYR A 1 57 ? 3.006   -5.348  1.016   1.00   8.66  ? 115 TYR A O    1 
ATOM   810  C CB   . TYR A 1 57 ? 1.257   -4.450  3.108   1.00   8.12  ? 115 TYR A CB   1 
ATOM   811  C CG   . TYR A 1 57 ? 0.432   -5.067  4.211   1.00   8.45  ? 115 TYR A CG   1 
ATOM   812  C CD1  . TYR A 1 57 ? 0.789   -4.942  5.559   1.00   8.59  ? 115 TYR A CD1  1 
ATOM   813  C CD2  . TYR A 1 57 ? -0.718  -5.778  3.905   1.00   9.06  ? 115 TYR A CD2  1 
ATOM   814  C CE1  . TYR A 1 57 ? 0.013   -5.497  6.553   1.00   9.29  ? 115 TYR A CE1  1 
ATOM   815  C CE2  . TYR A 1 57 ? -1.486  -6.352  4.901   1.00   9.36  ? 115 TYR A CE2  1 
ATOM   816  C CZ   . TYR A 1 57 ? -1.110  -6.214  6.212   1.00   8.87  ? 115 TYR A CZ   1 
ATOM   817  O OH   . TYR A 1 57 ? -1.904  -6.781  7.179   1.00   10.68 ? 115 TYR A OH   1 
ATOM   818  H H    . TYR A 1 57 ? 2.969   -2.777  4.028   1.00   9.47  ? 115 TYR A H    1 
ATOM   819  H HA   . TYR A 1 57 ? 2.945   -5.459  3.676   1.00   10.15 ? 115 TYR A HA   1 
ATOM   820  H HB2  . TYR A 1 57 ? 1.034   -3.507  3.069   1.00   9.74  ? 115 TYR A HB2  1 
ATOM   821  H HB3  . TYR A 1 57 ? 0.998   -4.878  2.277   1.00   9.74  ? 115 TYR A HB3  1 
ATOM   822  H HD1  . TYR A 1 57 ? 1.551   -4.462  5.787   1.00   10.31 ? 115 TYR A HD1  1 
ATOM   823  H HD2  . TYR A 1 57 ? -0.971  -5.879  3.015   1.00   10.88 ? 115 TYR A HD2  1 
ATOM   824  H HE1  . TYR A 1 57 ? 0.263   -5.412  7.445   1.00   11.15 ? 115 TYR A HE1  1 
ATOM   825  H HE2  . TYR A 1 57 ? -2.255  -6.828  4.683   1.00   11.23 ? 115 TYR A HE2  1 
ATOM   826  H HH   . TYR A 1 57 ? -1.934  -7.594  7.074   1.00   12.81 ? 115 TYR A HH   1 
ATOM   827  N N    . ILE A 1 58 ? 4.416   -3.727  1.683   1.00   8.21  ? 116 ILE A N    1 
ATOM   828  C CA   . ILE A 1 58 ? 5.056   -3.597  0.383   1.00   8.09  ? 116 ILE A CA   1 
ATOM   829  C C    . ILE A 1 58 ? 6.573   -3.492  0.567   1.00   8.58  ? 116 ILE A C    1 
ATOM   830  O O    . ILE A 1 58 ? 7.048   -3.190  1.660   1.00   10.24 ? 116 ILE A O    1 
ATOM   831  C CB   . ILE A 1 58 ? 4.511   -2.387  -0.412  1.00   9.05  ? 116 ILE A CB   1 
ATOM   832  C CG1  . ILE A 1 58 ? 4.898   -1.063  0.254   1.00   11.94 ? 116 ILE A CG1  1 
ATOM   833  C CG2  . ILE A 1 58 ? 3.006   -2.522  -0.595  1.00   9.96  ? 116 ILE A CG2  1 
ATOM   834  C CD1  . ILE A 1 58 ? 4.609   0.144   -0.592  1.00   15.09 ? 116 ILE A CD1  1 
ATOM   835  H H    . ILE A 1 58 ? 4.742   -3.206  2.286   1.00   9.85  ? 116 ILE A H    1 
ATOM   836  H HA   . ILE A 1 58 ? 4.873   -4.406  -0.140  1.00   9.71  ? 116 ILE A HA   1 
ATOM   837  H HB   . ILE A 1 58 ? 4.918   -2.404  -1.293  1.00   10.86 ? 116 ILE A HB   1 
ATOM   838  H HG12 . ILE A 1 58 ? 4.400   -0.972  1.082   1.00   14.33 ? 116 ILE A HG12 1 
ATOM   839  H HG13 . ILE A 1 58 ? 5.849   -1.074  0.442   1.00   14.33 ? 116 ILE A HG13 1 
ATOM   840  H HG21 . ILE A 1 58 ? 2.682   -1.765  -1.089  1.00   11.95 ? 116 ILE A HG21 1 
ATOM   841  H HG22 . ILE A 1 58 ? 2.821   -3.331  -1.077  1.00   11.95 ? 116 ILE A HG22 1 
ATOM   842  H HG23 . ILE A 1 58 ? 2.589   -2.552  0.269   1.00   11.95 ? 116 ILE A HG23 1 
ATOM   843  H HD11 . ILE A 1 58 ? 4.875   0.933   -0.113  1.00   18.11 ? 116 ILE A HD11 1 
ATOM   844  H HD12 . ILE A 1 58 ? 5.104   0.077   -1.411  1.00   18.11 ? 116 ILE A HD12 1 
ATOM   845  H HD13 . ILE A 1 58 ? 3.668   0.177   -0.779  1.00   18.11 ? 116 ILE A HD13 1 
ATOM   846  N N    . THR A 1 59 ? 7.310   -3.738  -0.519  1.00   8.91  ? 117 THR A N    1 
ATOM   847  C CA   . THR A 1 59 ? 8.763   -3.698  -0.495  1.00   9.86  ? 117 THR A CA   1 
ATOM   848  C C    . THR A 1 59 ? 9.290   -3.354  -1.891  1.00   9.31  ? 117 THR A C    1 
ATOM   849  O O    . THR A 1 59 ? 8.684   -3.673  -2.896  1.00   9.93  ? 117 THR A O    1 
ATOM   850  C CB   . THR A 1 59 ? 9.319   -5.071  -0.017  1.00   10.59 ? 117 THR A CB   1 
ATOM   851  O OG1  . THR A 1 59 ? 10.659  -4.916  0.432   1.00   11.86 ? 117 THR A OG1  1 
ATOM   852  C CG2  . THR A 1 59 ? 9.227   -6.139  -1.102  1.00   11.81 ? 117 THR A CG2  1 
ATOM   853  H H    . THR A 1 59 ? 6.982   -3.931  -1.290  1.00   10.69 ? 117 THR A H    1 
ATOM   854  H HA   . THR A 1 59 ? 9.062   -3.006  0.131   1.00   11.83 ? 117 THR A HA   1 
ATOM   855  H HB   . THR A 1 59 ? 8.781   -5.375  0.731   1.00   12.71 ? 117 THR A HB   1 
ATOM   856  H HG1  . THR A 1 59 ? 10.955  -5.638  0.685   1.00   14.23 ? 117 THR A HG1  1 
ATOM   857  H HG21 . THR A 1 59 ? 9.578   -6.970  -0.775  1.00   14.17 ? 117 THR A HG21 1 
ATOM   858  H HG22 . THR A 1 59 ? 8.311   -6.266  -1.360  1.00   14.17 ? 117 THR A HG22 1 
ATOM   859  H HG23 . THR A 1 59 ? 9.733   -5.867  -1.873  1.00   14.17 ? 117 THR A HG23 1 
ATOM   860  N N    . PRO A 1 60 ? 10.479  -2.756  -1.974  1.00   10.32 ? 118 PRO A N    1 
ATOM   861  C CA   . PRO A 1 60 ? 11.007  -2.426  -3.302  1.00   11.58 ? 118 PRO A CA   1 
ATOM   862  C C    . PRO A 1 60 ? 11.338  -3.635  -4.162  1.00   11.36 ? 118 PRO A C    1 
ATOM   863  O O    . PRO A 1 60 ? 11.740  -4.685  -3.658  1.00   12.29 ? 118 PRO A O    1 
ATOM   864  C CB   . PRO A 1 60 ? 12.296  -1.674  -2.983  1.00   13.41 ? 118 PRO A CB   1 
ATOM   865  C CG   . PRO A 1 60 ? 12.072  -1.095  -1.651  1.00   16.20 ? 118 PRO A CG   1 
ATOM   866  C CD   . PRO A 1 60 ? 11.244  -2.106  -0.900  1.00   11.34 ? 118 PRO A CD   1 
ATOM   867  H HA   . PRO A 1 60 ? 10.391  -1.835  -3.783  1.00   13.89 ? 118 PRO A HA   1 
ATOM   868  H HB2  . PRO A 1 60 ? 13.043  -2.293  -2.969  1.00   16.10 ? 118 PRO A HB2  1 
ATOM   869  H HB3  . PRO A 1 60 ? 12.440  -0.976  -3.642  1.00   16.10 ? 118 PRO A HB3  1 
ATOM   870  H HG2  . PRO A 1 60 ? 12.924  -0.956  -1.208  1.00   19.44 ? 118 PRO A HG2  1 
ATOM   871  H HG3  . PRO A 1 60 ? 11.592  -0.256  -1.736  1.00   19.44 ? 118 PRO A HG3  1 
ATOM   872  H HD2  . PRO A 1 60 ? 11.815  -2.749  -0.452  1.00   13.61 ? 118 PRO A HD2  1 
ATOM   873  H HD3  . PRO A 1 60 ? 10.647  -1.662  -0.278  1.00   13.61 ? 118 PRO A HD3  1 
ATOM   874  N N    . VAL A 1 61 ? 11.205  -3.467  -5.469  1.00   11.14 ? 119 VAL A N    1 
ATOM   875  C CA   . VAL A 1 61 ? 11.680  -4.480  -6.402  1.00   13.03 ? 119 VAL A CA   1 
ATOM   876  C C    . VAL A 1 61 ? 12.425  -3.777  -7.525  1.00   16.18 ? 119 VAL A C    1 
ATOM   877  O O    . VAL A 1 61 ? 12.025  -2.700  -7.963  1.00   18.64 ? 119 VAL A O    1 
ATOM   878  C CB   . VAL A 1 61 ? 10.520  -5.380  -6.924  1.00   15.27 ? 119 VAL A CB   1 
ATOM   879  C CG1  . VAL A 1 61 ? 9.518   -4.577  -7.734  1.00   16.60 ? 119 VAL A CG1  1 
ATOM   880  C CG2  . VAL A 1 61 ? 11.056  -6.553  -7.731  1.00   18.19 ? 119 VAL A CG2  1 
ATOM   881  H H    . VAL A 1 61 ? 10.846  -2.780  -5.842  1.00   13.37 ? 119 VAL A H    1 
ATOM   882  H HA   . VAL A 1 61 ? 12.320  -5.059  -5.938  1.00   15.63 ? 119 VAL A HA   1 
ATOM   883  H HB   . VAL A 1 61 ? 10.043  -5.750  -6.151  1.00   18.32 ? 119 VAL A HB   1 
ATOM   884  H HG11 . VAL A 1 61 ? 9.803   -3.661  -7.762  1.00   19.92 ? 119 VAL A HG11 1 
ATOM   885  H HG12 . VAL A 1 61 ? 9.475   -4.935  -8.622  1.00   19.92 ? 119 VAL A HG12 1 
ATOM   886  H HG13 . VAL A 1 61 ? 8.656   -4.639  -7.314  1.00   19.92 ? 119 VAL A HG13 1 
ATOM   887  H HG21 . VAL A 1 61 ? 10.318  -7.085  -8.037  1.00   21.83 ? 119 VAL A HG21 1 
ATOM   888  H HG22 . VAL A 1 61 ? 11.549  -6.215  -8.483  1.00   21.83 ? 119 VAL A HG22 1 
ATOM   889  H HG23 . VAL A 1 61 ? 11.631  -7.079  -7.172  1.00   21.83 ? 119 VAL A HG23 1 
ATOM   890  N N    . ASN A 1 62 ? 13.537  -4.355  -7.960  1.00   17.95 ? 120 ASN A N    1 
ATOM   891  C CA   . ASN A 1 62 ? 14.310  -3.760  -9.051  1.00   26.43 ? 120 ASN A CA   1 
ATOM   892  C C    . ASN A 1 62 ? 13.539  -3.798  -10.362 1.00   29.54 ? 120 ASN A C    1 
ATOM   893  O O    . ASN A 1 62 ? 12.834  -4.764  -10.641 1.00   27.75 ? 120 ASN A O    1 
ATOM   894  C CB   . ASN A 1 62 ? 15.650  -4.472  -9.232  1.00   26.60 ? 120 ASN A CB   1 
ATOM   895  C CG   . ASN A 1 62 ? 16.565  -4.303  -8.046  1.00   24.58 ? 120 ASN A CG   1 
ATOM   896  O OD1  . ASN A 1 62 ? 16.382  -3.405  -7.228  1.00   26.86 ? 120 ASN A OD1  1 
ATOM   897  N ND2  . ASN A 1 62 ? 17.568  -5.166  -7.951  1.00   26.99 ? 120 ASN A ND2  1 
ATOM   898  H H    . ASN A 1 62 ? 13.866  -5.086  -7.647  1.00   21.54 ? 120 ASN A H    1 
ATOM   899  H HA   . ASN A 1 62 ? 14.494  -2.821  -8.835  1.00   31.72 ? 120 ASN A HA   1 
ATOM   900  H HB2  . ASN A 1 62 ? 15.489  -5.421  -9.355  1.00   31.92 ? 120 ASN A HB2  1 
ATOM   901  H HB3  . ASN A 1 62 ? 16.098  -4.108  -10.012 1.00   31.92 ? 120 ASN A HB3  1 
ATOM   902  H HD21 . ASN A 1 62 ? 17.667  -5.778  -8.547  1.00   32.38 ? 120 ASN A HD21 1 
ATOM   903  H HD22 . ASN A 1 62 ? 18.120  -5.114  -7.293  1.00   32.38 ? 120 ASN A HD22 1 
HETATM 904  C C    . ACE B 2 1  ? -5.554  10.577  3.541   1.00   10.85 ? 0   ACE B C    1 
HETATM 905  O O    . ACE B 2 1  ? -6.574  9.933   3.297   1.00   12.21 ? 0   ACE B O    1 
HETATM 906  C CH3  . ACE B 2 1  ? -5.395  12.011  3.122   1.00   12.95 ? 0   ACE B CH3  1 
ATOM   907  N N    . ALA B 2 2  ? -4.582  10.055  4.280   1.00   10.31 ? 1   ALA B N    1 
ATOM   908  C CA   . ALA B 2 2  ? -4.590  8.672   4.708   1.00   9.78  ? 1   ALA B CA   1 
ATOM   909  C C    . ALA B 2 2  ? -5.643  8.466   5.780   1.00   10.20 ? 1   ALA B C    1 
ATOM   910  O O    . ALA B 2 2  ? -6.113  9.424   6.401   1.00   12.02 ? 1   ALA B O    1 
ATOM   911  C CB   . ALA B 2 2  ? -3.217  8.272   5.246   1.00   10.07 ? 1   ALA B CB   1 
ATOM   912  H H    . ALA B 2 2  ? -3.858  10.477  4.475   1.00   12.38 ? 1   ALA B H    1 
ATOM   913  H HA   . ALA B 2 2  ? -4.806  8.095   3.946   1.00   11.74 ? 1   ALA B HA   1 
ATOM   914  H HB1  . ALA B 2 2  ? -3.000  8.833   5.994   1.00   12.08 ? 1   ALA B HB1  1 
ATOM   915  H HB2  . ALA B 2 2  ? -3.246  7.354   5.523   1.00   12.08 ? 1   ALA B HB2  1 
ATOM   916  H HB3  . ALA B 2 2  ? -2.565  8.384   4.551   1.00   12.08 ? 1   ALA B HB3  1 
ATOM   917  N N    . PRO B 2 3  ? -6.006  7.209   6.027   1.00   10.98 ? 2   PRO B N    1 
ATOM   918  C CA   . PRO B 2 3  ? -6.944  6.948   7.119   1.00   12.84 ? 2   PRO B CA   1 
ATOM   919  C C    . PRO B 2 3  ? -6.396  7.415   8.466   1.00   14.18 ? 2   PRO B C    1 
ATOM   920  O O    . PRO B 2 3  ? -5.185  7.415   8.703   1.00   14.81 ? 2   PRO B O    1 
ATOM   921  C CB   . PRO B 2 3  ? -7.080  5.420   7.103   1.00   14.24 ? 2   PRO B CB   1 
ATOM   922  C CG   . PRO B 2 3  ? -6.718  5.023   5.705   1.00   13.93 ? 2   PRO B CG   1 
ATOM   923  C CD   . PRO B 2 3  ? -5.634  5.984   5.304   1.00   11.62 ? 2   PRO B CD   1 
ATOM   924  H HA   . PRO B 2 3  ? -7.814  7.364   6.945   1.00   15.40 ? 2   PRO B HA   1 
ATOM   925  H HB2  . PRO B 2 3  ? -6.464  5.028   7.743   1.00   17.09 ? 2   PRO B HB2  1 
ATOM   926  H HB3  . PRO B 2 3  ? -7.994  5.169   7.307   1.00   17.09 ? 2   PRO B HB3  1 
ATOM   927  H HG2  . PRO B 2 3  ? -6.389  4.111   5.698   1.00   16.72 ? 2   PRO B HG2  1 
ATOM   928  H HG3  . PRO B 2 3  ? -7.492  5.115   5.128   1.00   16.72 ? 2   PRO B HG3  1 
ATOM   929  H HD2  . PRO B 2 3  ? -4.768  5.664   5.602   1.00   13.94 ? 2   PRO B HD2  1 
ATOM   930  H HD3  . PRO B 2 3  ? -5.651  6.137   4.347   1.00   13.94 ? 2   PRO B HD3  1 
ATOM   931  N N    . THR B 2 4  ? -7.298  7.809   9.355   1.00   17.84 ? 3   THR B N    1 
ATOM   932  C CA   . THR B 2 4  ? -6.905  8.256   10.680  1.00   20.88 ? 3   THR B CA   1 
ATOM   933  C C    . THR B 2 4  ? -6.659  7.074   11.610  1.00   21.57 ? 3   THR B C    1 
ATOM   934  O O    . THR B 2 4  ? -6.012  7.223   12.641  1.00   27.59 ? 3   THR B O    1 
ATOM   935  C CB   . THR B 2 4  ? -7.967  9.168   11.292  1.00   23.87 ? 3   THR B CB   1 
ATOM   936  O OG1  . THR B 2 4  ? -9.244  8.522   11.228  1.00   26.31 ? 3   THR B OG1  1 
ATOM   937  C CG2  . THR B 2 4  ? -8.013  10.508  10.546  1.00   25.55 ? 3   THR B CG2  1 
ATOM   938  H H    . THR B 2 4  ? -8.146  7.827   9.214   1.00   21.41 ? 3   THR B H    1 
ATOM   939  H HA   . THR B 2 4  ? -6.071  8.766   10.609  1.00   25.05 ? 3   THR B HA   1 
ATOM   940  H HB   . THR B 2 4  ? -7.743  9.343   12.219  1.00   28.65 ? 3   THR B HB   1 
ATOM   941  H HG1  . THR B 2 4  ? -9.221  7.816   11.644  1.00   31.58 ? 3   THR B HG1  1 
ATOM   942  H HG21 . THR B 2 4  ? -8.226  10.362  9.621   1.00   30.66 ? 3   THR B HG21 1 
ATOM   943  H HG22 . THR B 2 4  ? -8.681  11.077  10.934  1.00   30.66 ? 3   THR B HG22 1 
ATOM   944  H HG23 . THR B 2 4  ? -7.159  10.945  10.604  1.00   30.66 ? 3   THR B HG23 1 
ATOM   945  N N    . TYR B 2 5  ? -7.187  5.907   11.249  1.00   17.73 ? 4   TYR B N    1 
ATOM   946  C CA   . TYR B 2 5  ? -6.918  4.677   11.988  1.00   16.25 ? 4   TYR B CA   1 
ATOM   947  C C    . TYR B 2 5  ? -5.642  4.018   11.460  1.00   14.35 ? 4   TYR B C    1 
ATOM   948  O O    . TYR B 2 5  ? -5.265  4.219   10.313  1.00   14.75 ? 4   TYR B O    1 
ATOM   949  C CB   . TYR B 2 5  ? -8.109  3.703   11.905  1.00   16.04 ? 4   TYR B CB   1 
ATOM   950  C CG   . TYR B 2 5  ? -8.645  3.438   10.514  1.00   17.23 ? 4   TYR B CG   1 
ATOM   951  C CD1  . TYR B 2 5  ? -8.121  2.424   9.729   1.00   17.14 ? 4   TYR B CD1  1 
ATOM   952  C CD2  . TYR B 2 5  ? -9.685  4.194   9.993   1.00   18.16 ? 4   TYR B CD2  1 
ATOM   953  C CE1  . TYR B 2 5  ? -8.606  2.177   8.452   1.00   18.79 ? 4   TYR B CE1  1 
ATOM   954  C CE2  . TYR B 2 5  ? -10.181 3.953   8.719   1.00   19.51 ? 4   TYR B CE2  1 
ATOM   955  C CZ   . TYR B 2 5  ? -9.640  2.944   7.954   1.00   18.53 ? 4   TYR B CZ   1 
ATOM   956  O OH   . TYR B 2 5  ? -10.137 2.709   6.690   1.00   21.84 ? 4   TYR B OH   1 
ATOM   957  H H    . TYR B 2 5  ? -7.709  5.801   10.574  1.00   21.27 ? 4   TYR B H    1 
ATOM   958  H HA   . TYR B 2 5  ? -6.775  4.898   12.931  1.00   19.50 ? 4   TYR B HA   1 
ATOM   959  H HB2  . TYR B 2 5  ? -7.833  2.851   12.278  1.00   19.24 ? 4   TYR B HB2  1 
ATOM   960  H HB3  . TYR B 2 5  ? -8.837  4.065   12.433  1.00   19.24 ? 4   TYR B HB3  1 
ATOM   961  H HD1  . TYR B 2 5  ? -7.424  1.907   10.060  1.00   20.57 ? 4   TYR B HD1  1 
ATOM   962  H HD2  . TYR B 2 5  ? -10.053 4.878   10.504  1.00   21.79 ? 4   TYR B HD2  1 
ATOM   963  H HE1  . TYR B 2 5  ? -8.241  1.493   7.937   1.00   22.54 ? 4   TYR B HE1  1 
ATOM   964  H HE2  . TYR B 2 5  ? -10.876 4.471   8.384   1.00   23.42 ? 4   TYR B HE2  1 
ATOM   965  H HH   . TYR B 2 5  ? -10.427 1.944   6.641   1.00   26.21 ? 4   TYR B HH   1 
ATOM   966  N N    . SER B 2 6  ? -4.966  3.248   12.309  1.00   13.79 ? 5   SER B N    1 
ATOM   967  C CA   . SER B 2 6  ? -3.767  2.528   11.894  1.00   13.94 ? 5   SER B CA   1 
ATOM   968  C C    . SER B 2 6  ? -4.114  1.350   10.990  1.00   11.99 ? 5   SER B C    1 
ATOM   969  O O    . SER B 2 6  ? -5.204  0.778   11.082  1.00   12.53 ? 5   SER B O    1 
ATOM   970  C CB   . SER B 2 6  ? -2.994  2.035   13.119  1.00   15.97 ? 5   SER B CB   1 
ATOM   971  O OG   . SER B 2 6  ? -2.440  3.110   13.859  1.00   18.10 ? 5   SER B OG   1 
ATOM   972  H H    . SER B 2 6  ? -5.184  3.124   13.131  1.00   16.55 ? 5   SER B H    1 
ATOM   973  H HA   . SER B 2 6  ? -3.186  3.136   11.391  1.00   16.72 ? 5   SER B HA   1 
ATOM   974  H HB2  . SER B 2 6  ? -3.599  1.539   13.693  1.00   19.16 ? 5   SER B HB2  1 
ATOM   975  H HB3  . SER B 2 6  ? -2.274  1.456   12.822  1.00   19.16 ? 5   SER B HB3  1 
ATOM   976  H HG   . SER B 2 6  ? -2.629  3.823   13.503  1.00   21.71 ? 5   SER B HG   1 
ATOM   977  N N    . PRO B 2 7  ? -3.188  0.981   10.103  1.00   10.71 ? 6   PRO B N    1 
ATOM   978  C CA   . PRO B 2 7  ? -3.422  -0.180  9.245   1.00   9.87  ? 6   PRO B CA   1 
ATOM   979  C C    . PRO B 2 7  ? -3.375  -1.466  10.047  1.00   9.68  ? 6   PRO B C    1 
ATOM   980  O O    . PRO B 2 7  ? -2.838  -1.498  11.154  1.00   11.12 ? 6   PRO B O    1 
ATOM   981  C CB   . PRO B 2 7  ? -2.250  -0.125  8.269   1.00   9.67  ? 6   PRO B CB   1 
ATOM   982  C CG   . PRO B 2 7  ? -1.161  0.586   9.035   1.00   11.18 ? 6   PRO B CG   1 
ATOM   983  C CD   . PRO B 2 7  ? -1.876  1.606   9.860   1.00   10.65 ? 6   PRO B CD   1 
ATOM   984  H HA   . PRO B 2 7  ? -4.272  -0.104  8.764   1.00   11.84 ? 6   PRO B HA   1 
ATOM   985  H HB2  . PRO B 2 7  ? -1.975  -1.026  8.034   1.00   11.60 ? 6   PRO B HB2  1 
ATOM   986  H HB3  . PRO B 2 7  ? -2.502  0.377   7.479   1.00   11.60 ? 6   PRO B HB3  1 
ATOM   987  H HG2  . PRO B 2 7  ? -0.692  -0.047  9.600   1.00   13.41 ? 6   PRO B HG2  1 
ATOM   988  H HG3  . PRO B 2 7  ? -0.549  1.013   8.415   1.00   13.41 ? 6   PRO B HG3  1 
ATOM   989  H HD2  . PRO B 2 7  ? -1.409  1.751   10.698  1.00   12.78 ? 6   PRO B HD2  1 
ATOM   990  H HD3  . PRO B 2 7  ? -1.980  2.432   9.363   1.00   12.78 ? 6   PRO B HD3  1 
ATOM   991  N N    . PRO B 2 8  ? -3.883  -2.552  9.471   1.00   9.57  ? 7   PRO B N    1 
ATOM   992  C CA   . PRO B 2 8  ? -3.683  -3.855  10.114  1.00   10.18 ? 7   PRO B CA   1 
ATOM   993  C C    . PRO B 2 8  ? -2.202  -4.197  10.228  1.00   9.46  ? 7   PRO B C    1 
ATOM   994  O O    . PRO B 2 8  ? -1.397  -3.812  9.377   1.00   10.52 ? 7   PRO B O    1 
ATOM   995  C CB   . PRO B 2 8  ? -4.375  -4.826  9.160   1.00   10.58 ? 7   PRO B CB   1 
ATOM   996  C CG   . PRO B 2 8  ? -4.307  -4.157  7.816   1.00   11.91 ? 7   PRO B CG   1 
ATOM   997  C CD   . PRO B 2 8  ? -4.464  -2.679  8.121   1.00   10.06 ? 7   PRO B CD   1 
ATOM   998  H HA   . PRO B 2 8  ? -4.110  -3.885  10.997  1.00   12.21 ? 7   PRO B HA   1 
ATOM   999  H HB2  . PRO B 2 8  ? -3.899  -5.670  9.149   1.00   12.70 ? 7   PRO B HB2  1 
ATOM   1000 H HB3  . PRO B 2 8  ? -5.297  -4.954  9.434   1.00   12.70 ? 7   PRO B HB3  1 
ATOM   1001 H HG2  . PRO B 2 8  ? -3.447  -4.335  7.403   1.00   14.29 ? 7   PRO B HG2  1 
ATOM   1002 H HG3  . PRO B 2 8  ? -5.033  -4.473  7.254   1.00   14.29 ? 7   PRO B HG3  1 
ATOM   1003 H HD2  . PRO B 2 8  ? -3.962  -2.147  7.485   1.00   12.07 ? 7   PRO B HD2  1 
ATOM   1004 H HD3  . PRO B 2 8  ? -5.402  -2.433  8.131   1.00   12.07 ? 7   PRO B HD3  1 
ATOM   1005 N N    . LEU B 2 9  ? -1.851  -4.939  11.275  1.00   9.87  ? 8   LEU B N    1 
ATOM   1006 C CA   . LEU B 2 9  ? -0.502  -5.454  11.418  1.00   9.80  ? 8   LEU B CA   1 
ATOM   1007 C C    . LEU B 2 9  ? -0.233  -6.486  10.330  1.00   9.68  ? 8   LEU B C    1 
ATOM   1008 O O    . LEU B 2 9  ? -1.157  -7.076  9.797   1.00   10.53 ? 8   LEU B O    1 
ATOM   1009 C CB   . LEU B 2 9  ? -0.322  -6.089  12.794  1.00   11.54 ? 8   LEU B CB   1 
ATOM   1010 C CG   . LEU B 2 9  ? -0.481  -5.144  13.992  1.00   16.14 ? 8   LEU B CG   1 
ATOM   1011 C CD1  . LEU B 2 9  ? -0.259  -5.894  15.287  1.00   19.39 ? 8   LEU B CD1  1 
ATOM   1012 C CD2  . LEU B 2 9  ? 0.473   -3.967  13.885  1.00   21.87 ? 8   LEU B CD2  1 
ATOM   1013 H H    . LEU B 2 9  ? -2.381  -5.158  11.916  1.00   11.84 ? 8   LEU B H    1 
ATOM   1014 H HA   . LEU B 2 9  ? 0.143   -4.722  11.323  1.00   11.76 ? 8   LEU B HA   1 
ATOM   1015 H HB2  . LEU B 2 9  ? -0.980  -6.795  12.893  1.00   13.85 ? 8   LEU B HB2  1 
ATOM   1016 H HB3  . LEU B 2 9  ? 0.569   -6.469  12.841  1.00   13.85 ? 8   LEU B HB3  1 
ATOM   1017 H HG   . LEU B 2 9  ? -1.386  -4.795  13.999  1.00   19.37 ? 8   LEU B HG   1 
ATOM   1018 H HD11 . LEU B 2 9  ? -0.905  -6.600  15.353  1.00   23.27 ? 8   LEU B HD11 1 
ATOM   1019 H HD12 . LEU B 2 9  ? 0.629   -6.260  15.287  1.00   23.27 ? 8   LEU B HD12 1 
ATOM   1020 H HD13 . LEU B 2 9  ? -0.362  -5.285  16.022  1.00   23.27 ? 8   LEU B HD13 1 
ATOM   1021 H HD21 . LEU B 2 9  ? 1.375   -4.297  13.864  1.00   26.25 ? 8   LEU B HD21 1 
ATOM   1022 H HD22 . LEU B 2 9  ? 0.283   -3.483  13.078  1.00   26.25 ? 8   LEU B HD22 1 
ATOM   1023 H HD23 . LEU B 2 9  ? 0.350   -3.395  14.647  1.00   26.25 ? 8   LEU B HD23 1 
ATOM   1024 N N    . PRO B 2 10 ? 1.041   -6.722  9.998   1.00   9.98  ? 9   PRO B N    1 
ATOM   1025 C CA   . PRO B 2 10 ? 1.354   -7.836  9.104   1.00   10.10 ? 9   PRO B CA   1 
ATOM   1026 C C    . PRO B 2 10 ? 0.871   -9.146  9.690   1.00   10.44 ? 9   PRO B C    1 
ATOM   1027 O O    . PRO B 2 10 ? 0.846   -9.315  10.914  1.00   11.85 ? 9   PRO B O    1 
ATOM   1028 C CB   . PRO B 2 10 ? 2.884   -7.826  9.043   1.00   12.08 ? 9   PRO B CB   1 
ATOM   1029 C CG   . PRO B 2 10 ? 3.284   -6.452  9.464   1.00   12.67 ? 9   PRO B CG   1 
ATOM   1030 C CD   . PRO B 2 10 ? 2.247   -6.016  10.445  1.00   11.36 ? 9   PRO B CD   1 
ATOM   1031 H HA   . PRO B 2 10 ? 0.974   -7.698  8.211   1.00   12.12 ? 9   PRO B HA   1 
ATOM   1032 H HB2  . PRO B 2 10 ? 3.240   -8.489  9.655   1.00   14.49 ? 9   PRO B HB2  1 
ATOM   1033 H HB3  . PRO B 2 10 ? 3.175   -8.004  8.136   1.00   14.49 ? 9   PRO B HB3  1 
ATOM   1034 H HG2  . PRO B 2 10 ? 4.160   -6.481  9.882   1.00   15.21 ? 9   PRO B HG2  1 
ATOM   1035 H HG3  . PRO B 2 10 ? 3.294   -5.865  8.692   1.00   15.21 ? 9   PRO B HG3  1 
ATOM   1036 H HD2  . PRO B 2 10 ? 2.490   -6.297  11.342  1.00   13.63 ? 9   PRO B HD2  1 
ATOM   1037 H HD3  . PRO B 2 10 ? 2.116   -5.057  10.396  1.00   13.63 ? 9   PRO B HD3  1 
ATOM   1038 N N    . PRO B 2 11 ? 0.508   -10.084 8.818   1.00   11.97 ? 10  PRO B N    1 
ATOM   1039 C CA   . PRO B 2 11 ? 0.133   -11.423 9.272   1.00   15.37 ? 10  PRO B CA   1 
ATOM   1040 C C    . PRO B 2 11 ? 1.292   -12.079 9.996   1.00   16.34 ? 10  PRO B C    1 
ATOM   1041 O O    . PRO B 2 11 ? 2.431   -11.878 9.577   1.00   20.39 ? 10  PRO B O    1 
ATOM   1042 C CB   . PRO B 2 11 ? -0.127  -12.187 7.975   1.00   20.72 ? 10  PRO B CB   1 
ATOM   1043 C CG   . PRO B 2 11 ? -0.108  -11.227 6.878   1.00   16.69 ? 10  PRO B CG   1 
ATOM   1044 C CD   . PRO B 2 11 ? 0.482   -9.952  7.350   1.00   13.22 ? 10  PRO B CD   1 
ATOM   1045 O OXT  . PRO B 2 11 ? 1.117   -12.838 10.961  1.00   18.68 ? 10  PRO B OXT  1 
ATOM   1046 H HA   . PRO B 2 11 ? -0.669  -11.408 9.834   1.00   18.45 ? 10  PRO B HA   1 
ATOM   1047 H HB2  . PRO B 2 11 ? 0.571   -12.851 7.851   1.00   24.86 ? 10  PRO B HB2  1 
ATOM   1048 H HB3  . PRO B 2 11 ? -0.994  -12.619 8.028   1.00   24.86 ? 10  PRO B HB3  1 
ATOM   1049 H HG2  . PRO B 2 11 ? 0.425   -11.587 6.152   1.00   20.03 ? 10  PRO B HG2  1 
ATOM   1050 H HG3  . PRO B 2 11 ? -1.018  -11.077 6.577   1.00   20.03 ? 10  PRO B HG3  1 
ATOM   1051 H HD2  . PRO B 2 11 ? 1.384   -9.853  7.007   1.00   15.87 ? 10  PRO B HD2  1 
ATOM   1052 H HD3  . PRO B 2 11 ? -0.080  -9.206  7.090   1.00   15.87 ? 10  PRO B HD3  1 
HETATM 1053 C C1   . PGE C 3 .  ? 6.689   -6.675  7.767   1.00   14.98 ? 201 PGE A C1   1 
HETATM 1054 O O1   . PGE C 3 .  ? 5.611   -6.891  6.937   1.00   12.48 ? 201 PGE A O1   1 
HETATM 1055 C C2   . PGE C 3 .  ? 7.927   -6.419  6.971   1.00   15.93 ? 201 PGE A C2   1 
HETATM 1056 O O2   . PGE C 3 .  ? 7.789   -5.242  6.251   1.00   15.05 ? 201 PGE A O2   1 
HETATM 1057 C C3   . PGE C 3 .  ? 8.849   -4.891  5.440   1.00   15.51 ? 201 PGE A C3   1 
HETATM 1058 C C4   . PGE C 3 .  ? 8.558   -3.598  4.758   1.00   17.22 ? 201 PGE A C4   1 
HETATM 1059 O O4   . PGE C 3 .  ? 9.380   -0.236  7.107   1.00   23.23 ? 201 PGE A O4   1 
HETATM 1060 C C6   . PGE C 3 .  ? 8.232   -0.336  6.345   1.00   21.61 ? 201 PGE A C6   1 
HETATM 1061 C C5   . PGE C 3 .  ? 8.466   -1.275  5.213   1.00   18.27 ? 201 PGE A C5   1 
HETATM 1062 O O3   . PGE C 3 .  ? 8.541   -2.570  5.686   1.00   16.21 ? 201 PGE A O3   1 
HETATM 1063 H H1   . PGE C 3 .  ? 6.511   -5.913  8.343   1.00   17.97 ? 201 PGE A H1   1 
HETATM 1064 H H12  . PGE C 3 .  ? 6.825   -7.467  8.317   1.00   17.97 ? 201 PGE A H12  1 
HETATM 1065 H HO1  . PGE C 3 .  ? 5.034   -6.223  7.023   1.00   14.98 ? 201 PGE A HO1  1 
HETATM 1066 H H2   . PGE C 3 .  ? 8.688   -6.340  7.572   1.00   19.12 ? 201 PGE A H2   1 
HETATM 1067 H H22  . PGE C 3 .  ? 8.076   -7.159  6.357   1.00   19.12 ? 201 PGE A H22  1 
HETATM 1068 H H3   . PGE C 3 .  ? 9.639   -4.782  5.996   1.00   18.61 ? 201 PGE A H3   1 
HETATM 1069 H H32  . PGE C 3 .  ? 9.013   -5.584  4.777   1.00   18.61 ? 201 PGE A H32  1 
HETATM 1070 H H4   . PGE C 3 .  ? 9.251   -3.421  4.098   1.00   20.67 ? 201 PGE A H4   1 
HETATM 1071 H H42  . PGE C 3 .  ? 7.694   -3.650  4.313   1.00   20.67 ? 201 PGE A H42  1 
HETATM 1072 H HO4  . PGE C 3 .  ? 9.694   -1.048  7.276   1.00   27.88 ? 201 PGE A HO4  1 
HETATM 1073 H H6   . PGE C 3 .  ? 7.994   0.540   5.996   1.00   25.94 ? 201 PGE A H6   1 
HETATM 1074 H H62  . PGE C 3 .  ? 7.504   -0.669  6.896   1.00   25.94 ? 201 PGE A H62  1 
HETATM 1075 H H5   . PGE C 3 .  ? 9.294   -1.042  4.760   1.00   21.93 ? 201 PGE A H5   1 
HETATM 1076 H H52  . PGE C 3 .  ? 7.726   -1.209  4.586   1.00   21.93 ? 201 PGE A H52  1 
HETATM 1077 C C1   . PEG D 4 .  ? 1.950   11.813  -2.301  1.00   15.21 ? 202 PEG A C1   1 
HETATM 1078 O O1   . PEG D 4 .  ? 1.410   12.493  -1.234  1.00   12.79 ? 202 PEG A O1   1 
HETATM 1079 C C2   . PEG D 4 .  ? 1.494   12.478  -3.552  1.00   16.41 ? 202 PEG A C2   1 
HETATM 1080 O O2   . PEG D 4 .  ? 0.157   12.204  -3.771  1.00   17.72 ? 202 PEG A O2   1 
HETATM 1081 C C3   . PEG D 4 .  ? -0.413  12.676  -4.940  1.00   20.52 ? 202 PEG A C3   1 
HETATM 1082 C C4   . PEG D 4 .  ? -1.818  12.191  -5.038  1.00   22.47 ? 202 PEG A C4   1 
HETATM 1083 O O4   . PEG D 4 .  ? -2.577  12.816  -4.069  1.00   25.49 ? 202 PEG A O4   1 
HETATM 1084 H H11  . PEG D 4 .  ? 2.921   11.833  -2.253  1.00   18.26 ? 202 PEG A H11  1 
HETATM 1085 H H12  . PEG D 4 .  ? 1.642   10.890  -2.292  1.00   18.26 ? 202 PEG A H12  1 
HETATM 1086 H HO1  . PEG D 4 .  ? 1.964   12.447  -0.543  1.00   15.34 ? 202 PEG A HO1  1 
HETATM 1087 H H21  . PEG D 4 .  ? 1.622   13.439  -3.475  1.00   19.69 ? 202 PEG A H21  1 
HETATM 1088 H H22  . PEG D 4 .  ? 2.016   12.143  -4.302  1.00   19.69 ? 202 PEG A H22  1 
HETATM 1089 H H31  . PEG D 4 .  ? -0.413  13.648  -4.916  1.00   24.62 ? 202 PEG A H31  1 
HETATM 1090 H H32  . PEG D 4 .  ? 0.095   12.371  -5.712  1.00   24.62 ? 202 PEG A H32  1 
HETATM 1091 H H41  . PEG D 4 .  ? -2.176  12.405  -5.918  1.00   26.97 ? 202 PEG A H41  1 
HETATM 1092 H H42  . PEG D 4 .  ? -1.841  11.228  -4.902  1.00   26.97 ? 202 PEG A H42  1 
HETATM 1093 H HO4  . PEG D 4 .  ? -2.952  13.544  -4.410  1.00   30.59 ? 202 PEG A HO4  1 
HETATM 1094 O O    . HOH E 5 .  ? -4.172  -3.379  -6.898  1.00   10.00 ? 301 HOH A O    1 
HETATM 1095 O O    . HOH E 5 .  ? 12.564  -5.231  -1.234  1.00   11.37 ? 302 HOH A O    1 
HETATM 1096 O O    . HOH E 5 .  ? -3.030  -11.159 3.452   0.50   10.94 ? 303 HOH A O    1 
HETATM 1097 O O    . HOH E 5 .  ? -8.488  4.492   -7.737  1.00   13.29 ? 304 HOH A O    1 
HETATM 1098 O O    . HOH E 5 .  ? 11.699  -4.229  2.783   1.00   12.51 ? 305 HOH A O    1 
HETATM 1099 O O    . HOH E 5 .  ? 7.171   1.024   2.480   1.00   13.78 ? 306 HOH A O    1 
HETATM 1100 O O    . HOH E 5 .  ? -1.101  -12.577 1.575   1.00   14.67 ? 307 HOH A O    1 
HETATM 1101 O O    . HOH E 5 .  ? 0.916   -2.442  9.115   1.00   16.28 ? 308 HOH A O    1 
HETATM 1102 O O    . HOH E 5 .  ? 9.977   4.182   0.440   1.00   15.76 ? 309 HOH A O    1 
HETATM 1103 O O    . HOH E 5 .  ? 2.611   -0.062  8.068   1.00   14.62 ? 310 HOH A O    1 
HETATM 1104 O O    . HOH E 5 .  ? -9.381  -1.189  -4.251  1.00   15.80 ? 311 HOH A O    1 
HETATM 1105 O O    . HOH E 5 .  ? 5.333   12.409  -4.318  1.00   16.62 ? 312 HOH A O    1 
HETATM 1106 O O    . HOH E 5 .  ? -2.230  -13.941 -2.840  1.00   16.23 ? 313 HOH A O    1 
HETATM 1107 O O    . HOH E 5 .  ? -7.658  -2.832  -6.138  1.00   15.88 ? 314 HOH A O    1 
HETATM 1108 O O    . HOH E 5 .  ? -7.563  -1.170  7.028   1.00   15.90 ? 315 HOH A O    1 
HETATM 1109 O O    . HOH E 5 .  ? 1.740   -18.034 -2.759  1.00   17.29 ? 316 HOH A O    1 
HETATM 1110 O O    . HOH E 5 .  ? -6.134  -11.286 -6.345  1.00   16.39 ? 317 HOH A O    1 
HETATM 1111 O O    . HOH E 5 .  ? -5.317  -1.074  -15.655 1.00   20.01 ? 318 HOH A O    1 
HETATM 1112 O O    . HOH E 5 .  ? 8.900   -1.048  1.826   1.00   17.40 ? 319 HOH A O    1 
HETATM 1113 O O    . HOH E 5 .  ? -0.412  -3.320  -10.450 1.00   22.10 ? 320 HOH A O    1 
HETATM 1114 O O    . HOH E 5 .  ? -11.417 -2.852  -3.465  1.00   25.06 ? 321 HOH A O    1 
HETATM 1115 O O    . HOH E 5 .  ? -8.054  -5.117  5.223   1.00   18.98 ? 322 HOH A O    1 
HETATM 1116 O O    . HOH E 5 .  ? -5.243  -6.711  -6.392  1.00   22.20 ? 323 HOH A O    1 
HETATM 1117 O O    . HOH E 5 .  ? -0.462  -14.001 -4.802  1.00   21.79 ? 324 HOH A O    1 
HETATM 1118 O O    . HOH E 5 .  ? 2.005   -6.749  -11.044 1.00   23.68 ? 325 HOH A O    1 
HETATM 1119 O O    . HOH E 5 .  ? 7.094   -2.900  10.095  1.00   25.61 ? 326 HOH A O    1 
HETATM 1120 O O    . HOH E 5 .  ? -7.876  -5.726  -6.586  1.00   24.58 ? 327 HOH A O    1 
HETATM 1121 O O    . HOH E 5 .  ? -1.030  6.197   10.851  1.00   20.67 ? 328 HOH A O    1 
HETATM 1122 O O    . HOH E 5 .  ? -13.281 -6.396  -1.432  1.00   28.33 ? 329 HOH A O    1 
HETATM 1123 O O    . HOH E 5 .  ? 9.229   -3.131  8.348   1.00   22.52 ? 330 HOH A O    1 
HETATM 1124 O O    . HOH E 5 .  ? 11.808  1.824   0.428   1.00   21.11 ? 331 HOH A O    1 
HETATM 1125 O O    . HOH E 5 .  ? -1.804  12.559  -1.434  1.00   23.12 ? 332 HOH A O    1 
HETATM 1126 O O    . HOH E 5 .  ? -13.018 -3.843  -0.166  1.00   25.60 ? 333 HOH A O    1 
HETATM 1127 O O    . HOH E 5 .  ? 14.356  -2.288  -5.690  1.00   26.17 ? 334 HOH A O    1 
HETATM 1128 O O    . HOH E 5 .  ? -5.203  8.241   -3.502  1.00   26.76 ? 335 HOH A O    1 
HETATM 1129 O O    . HOH E 5 .  ? -8.696  3.611   -3.812  1.00   22.70 ? 336 HOH A O    1 
HETATM 1130 O O    . HOH E 5 .  ? -10.069 -1.281  -10.449 1.00   28.40 ? 337 HOH A O    1 
HETATM 1131 O O    . HOH E 5 .  ? -9.985  1.338   -5.081  1.00   25.32 ? 338 HOH A O    1 
HETATM 1132 O O    . HOH E 5 .  ? 5.281   5.194   13.000  1.00   34.37 ? 339 HOH A O    1 
HETATM 1133 O O    . HOH E 5 .  ? 11.738  1.127   -5.079  1.00   27.66 ? 340 HOH A O    1 
HETATM 1134 O O    . HOH E 5 .  ? -9.750  1.961   -7.694  1.00   24.21 ? 341 HOH A O    1 
HETATM 1135 O O    . HOH E 5 .  ? 1.946   -0.798  10.774  1.00   26.00 ? 342 HOH A O    1 
HETATM 1136 O O    . HOH E 5 .  ? 3.597   7.527   -10.865 1.00   25.72 ? 343 HOH A O    1 
HETATM 1137 O O    . HOH E 5 .  ? 12.051  8.157   -5.472  1.00   36.54 ? 344 HOH A O    1 
HETATM 1138 O O    . HOH E 5 .  ? 2.483   -2.840  11.709  1.00   25.05 ? 345 HOH A O    1 
HETATM 1139 O O    . HOH E 5 .  ? 5.354   0.343   8.801   1.00   27.58 ? 346 HOH A O    1 
HETATM 1140 O O    . HOH E 5 .  ? -4.969  -7.263  -9.482  1.00   30.07 ? 347 HOH A O    1 
HETATM 1141 O O    . HOH E 5 .  ? 13.424  2.319   -1.885  1.00   23.55 ? 348 HOH A O    1 
HETATM 1142 O O    . HOH E 5 .  ? -7.052  -8.334  -12.870 1.00   28.75 ? 349 HOH A O    1 
HETATM 1143 O O    . HOH E 5 .  ? 11.033  4.868   -2.266  1.00   24.41 ? 350 HOH A O    1 
HETATM 1144 O O    . HOH E 5 .  ? -4.527  -13.036 -7.986  1.00   30.34 ? 351 HOH A O    1 
HETATM 1145 O O    . HOH E 5 .  ? -13.613 5.738   0.142   1.00   33.92 ? 352 HOH A O    1 
HETATM 1146 O O    . HOH E 5 .  ? -6.389  9.927   -0.354  1.00   24.07 ? 353 HOH A O    1 
HETATM 1147 O O    . HOH E 5 .  ? -8.342  7.926   3.763   1.00   26.53 ? 354 HOH A O    1 
HETATM 1148 O O    . HOH E 5 .  ? 3.948   3.059   13.868  1.00   39.05 ? 355 HOH A O    1 
HETATM 1149 O O    . HOH E 5 .  ? -4.014  -8.151  7.874   1.00   17.82 ? 356 HOH A O    1 
HETATM 1150 O O    . HOH E 5 .  ? -8.212  -3.805  7.457   1.00   28.72 ? 357 HOH A O    1 
HETATM 1151 O O    . HOH E 5 .  ? 15.857  -1.795  -3.633  1.00   34.10 ? 358 HOH A O    1 
HETATM 1152 O O    . HOH E 5 .  ? 10.792  -6.027  -11.000 1.00   36.70 ? 359 HOH A O    1 
HETATM 1153 O O    . HOH E 5 .  ? -2.628  -7.570  -8.691  1.00   37.02 ? 360 HOH A O    1 
HETATM 1154 O O    . HOH E 5 .  ? 0.086   -4.020  -5.888  1.00   30.01 ? 361 HOH A O    1 
HETATM 1155 O O    . HOH E 5 .  ? 5.026   -8.835  -10.068 1.00   30.00 ? 362 HOH A O    1 
HETATM 1156 O O    . HOH E 5 .  ? 5.758   -7.222  -13.892 1.00   30.02 ? 363 HOH A O    1 
HETATM 1157 O O    . HOH E 5 .  ? -3.026  9.283   8.822   1.00   16.21 ? 364 HOH A O    1 
HETATM 1158 O O    . HOH F 5 .  ? -4.543  11.317  7.721   1.00   16.40 ? 101 HOH B O    1 
HETATM 1159 O O    . HOH F 5 .  ? -1.462  -12.721 12.474  1.00   14.80 ? 102 HOH B O    1 
HETATM 1160 O O    . HOH F 5 .  ? -1.537  -9.933  12.319  1.00   16.79 ? 103 HOH B O    1 
HETATM 1161 O O    . HOH F 5 .  ? 4.799   -11.294 8.258   1.00   18.37 ? 104 HOH B O    1 
HETATM 1162 O O    . HOH F 5 .  ? -0.372  -0.707  12.208  1.00   24.54 ? 105 HOH B O    1 
HETATM 1163 O O    . HOH F 5 .  ? -8.199  11.010  1.238   1.00   24.24 ? 106 HOH B O    1 
HETATM 1164 O O    . HOH F 5 .  ? -7.030  -0.914  9.815   1.00   19.59 ? 107 HOH B O    1 
HETATM 1165 O O    . HOH F 5 .  ? -3.903  -2.330  13.673  1.00   27.78 ? 108 HOH B O    1 
HETATM 1166 O O    . HOH F 5 .  ? -9.988  7.739   8.230   1.00   31.38 ? 109 HOH B O    1 
HETATM 1167 O O    . HOH F 5 .  ? 5.926   -9.927  10.482  1.00   34.45 ? 110 HOH B O    1 
HETATM 1168 O O    . HOH F 5 .  ? 2.369   -8.693  13.204  1.00   34.04 ? 111 HOH B O    1 
HETATM 1169 O O    . HOH F 5 .  ? -2.406  -1.971  15.726  1.00   29.06 ? 112 HOH B O    1 
HETATM 1170 O O    . HOH F 5 .  ? -3.306  6.796   10.879  1.00   36.29 ? 113 HOH B O    1 
HETATM 1171 O O    . HOH F 5 .  ? -0.113  -0.676  15.085  1.00   27.63 ? 114 HOH B O    1 
HETATM 1172 O O    . HOH F 5 .  ? -6.650  0.349   13.629  1.00   35.02 ? 115 HOH B O    1 
HETATM 1173 O O    . HOH F 5 .  ? -6.066  2.855   14.887  1.00   31.20 ? 116 HOH B O    1 
# 
loop_
_atom_site_anisotrop.id 
_atom_site_anisotrop.type_symbol 
_atom_site_anisotrop.pdbx_label_atom_id 
_atom_site_anisotrop.pdbx_label_alt_id 
_atom_site_anisotrop.pdbx_label_comp_id 
_atom_site_anisotrop.pdbx_label_asym_id 
_atom_site_anisotrop.pdbx_label_seq_id 
_atom_site_anisotrop.pdbx_PDB_ins_code 
_atom_site_anisotrop.U[1][1] 
_atom_site_anisotrop.U[2][2] 
_atom_site_anisotrop.U[3][3] 
_atom_site_anisotrop.U[1][2] 
_atom_site_anisotrop.U[1][3] 
_atom_site_anisotrop.U[2][3] 
_atom_site_anisotrop.pdbx_auth_seq_id 
_atom_site_anisotrop.pdbx_auth_comp_id 
_atom_site_anisotrop.pdbx_auth_asym_id 
_atom_site_anisotrop.pdbx_auth_atom_id 
1    N N   . PRO A 5  ? 0.3066 0.2897 0.3242 -0.0741 0.0669  0.0349  63  PRO A N   
2    C CA  . PRO A 5  ? 0.3788 0.3345 0.3886 -0.0205 -0.0156 -0.0031 63  PRO A CA  
3    C C   . PRO A 5  ? 0.3529 0.3059 0.3658 -0.0074 0.0101  0.0191  63  PRO A C   
4    O O   . PRO A 5  ? 0.4182 0.3740 0.4049 0.0072  -0.0208 0.0251  63  PRO A O   
5    C CB  . PRO A 5  ? 0.3714 0.3248 0.3622 -0.0165 0.0037  -0.0357 63  PRO A CB  
6    C CG  . PRO A 5  ? 0.3693 0.3318 0.3266 0.0030  0.0260  -0.0240 63  PRO A CG  
7    C CD  . PRO A 5  ? 0.3654 0.2893 0.3379 -0.0301 0.0364  -0.0006 63  PRO A CD  
15   N N   . ASN A 6  ? 0.3238 0.1622 0.2854 -0.0124 0.0435  0.0236  64  ASN A N   
16   C CA  . ASN A 6  ? 0.2149 0.1521 0.2715 0.0114  0.0922  -0.0025 64  ASN A CA  
17   C C   . ASN A 6  ? 0.1823 0.1223 0.2111 0.0239  0.0351  0.0116  64  ASN A C   
18   O O   . ASN A 6  ? 0.1810 0.1448 0.2053 0.0271  0.0261  0.0140  64  ASN A O   
19   C CB  . ASN A 6  ? 0.2384 0.1437 0.3929 -0.0285 0.0870  0.0208  64  ASN A CB  
20   C CG  . ASN A 6  ? 0.3644 0.2165 0.3931 -0.0217 0.0280  0.0197  64  ASN A CG  
21   O OD1 . ASN A 6  ? 0.4170 0.2917 0.4379 -0.0293 -0.0062 -0.0164 64  ASN A OD1 
22   N ND2 . ASN A 6  ? 0.4079 0.2470 0.4160 -0.0083 0.0611  -0.0103 64  ASN A ND2 
29   N N   . LEU A 7  ? 0.1799 0.1435 0.1855 0.0025  0.0056  0.0292  65  LEU A N   
30   C CA  . LEU A 7  ? 0.1566 0.1363 0.1744 0.0153  0.0224  0.0354  65  LEU A CA  
31   C C   . LEU A 7  ? 0.1522 0.1100 0.1892 0.0199  -0.0047 0.0331  65  LEU A C   
32   O O   . LEU A 7  ? 0.1083 0.1226 0.2351 0.0149  0.0177  0.0691  65  LEU A O   
33   C CB  . LEU A 7  ? 0.2254 0.1825 0.1818 0.0310  0.0094  0.0393  65  LEU A CB  
34   C CG  . LEU A 7  ? 0.2646 0.1640 0.1679 0.0254  0.0170  0.0028  65  LEU A CG  
35   C CD1 . LEU A 7  ? 0.2543 0.2094 0.1747 -0.0124 0.0301  0.0279  65  LEU A CD1 
36   C CD2 . LEU A 7  ? 0.3159 0.2439 0.2114 0.0340  0.0255  -0.0353 65  LEU A CD2 
48   N N   . PHE A 8  ? 0.1040 0.1037 0.1559 0.0058  0.0045  0.0292  66  PHE A N   
49   C CA  . PHE A 8  ? 0.1122 0.0922 0.1405 0.0140  0.0029  -0.0008 66  PHE A CA  
50   C C   . PHE A 8  ? 0.1082 0.0897 0.1270 0.0221  0.0146  -0.0078 66  PHE A C   
51   O O   . PHE A 8  ? 0.1415 0.0938 0.1230 0.0174  0.0146  -0.0025 66  PHE A O   
52   C CB  . PHE A 8  ? 0.1036 0.0840 0.1633 0.0100  -0.0215 -0.0159 66  PHE A CB  
53   C CG  . PHE A 8  ? 0.1054 0.0931 0.1975 0.0189  -0.0022 -0.0172 66  PHE A CG  
54   C CD1 . PHE A 8  ? 0.1604 0.1303 0.1960 0.0295  -0.0419 -0.0410 66  PHE A CD1 
55   C CD2 . PHE A 8  ? 0.1319 0.1126 0.2355 -0.0016 0.0091  -0.0203 66  PHE A CD2 
56   C CE1 . PHE A 8  ? 0.1607 0.1761 0.2302 0.0303  -0.0506 -0.0667 66  PHE A CE1 
57   C CE2 . PHE A 8  ? 0.1440 0.1511 0.3124 -0.0251 0.0186  -0.0374 66  PHE A CE2 
58   C CZ  . PHE A 8  ? 0.1813 0.1545 0.2992 -0.0258 -0.0275 -0.0558 66  PHE A CZ  
68   N N   . VAL A 9  ? 0.1359 0.0837 0.1305 0.0199  0.0243  0.0031  67  VAL A N   
69   C CA  . VAL A 9  ? 0.1625 0.0800 0.1365 0.0180  0.0290  -0.0077 67  VAL A CA  
70   C C   . VAL A 9  ? 0.1350 0.0709 0.1178 0.0265  0.0196  -0.0041 67  VAL A C   
71   O O   . VAL A 9  ? 0.1122 0.0963 0.1253 0.0152  0.0185  -0.0046 67  VAL A O   
72   C CB  . VAL A 9  ? 0.2177 0.0945 0.2192 0.0130  0.0860  -0.0218 67  VAL A CB  
73   C CG1 . VAL A 9  ? 0.2133 0.1364 0.3370 0.0431  0.0776  -0.0246 67  VAL A CG1 
74   C CG2 . VAL A 9  ? 0.2560 0.1317 0.2943 0.0188  0.1113  -0.0482 67  VAL A CG2 
84   N N   . ALA A 10 ? 0.1301 0.0735 0.1173 0.0118  0.0177  0.0010  68  ALA A N   
85   C CA  . ALA A 10 ? 0.1121 0.0816 0.1228 0.0088  0.0043  -0.0087 68  ALA A CA  
86   C C   . ALA A 10 ? 0.0985 0.0709 0.1247 0.0125  -0.0003 -0.0007 68  ALA A C   
87   O O   . ALA A 10 ? 0.1363 0.0718 0.1141 0.0264  -0.0027 -0.0020 68  ALA A O   
88   C CB  . ALA A 10 ? 0.1189 0.0773 0.1527 0.0136  -0.0022 0.0025  68  ALA A CB  
94   N N   . LEU A 11 ? 0.1133 0.0742 0.1163 0.0175  -0.0078 -0.0004 69  LEU A N   
95   C CA  . LEU A 11 ? 0.1042 0.0868 0.1114 0.0207  -0.0041 0.0035  69  LEU A CA  
96   C C   . LEU A 11 ? 0.1094 0.0911 0.1195 0.0256  -0.0111 0.0130  69  LEU A C   
97   O O   . LEU A 11 ? 0.1218 0.0799 0.1482 0.0202  -0.0015 0.0046  69  LEU A O   
98   C CB  . LEU A 11 ? 0.0909 0.1279 0.1050 0.0130  0.0035  -0.0051 69  LEU A CB  
99   C CG  . LEU A 11 ? 0.1540 0.3196 0.1221 -0.0366 0.0077  -0.0636 69  LEU A CG  
100  C CD1 . LEU A 11 ? 0.1659 0.4295 0.1636 -0.0671 0.0037  -0.0443 69  LEU A CD1 
101  C CD2 . LEU A 11 ? 0.1843 0.4242 0.1815 -0.0637 -0.0068 -0.0690 69  LEU A CD2 
113  N N   . TYR A 12 ? 0.1069 0.0841 0.1388 0.0223  -0.0030 0.0092  70  TYR A N   
114  C CA  . TYR A 12 ? 0.1106 0.0717 0.1395 0.0227  -0.0027 0.0054  70  TYR A CA  
115  C C   . TYR A 12 ? 0.1151 0.0622 0.1427 0.0125  0.0004  0.0080  70  TYR A C   
116  O O   . TYR A 12 ? 0.1062 0.0778 0.1698 0.0017  -0.0023 0.0233  70  TYR A O   
117  C CB  . TYR A 12 ? 0.1120 0.1093 0.1487 0.0193  -0.0020 0.0270  70  TYR A CB  
118  C CG  . TYR A 12 ? 0.1247 0.0986 0.1223 0.0267  -0.0022 0.0299  70  TYR A CG  
119  C CD1 . TYR A 12 ? 0.1690 0.0975 0.1469 0.0221  -0.0159 0.0148  70  TYR A CD1 
120  C CD2 . TYR A 12 ? 0.1059 0.1059 0.1333 0.0165  -0.0017 0.0178  70  TYR A CD2 
121  C CE1 . TYR A 12 ? 0.1643 0.1057 0.1329 0.0543  -0.0162 0.0149  70  TYR A CE1 
122  C CE2 . TYR A 12 ? 0.1110 0.1055 0.1094 0.0102  -0.0035 0.0167  70  TYR A CE2 
123  C CZ  . TYR A 12 ? 0.1248 0.1087 0.1171 0.0256  -0.0026 0.0201  70  TYR A CZ  
124  O OH  . TYR A 12 ? 0.1302 0.1466 0.1335 0.0349  -0.0171 0.0253  70  TYR A OH  
134  N N   . ASP A 13 ? 0.1037 0.0678 0.1581 -0.0010 0.0024  0.0164  71  ASP A N   
135  C CA  . ASP A 13 ? 0.1108 0.0771 0.1467 -0.0133 -0.0004 0.0182  71  ASP A CA  
136  C C   . ASP A 13 ? 0.0965 0.0680 0.1374 0.0007  0.0012  0.0193  71  ASP A C   
137  O O   . ASP A 13 ? 0.1086 0.0866 0.1431 -0.0002 0.0062  0.0313  71  ASP A O   
138  C CB  . ASP A 13 ? 0.1306 0.0870 0.1536 -0.0201 0.0082  0.0061  71  ASP A CB  
139  C CG  . ASP A 13 ? 0.1243 0.0980 0.1689 -0.0393 0.0247  0.0043  71  ASP A CG  
140  O OD1 . ASP A 13 ? 0.1504 0.0923 0.1977 -0.0334 0.0350  -0.0203 71  ASP A OD1 
141  O OD2 . ASP A 13 ? 0.1442 0.1429 0.1692 -0.0522 0.0193  -0.0138 71  ASP A OD2 
146  N N   . PHE A 14 ? 0.0991 0.0730 0.1410 0.0057  0.0051  0.0212  72  PHE A N   
147  C CA  . PHE A 14 ? 0.0966 0.0776 0.1550 -0.0034 0.0097  0.0283  72  PHE A CA  
148  C C   . PHE A 14 ? 0.1101 0.0683 0.1393 -0.0034 0.0044  0.0181  72  PHE A C   
149  O O   . PHE A 14 ? 0.1003 0.0957 0.1442 -0.0064 -0.0065 0.0297  72  PHE A O   
150  C CB  . PHE A 14 ? 0.0982 0.0956 0.1266 0.0015  0.0020  0.0266  72  PHE A CB  
151  C CG  . PHE A 14 ? 0.0892 0.0808 0.1291 -0.0031 0.0082  0.0208  72  PHE A CG  
152  C CD1 . PHE A 14 ? 0.1040 0.0848 0.1457 -0.0045 0.0000  0.0265  72  PHE A CD1 
153  C CD2 . PHE A 14 ? 0.1178 0.0807 0.1313 0.0093  -0.0071 0.0169  72  PHE A CD2 
154  C CE1 . PHE A 14 ? 0.1122 0.1260 0.1337 -0.0109 -0.0046 0.0192  72  PHE A CE1 
155  C CE2 . PHE A 14 ? 0.1490 0.0903 0.1499 0.0048  -0.0245 0.0210  72  PHE A CE2 
156  C CZ  . PHE A 14 ? 0.1304 0.1044 0.1473 0.0057  -0.0065 0.0092  72  PHE A CZ  
166  N N   . VAL A 15 ? 0.1000 0.0923 0.1494 -0.0154 0.0096  0.0252  73  VAL A N   
167  C CA  . VAL A 15 ? 0.1048 0.1004 0.1755 -0.0050 -0.0147 0.0239  73  VAL A CA  
168  C C   . VAL A 15 ? 0.0831 0.1152 0.1850 -0.0024 -0.0044 0.0086  73  VAL A C   
169  O O   . VAL A 15 ? 0.1074 0.1211 0.2100 0.0015  -0.0077 -0.0114 73  VAL A O   
170  C CB  . VAL A 15 ? 0.1025 0.1183 0.1887 -0.0325 0.0187  0.0178  73  VAL A CB  
171  C CG1 . VAL A 15 ? 0.1171 0.1552 0.2711 -0.0460 -0.0063 0.0318  73  VAL A CG1 
172  C CG2 . VAL A 15 ? 0.1283 0.1162 0.1948 -0.0407 -0.0042 0.0219  73  VAL A CG2 
182  N N   . ALA A 16 ? 0.1052 0.1118 0.2054 -0.0038 0.0024  0.0088  74  ALA A N   
183  C CA  . ALA A 16 ? 0.1163 0.1246 0.2206 -0.0011 0.0288  0.0027  74  ALA A CA  
184  C C   . ALA A 16 ? 0.1054 0.1340 0.2186 0.0007  0.0243  0.0201  74  ALA A C   
185  O O   . ALA A 16 ? 0.1119 0.1591 0.2345 -0.0056 0.0058  -0.0001 74  ALA A O   
186  C CB  . ALA A 16 ? 0.1822 0.1194 0.2167 0.0259  0.0186  0.0328  74  ALA A CB  
192  N N   . SER A 17 ? 0.1325 0.1203 0.2171 0.0179  0.0293  0.0130  75  SER A N   
193  C CA  . SER A 17 ? 0.1715 0.1390 0.2114 0.0189  0.0311  0.0095  75  SER A CA  
194  C C   . SER A 17 ? 0.1876 0.1760 0.2541 0.0085  0.0826  -0.0289 75  SER A C   
195  O O   . SER A 17 ? 0.3205 0.2406 0.3201 0.0405  0.0797  0.0125  75  SER A O   
196  C CB  . SER A 17 ? 0.1830 0.1847 0.1887 -0.0046 0.0010  0.0375  75  SER A CB  
197  O OG  . SER A 17 ? 0.1847 0.1934 0.2212 -0.0119 -0.0225 0.0288  75  SER A OG  
203  N N   . GLY A 18 ? 0.3754 0.1777 0.3668 0.0756  -0.0637 -0.0066 76  GLY A N   
204  C CA  . GLY A 18 ? 0.2856 0.2442 0.4108 0.0362  0.0022  0.1029  76  GLY A CA  
205  C C   . GLY A 18 ? 0.1600 0.1688 0.4162 0.0483  0.0701  0.0130  76  GLY A C   
206  O O   . GLY A 18 ? 0.2349 0.1802 0.4938 0.0566  0.1088  0.0947  76  GLY A O   
207  N N   . ASP A 19 ? 0.1769 0.2175 0.4529 0.0288  0.1004  0.0770  77  ASP A N   
208  C CA  . ASP A 19 ? 0.2197 0.2385 0.3902 0.0551  0.0947  0.0538  77  ASP A CA  
209  C C   . ASP A 19 ? 0.2312 0.1830 0.3094 0.0735  0.0704  0.0363  77  ASP A C   
210  O O   . ASP A 19 ? 0.2476 0.2144 0.3358 0.0517  0.0016  0.0219  77  ASP A O   
211  C CB  . ASP A 19 ? 0.3164 0.2625 0.4009 0.0611  0.0866  0.0098  77  ASP A CB  
212  C CG  . ASP A 19 ? 0.4292 0.4289 0.4676 0.0280  -0.0207 0.0741  77  ASP A CG  
213  O OD1 . ASP A 19 ? 0.4237 0.4752 0.5045 0.0261  0.0177  0.0522  77  ASP A OD1 
214  O OD2 . ASP A 19 ? 0.4590 0.5260 0.4951 0.0106  -0.0180 0.0965  77  ASP A OD2 
219  N N   . ASN A 20 ? 0.1279 0.1327 0.3345 0.0366  0.0600  0.0357  78  ASN A N   
220  C CA  . ASN A 20 ? 0.1477 0.1558 0.2950 0.0665  0.0174  0.0524  78  ASN A CA  
221  C C   . ASN A 20 ? 0.1187 0.1205 0.2019 0.0316  -0.0226 0.0277  78  ASN A C   
222  O O   . ASN A 20 ? 0.1018 0.1597 0.2421 0.0443  0.0193  0.0641  78  ASN A O   
223  C CB  . ASN A 20 ? 0.2333 0.1725 0.3680 0.0919  0.0413  0.0582  78  ASN A CB  
224  C CG  . ASN A 20 ? 0.3185 0.2814 0.3451 0.0576  -0.0309 0.0486  78  ASN A CG  
225  O OD1 . ASN A 20 ? 0.3591 0.3011 0.3371 0.0429  -0.0620 0.0550  78  ASN A OD1 
226  N ND2 . ASN A 20 ? 0.3521 0.2889 0.3236 0.0437  -0.0527 0.0473  78  ASN A ND2 
233  N N   . THR A 21 ? 0.0907 0.1157 0.2005 0.0200  0.0022  0.0178  79  THR A N   
234  C CA  . THR A 21 ? 0.0881 0.1034 0.1828 0.0280  -0.0134 0.0029  79  THR A CA  
235  C C   . THR A 21 ? 0.1003 0.1102 0.1722 0.0062  -0.0389 0.0118  79  THR A C   
236  O O   . THR A 21 ? 0.1318 0.1816 0.2224 0.0356  -0.0651 -0.0356 79  THR A O   
237  C CB  . THR A 21 ? 0.1054 0.1172 0.1904 0.0200  0.0007  0.0017  79  THR A CB  
238  O OG1 . THR A 21 ? 0.1289 0.0991 0.2463 0.0008  -0.0225 0.0235  79  THR A OG1 
239  C CG2 . THR A 21 ? 0.1124 0.1310 0.1836 0.0018  0.0214  -0.0016 79  THR A CG2 
247  N N   . LEU A 22 ? 0.0973 0.0894 0.1507 0.0159  -0.0129 0.0262  80  LEU A N   
248  C CA  . LEU A 22 ? 0.1132 0.0828 0.1404 -0.0006 -0.0247 0.0206  80  LEU A CA  
249  C C   . LEU A 22 ? 0.0967 0.0901 0.1523 -0.0184 -0.0212 0.0388  80  LEU A C   
250  O O   . LEU A 22 ? 0.1188 0.0860 0.1492 0.0008  -0.0290 0.0285  80  LEU A O   
251  C CB  . LEU A 22 ? 0.1351 0.0958 0.1501 -0.0003 -0.0275 0.0259  80  LEU A CB  
252  C CG  . LEU A 22 ? 0.1704 0.0870 0.1316 -0.0035 -0.0216 0.0276  80  LEU A CG  
253  C CD1 . LEU A 22 ? 0.2232 0.1381 0.1271 -0.0323 -0.0469 0.0233  80  LEU A CD1 
254  C CD2 . LEU A 22 ? 0.1977 0.1058 0.1346 -0.0151 0.0122  0.0252  80  LEU A CD2 
266  N N   . SER A 23 ? 0.1147 0.1014 0.1338 -0.0042 -0.0267 0.0236  81  SER A N   
267  C CA  . SER A 23 ? 0.1399 0.0725 0.1385 -0.0056 -0.0097 0.0206  81  SER A CA  
268  C C   . SER A 23 ? 0.1434 0.0864 0.1248 -0.0091 -0.0026 0.0208  81  SER A C   
269  O O   . SER A 23 ? 0.1588 0.1050 0.1271 -0.0115 -0.0134 0.0249  81  SER A O   
270  C CB  . SER A 23 ? 0.1543 0.0982 0.1722 -0.0221 -0.0114 0.0240  81  SER A CB  
271  O OG  . SER A 23 ? 0.1315 0.1300 0.2166 -0.0257 -0.0008 0.0245  81  SER A OG  
277  N N   . ILE A 24 ? 0.1276 0.0860 0.1304 -0.0149 -0.0020 0.0284  82  ILE A N   
278  C CA  . ILE A 24 ? 0.1471 0.0646 0.1332 -0.0201 0.0034  0.0136  82  ILE A CA  
279  C C   . ILE A 24 ? 0.1322 0.0941 0.1349 -0.0251 0.0108  0.0185  82  ILE A C   
280  O O   . ILE A 24 ? 0.1295 0.0794 0.1425 -0.0108 0.0006  0.0125  82  ILE A O   
281  C CB  . ILE A 24 ? 0.1229 0.0809 0.1332 -0.0190 0.0103  0.0073  82  ILE A CB  
282  C CG1 . ILE A 24 ? 0.1124 0.0927 0.1388 -0.0064 -0.0067 0.0178  82  ILE A CG1 
283  C CG2 . ILE A 24 ? 0.1548 0.0941 0.1302 -0.0319 -0.0204 0.0218  82  ILE A CG2 
284  C CD1 . ILE A 24 ? 0.1206 0.0954 0.1340 0.0173  -0.0080 0.0040  82  ILE A CD1 
296  N N   . THR A 25 ? 0.1560 0.0770 0.1277 -0.0263 0.0123  -0.0084 83  THR A N   
297  C CA  . THR A 25 ? 0.1604 0.0950 0.1567 -0.0371 0.0098  -0.0164 83  THR A CA  
298  C C   . THR A 25 ? 0.1424 0.0927 0.1530 -0.0228 0.0264  -0.0146 83  THR A C   
299  O O   . THR A 25 ? 0.1523 0.0914 0.1647 -0.0190 0.0140  -0.0118 83  THR A O   
300  C CB  . THR A 25 ? 0.1880 0.1259 0.1795 -0.0587 -0.0073 0.0087  83  THR A CB  
301  O OG1 . THR A 25 ? 0.2077 0.1270 0.1808 -0.0454 -0.0194 -0.0066 83  THR A OG1 
302  C CG2 . THR A 25 ? 0.2178 0.1304 0.2085 -0.0355 0.0173  -0.0318 83  THR A CG2 
310  N N   . LYS A 26 ? 0.1439 0.0954 0.1551 -0.0143 0.0330  -0.0014 84  LYS A N   
311  C CA  . LYS A 26 ? 0.1483 0.0955 0.1395 -0.0253 0.0105  -0.0114 84  LYS A CA  
312  C C   . LYS A 26 ? 0.1767 0.0819 0.1390 -0.0141 0.0009  -0.0115 84  LYS A C   
313  O O   . LYS A 26 ? 0.2060 0.1025 0.1487 -0.0138 0.0042  -0.0318 84  LYS A O   
314  C CB  . LYS A 26 ? 0.1667 0.1036 0.1719 -0.0218 0.0168  -0.0044 84  LYS A CB  
315  C CG  . LYS A 26 ? 0.1806 0.0961 0.1845 0.0190  0.0186  -0.0031 84  LYS A CG  
316  C CD  . LYS A 26 ? 0.1647 0.1564 0.2140 -0.0122 0.0032  -0.0078 84  LYS A CD  
317  C CE  . LYS A 26 ? 0.1525 0.1608 0.1986 -0.0239 -0.0032 0.0137  84  LYS A CE  
318  N NZ  . LYS A 26 ? 0.1594 0.1064 0.2471 -0.0055 -0.0072 0.0115  84  LYS A NZ  
332  N N   . GLY A 27 ? 0.1615 0.0925 0.1164 0.0061  0.0087  -0.0147 85  GLY A N   
333  C CA  . GLY A 27 ? 0.1557 0.1303 0.1341 0.0268  0.0086  -0.0081 85  GLY A CA  
334  C C   . GLY A 27 ? 0.2010 0.1448 0.1066 0.0389  0.0046  0.0027  85  GLY A C   
335  O O   . GLY A 27 ? 0.2207 0.2073 0.1174 0.0413  0.0187  0.0215  85  GLY A O   
339  N N   . GLU A 28 ? 0.2041 0.1235 0.1531 0.0107  -0.0293 0.0365  86  GLU A N   
340  C CA  . GLU A 28 ? 0.2018 0.1451 0.1579 0.0368  -0.0249 0.0009  86  GLU A CA  
341  C C   . GLU A 28 ? 0.2046 0.1454 0.1211 0.0086  -0.0031 -0.0180 86  GLU A C   
342  O O   . GLU A 28 ? 0.2576 0.1277 0.1214 0.0054  -0.0218 -0.0096 86  GLU A O   
343  C CB  . GLU A 28 ? 0.2614 0.1778 0.3189 0.0459  -0.0528 0.0745  86  GLU A CB  
344  C CG  . GLU A 28 ? 0.2419 0.2091 0.3118 0.0244  0.0579  -0.0007 86  GLU A CG  
345  C CD  . GLU A 28 ? 0.3452 0.1600 0.2575 0.0037  -0.0918 0.0361  86  GLU A CD  
346  O OE1 . GLU A 28 ? 0.4411 0.2528 0.2628 -0.0444 -0.1157 0.0813  86  GLU A OE1 
347  O OE2 . GLU A 28 ? 0.1986 0.1666 0.1619 0.0021  -0.0002 0.0125  86  GLU A OE2 
354  N N   . LYS A 29 ? 0.2176 0.1249 0.1064 -0.0101 -0.0032 -0.0223 87  LYS A N   
355  C CA  . LYS A 29 ? 0.1905 0.1431 0.1189 -0.0146 0.0131  -0.0252 87  LYS A CA  
356  C C   . LYS A 29 ? 0.1855 0.1356 0.1113 0.0116  -0.0156 -0.0021 87  LYS A C   
357  O O   . LYS A 29 ? 0.2078 0.1775 0.1435 0.0153  -0.0435 -0.0169 87  LYS A O   
358  C CB  . LYS A 29 ? 0.2270 0.1814 0.1825 -0.0031 0.0394  -0.0270 87  LYS A CB  
359  C CG  . LYS A 29 ? 0.3227 0.2069 0.2251 0.0728  0.0996  -0.0276 87  LYS A CG  
360  C CD  . LYS A 29 ? 0.3491 0.2401 0.3023 0.0760  0.0774  0.0338  87  LYS A CD  
361  C CE  . LYS A 29 ? 0.3837 0.3455 0.3488 0.0463  0.0681  0.0821  87  LYS A CE  
362  N NZ  . LYS A 29 ? 0.4323 0.4259 0.4092 0.0244  0.0323  0.0267  87  LYS A NZ  
376  N N   A LEU A 30 ? 0.1242 0.1351 0.0715 -0.0174 -0.0159 0.0098  88  LEU A N   
377  N N   B LEU A 30 ? 0.1846 0.0844 0.1383 0.0355  0.0003  -0.0112 88  LEU A N   
378  C CA  A LEU A 30 ? 0.1087 0.1673 0.1253 -0.0038 -0.0251 0.0343  88  LEU A CA  
379  C CA  B LEU A 30 ? 0.1562 0.1015 0.1001 0.0370  -0.0066 0.0034  88  LEU A CA  
380  C C   A LEU A 30 ? 0.1286 0.1316 0.0969 0.0315  0.0039  -0.0123 88  LEU A C   
381  C C   B LEU A 30 ? 0.1445 0.1208 0.0676 0.0103  -0.0203 -0.0090 88  LEU A C   
382  O O   A LEU A 30 ? 0.1258 0.1375 0.0834 0.0347  -0.0064 -0.0042 88  LEU A O   
383  O O   B LEU A 30 ? 0.1344 0.1177 0.0734 0.0024  -0.0065 0.0017  88  LEU A O   
384  C CB  A LEU A 30 ? 0.1548 0.1404 0.1552 0.0505  -0.0124 0.0203  88  LEU A CB  
385  C CB  B LEU A 30 ? 0.1647 0.1214 0.1012 0.0536  0.0443  0.0307  88  LEU A CB  
386  C CG  A LEU A 30 ? 0.1183 0.1160 0.1258 0.0302  -0.0111 0.0228  88  LEU A CG  
387  C CG  B LEU A 30 ? 0.1360 0.0811 0.1200 -0.0045 0.0024  0.0109  88  LEU A CG  
388  C CD1 A LEU A 30 ? 0.1794 0.0861 0.1201 0.0338  -0.0682 0.0029  88  LEU A CD1 
389  C CD1 B LEU A 30 ? 0.0991 0.1103 0.0986 0.0023  0.0154  -0.0041 88  LEU A CD1 
390  C CD2 A LEU A 30 ? 0.1582 0.0781 0.1552 0.0423  -0.0214 0.0343  88  LEU A CD2 
391  C CD2 B LEU A 30 ? 0.1203 0.0933 0.1310 0.0101  -0.0041 0.0276  88  LEU A CD2 
414  N N   . ARG A 31 ? 0.1120 0.1133 0.0936 0.0108  -0.0098 -0.0057 89  ARG A N   
415  C CA  . ARG A 31 ? 0.1269 0.1227 0.1117 0.0025  0.0038  -0.0204 89  ARG A CA  
416  C C   . ARG A 31 ? 0.1094 0.1143 0.1154 0.0020  -0.0071 -0.0187 89  ARG A C   
417  O O   . ARG A 31 ? 0.1078 0.2037 0.1707 0.0136  -0.0178 -0.1067 89  ARG A O   
418  C CB  . ARG A 31 ? 0.2528 0.2527 0.2525 0.0000  -0.0003 0.0002  89  ARG A CB  
419  C CG  . ARG A 31 ? 0.2534 0.2533 0.2532 0.0000  0.0000  0.0000  89  ARG A CG  
420  C CD  . ARG A 31 ? 0.2533 0.2533 0.2533 0.0000  0.0000  0.0000  89  ARG A CD  
421  N NE  . ARG A 31 ? 0.2533 0.2533 0.2533 0.0000  0.0000  0.0000  89  ARG A NE  
422  C CZ  . ARG A 31 ? 0.2533 0.2533 0.2533 0.0000  0.0000  0.0000  89  ARG A CZ  
423  N NH1 . ARG A 31 ? 0.2533 0.2533 0.2533 0.0000  0.0000  0.0000  89  ARG A NH1 
424  N NH2 . ARG A 31 ? 0.2533 0.2533 0.2533 0.0000  0.0000  0.0000  89  ARG A NH2 
439  N N   . VAL A 32 ? 0.1001 0.1028 0.0946 0.0012  -0.0070 -0.0096 90  VAL A N   
440  C CA  . VAL A 32 ? 0.0931 0.0890 0.0930 -0.0036 -0.0167 -0.0054 90  VAL A CA  
441  C C   . VAL A 32 ? 0.1071 0.0966 0.0872 -0.0133 -0.0155 0.0089  90  VAL A C   
442  O O   . VAL A 32 ? 0.1012 0.1163 0.1580 -0.0212 0.0062  0.0156  90  VAL A O   
443  C CB  . VAL A 32 ? 0.1163 0.1076 0.1075 -0.0029 -0.0242 -0.0043 90  VAL A CB  
444  C CG1 . VAL A 32 ? 0.1384 0.1043 0.1091 0.0039  -0.0308 -0.0044 90  VAL A CG1 
445  C CG2 . VAL A 32 ? 0.1601 0.0968 0.1233 0.0206  -0.0158 0.0048  90  VAL A CG2 
455  N N   . LEU A 33 ? 0.1016 0.0733 0.0810 -0.0077 -0.0121 -0.0074 91  LEU A N   
456  C CA  . LEU A 33 ? 0.1145 0.0851 0.0803 -0.0071 -0.0221 0.0109  91  LEU A CA  
457  C C   . LEU A 33 ? 0.1169 0.0701 0.0892 -0.0051 -0.0232 0.0070  91  LEU A C   
458  O O   . LEU A 33 ? 0.1363 0.0812 0.1048 -0.0192 -0.0206 0.0076  91  LEU A O   
459  C CB  . LEU A 33 ? 0.1536 0.0760 0.0871 -0.0033 -0.0330 0.0040  91  LEU A CB  
460  C CG  . LEU A 33 ? 0.1627 0.1220 0.0840 -0.0122 -0.0379 -0.0138 91  LEU A CG  
461  C CD1 . LEU A 33 ? 0.1821 0.1700 0.1389 0.0424  -0.0832 -0.0414 91  LEU A CD1 
462  C CD2 . LEU A 33 ? 0.2173 0.2729 0.1045 -0.0342 -0.0652 0.0123  91  LEU A CD2 
474  N N   . GLY A 34 ? 0.1183 0.0729 0.0878 -0.0009 -0.0266 -0.0079 92  GLY A N   
475  C CA  . GLY A 34 ? 0.1071 0.0734 0.0844 0.0066  -0.0331 -0.0042 92  GLY A CA  
476  C C   . GLY A 34 ? 0.0996 0.0660 0.0880 0.0104  -0.0289 -0.0046 92  GLY A C   
477  O O   . GLY A 34 ? 0.1080 0.0663 0.0865 0.0027  -0.0273 -0.0073 92  GLY A O   
481  N N   . TYR A 35 ? 0.1056 0.0692 0.0831 0.0006  -0.0218 -0.0165 93  TYR A N   
482  C CA  . TYR A 35 ? 0.1080 0.0736 0.0853 0.0072  -0.0188 -0.0050 93  TYR A CA  
483  C C   . TYR A 35 ? 0.1137 0.0759 0.0772 0.0141  -0.0233 -0.0176 93  TYR A C   
484  O O   . TYR A 35 ? 0.1143 0.0696 0.1031 0.0078  -0.0168 -0.0135 93  TYR A O   
485  C CB  . TYR A 35 ? 0.1112 0.0968 0.0917 0.0166  -0.0217 0.0009  93  TYR A CB  
486  C CG  . TYR A 35 ? 0.1118 0.0862 0.1022 0.0170  -0.0246 -0.0007 93  TYR A CG  
487  C CD1 . TYR A 35 ? 0.1122 0.0927 0.1210 0.0274  -0.0147 -0.0021 93  TYR A CD1 
488  C CD2 . TYR A 35 ? 0.1114 0.1043 0.1044 0.0243  -0.0175 0.0139  93  TYR A CD2 
489  C CE1 . TYR A 35 ? 0.1203 0.0943 0.1422 0.0207  -0.0070 0.0002  93  TYR A CE1 
490  C CE2 . TYR A 35 ? 0.1122 0.1105 0.1317 0.0237  -0.0063 0.0056  93  TYR A CE2 
491  C CZ  . TYR A 35 ? 0.1114 0.0947 0.1368 0.0277  -0.0066 -0.0078 93  TYR A CZ  
492  O OH  . TYR A 35 ? 0.1273 0.1105 0.1810 0.0223  -0.0025 -0.0249 93  TYR A OH  
502  N N   . ASN A 36 ? 0.1209 0.0763 0.0923 0.0154  -0.0078 -0.0139 94  ASN A N   
503  C CA  . ASN A 36 ? 0.1194 0.0811 0.1118 0.0080  -0.0016 -0.0131 94  ASN A CA  
504  C C   . ASN A 36 ? 0.1153 0.1003 0.0904 0.0021  -0.0113 -0.0228 94  ASN A C   
505  O O   . ASN A 36 ? 0.1125 0.1139 0.1007 0.0053  -0.0125 -0.0262 94  ASN A O   
506  C CB  . ASN A 36 ? 0.1203 0.1056 0.1010 0.0111  -0.0087 -0.0177 94  ASN A CB  
507  C CG  . ASN A 36 ? 0.1278 0.1010 0.1142 0.0069  -0.0034 -0.0161 94  ASN A CG  
508  O OD1 . ASN A 36 ? 0.1326 0.0972 0.0984 0.0159  -0.0153 -0.0067 94  ASN A OD1 
509  N ND2 . ASN A 36 ? 0.1541 0.1499 0.1255 0.0245  0.0280  -0.0005 94  ASN A ND2 
516  N N   . GLN A 37 ? 0.1268 0.1234 0.1077 0.0163  -0.0135 -0.0345 95  GLN A N   
517  C CA  . GLN A 37 ? 0.1565 0.1350 0.1245 0.0084  -0.0150 -0.0559 95  GLN A CA  
518  C C   . GLN A 37 ? 0.1422 0.1487 0.1156 -0.0055 -0.0141 -0.0405 95  GLN A C   
519  O O   . GLN A 37 ? 0.1554 0.1568 0.1476 -0.0066 -0.0251 -0.0342 95  GLN A O   
520  C CB  . GLN A 37 ? 0.2138 0.1766 0.1548 -0.0108 -0.0225 -0.0955 95  GLN A CB  
521  C CG  . GLN A 37 ? 0.3105 0.2589 0.2953 -0.0183 -0.0521 -0.1063 95  GLN A CG  
522  C CD  . GLN A 37 ? 0.2578 0.2297 0.3155 -0.0266 0.0237  -0.1210 95  GLN A CD  
523  O OE1 . GLN A 37 ? 0.1581 0.1718 0.3071 0.0099  0.0412  -0.0928 95  GLN A OE1 
524  N NE2 . GLN A 37 ? 0.2595 0.2573 0.2817 -0.0648 0.0822  -0.0845 95  GLN A NE2 
533  N N   . THR A 38 ? 0.1501 0.1468 0.1004 -0.0094 -0.0202 -0.0164 96  THR A N   
534  C CA  . THR A 38 ? 0.1906 0.1554 0.1057 -0.0135 -0.0268 -0.0211 96  THR A CA  
535  C C   . THR A 38 ? 0.1429 0.1566 0.1217 -0.0067 -0.0338 -0.0210 96  THR A C   
536  O O   . THR A 38 ? 0.1820 0.1968 0.1333 0.0261  -0.0548 -0.0043 96  THR A O   
537  C CB  . THR A 38 ? 0.2220 0.1659 0.1143 -0.0115 -0.0262 -0.0171 96  THR A CB  
538  O OG1 . THR A 38 ? 0.1858 0.1844 0.1199 -0.0097 -0.0028 0.0027  96  THR A OG1 
539  C CG2 . THR A 38 ? 0.2891 0.2109 0.1183 -0.0097 0.0195  -0.0075 96  THR A CG2 
547  N N   . GLY A 39 ? 0.1379 0.1307 0.1073 0.0007  -0.0259 -0.0173 97  GLY A N   
548  C CA  . GLY A 39 ? 0.1447 0.1235 0.1161 0.0012  -0.0395 0.0036  97  GLY A CA  
549  C C   . GLY A 39 ? 0.1362 0.1332 0.0992 0.0155  -0.0268 -0.0070 97  GLY A C   
550  O O   . GLY A 39 ? 0.1565 0.1289 0.1261 0.0111  -0.0323 -0.0167 97  GLY A O   
554  N N   . GLU A 40 ? 0.1274 0.1088 0.0969 0.0063  -0.0200 0.0009  98  GLU A N   
555  C CA  . GLU A 40 ? 0.1508 0.1177 0.0855 0.0037  -0.0202 0.0055  98  GLU A CA  
556  C C   . GLU A 40 ? 0.1202 0.1011 0.0946 0.0114  -0.0120 -0.0053 98  GLU A C   
557  O O   . GLU A 40 ? 0.1247 0.0950 0.0847 0.0125  -0.0155 0.0072  98  GLU A O   
558  C CB  . GLU A 40 ? 0.2081 0.1392 0.0878 -0.0222 -0.0321 0.0024  98  GLU A CB  
559  C CG  . GLU A 40 ? 0.2182 0.2051 0.1113 -0.0184 -0.0056 0.0041  98  GLU A CG  
560  C CD  . GLU A 40 ? 0.2630 0.3230 0.1241 -0.0308 -0.0195 -0.0250 98  GLU A CD  
561  O OE1 . GLU A 40 ? 0.2972 0.2733 0.1796 -0.0578 0.0090  -0.0532 98  GLU A OE1 
562  O OE2 . GLU A 40 ? 0.3375 0.4119 0.1716 -0.0512 -0.0403 0.0345  98  GLU A OE2 
569  N N   . TRP A 41 ? 0.1162 0.0930 0.0711 0.0079  -0.0207 0.0075  99  TRP A N   
570  C CA  . TRP A 41 ? 0.1072 0.0904 0.0935 0.0102  -0.0083 0.0055  99  TRP A CA  
571  C C   . TRP A 41 ? 0.0983 0.0730 0.0850 0.0075  -0.0147 0.0000  99  TRP A C   
572  O O   . TRP A 41 ? 0.1167 0.0775 0.0849 0.0069  -0.0030 -0.0021 99  TRP A O   
573  C CB  . TRP A 41 ? 0.1027 0.0943 0.1091 0.0201  -0.0156 -0.0053 99  TRP A CB  
574  C CG  . TRP A 41 ? 0.1100 0.1109 0.0937 0.0155  -0.0035 -0.0056 99  TRP A CG  
575  C CD1 . TRP A 41 ? 0.1187 0.1194 0.1169 0.0035  -0.0025 -0.0053 99  TRP A CD1 
576  C CD2 . TRP A 41 ? 0.1027 0.1039 0.0947 0.0214  -0.0076 -0.0038 99  TRP A CD2 
577  N NE1 . TRP A 41 ? 0.1416 0.1291 0.1170 0.0030  0.0120  -0.0240 99  TRP A NE1 
578  C CE2 . TRP A 41 ? 0.1152 0.1197 0.1152 0.0120  0.0121  0.0048  99  TRP A CE2 
579  C CE3 . TRP A 41 ? 0.0935 0.0883 0.1216 0.0097  -0.0051 0.0111  99  TRP A CE3 
580  C CZ2 . TRP A 41 ? 0.1054 0.1344 0.1359 0.0096  0.0122  0.0047  99  TRP A CZ2 
581  C CZ3 . TRP A 41 ? 0.1130 0.1077 0.1395 0.0233  -0.0079 0.0095  99  TRP A CZ3 
582  C CH2 . TRP A 41 ? 0.0930 0.1107 0.1638 0.0077  -0.0046 0.0120  99  TRP A CH2 
593  N N   . CYS A 42 ? 0.0965 0.0748 0.0858 0.0044  -0.0207 0.0082  100 CYS A N   
594  C CA  . CYS A 42 ? 0.1015 0.0597 0.0907 0.0135  -0.0147 -0.0006 100 CYS A CA  
595  C C   . CYS A 42 ? 0.0944 0.0602 0.0890 0.0051  -0.0053 -0.0071 100 CYS A C   
596  O O   . CYS A 42 ? 0.1044 0.0697 0.0965 0.0058  -0.0210 0.0040  100 CYS A O   
597  C CB  . CYS A 42 ? 0.1079 0.0788 0.0981 0.0124  -0.0154 0.0029  100 CYS A CB  
598  S SG  . CYS A 42 ? 0.1384 0.0843 0.1096 0.0234  0.0088  -0.0020 100 CYS A SG  
604  N N   . GLU A 43 ? 0.1025 0.0543 0.0878 0.0076  -0.0119 0.0053  101 GLU A N   
605  C CA  . GLU A 43 ? 0.1000 0.0721 0.0724 0.0059  -0.0139 -0.0002 101 GLU A CA  
606  C C   . GLU A 43 ? 0.1036 0.0739 0.0779 0.0072  -0.0174 0.0150  101 GLU A C   
607  O O   . GLU A 43 ? 0.1114 0.0949 0.0929 -0.0040 -0.0052 0.0069  101 GLU A O   
608  C CB  . GLU A 43 ? 0.1291 0.0775 0.1130 0.0328  -0.0391 0.0057  101 GLU A CB  
609  C CG  . GLU A 43 ? 0.1929 0.1165 0.1525 0.0412  -0.0479 -0.0002 101 GLU A CG  
610  C CD  . GLU A 43 ? 0.1980 0.1598 0.1852 0.0316  -0.0708 0.0259  101 GLU A CD  
611  O OE1 . GLU A 43 ? 0.2567 0.1282 0.2604 0.0222  -0.1026 0.0312  101 GLU A OE1 
612  O OE2 . GLU A 43 ? 0.2066 0.1987 0.3579 0.0509  -0.0556 0.0913  101 GLU A OE2 
619  N N   . ALA A 44 ? 0.0832 0.0910 0.0801 0.0120  -0.0192 0.0012  102 ALA A N   
620  C CA  . ALA A 44 ? 0.1196 0.1114 0.0816 0.0372  -0.0187 -0.0016 102 ALA A CA  
621  C C   . ALA A 44 ? 0.0980 0.0712 0.0743 0.0085  -0.0155 0.0139  102 ALA A C   
622  O O   . ALA A 44 ? 0.0957 0.1038 0.0858 -0.0005 -0.0145 0.0098  102 ALA A O   
623  C CB  . ALA A 44 ? 0.2507 0.1237 0.0941 0.0868  -0.0514 -0.0237 102 ALA A CB  
629  N N   . GLN A 45 ? 0.0935 0.0856 0.0720 0.0051  -0.0198 0.0087  103 GLN A N   
630  C CA  . GLN A 45 ? 0.1053 0.0786 0.0739 -0.0085 -0.0210 0.0019  103 GLN A CA  
631  C C   . GLN A 45 ? 0.1205 0.0855 0.0781 -0.0068 -0.0176 0.0080  103 GLN A C   
632  O O   . GLN A 45 ? 0.1198 0.0804 0.1092 -0.0082 -0.0157 -0.0066 103 GLN A O   
633  C CB  . GLN A 45 ? 0.1372 0.0726 0.0857 -0.0147 -0.0256 0.0140  103 GLN A CB  
634  C CG  . GLN A 45 ? 0.1367 0.0827 0.0951 -0.0060 -0.0061 0.0083  103 GLN A CG  
635  C CD  . GLN A 45 ? 0.1565 0.0967 0.0917 -0.0202 -0.0202 0.0117  103 GLN A CD  
636  O OE1 . GLN A 45 ? 0.1688 0.1018 0.1301 -0.0229 0.0105  0.0167  103 GLN A OE1 
637  N NE2 . GLN A 45 ? 0.1609 0.0861 0.0816 -0.0267 -0.0375 0.0201  103 GLN A NE2 
646  N N   . THR A 46 ? 0.1315 0.0774 0.1008 -0.0155 -0.0271 -0.0042 104 THR A N   
647  C CA  . THR A 46 ? 0.1534 0.0815 0.1229 -0.0135 -0.0233 -0.0055 104 THR A CA  
648  C C   . THR A 46 ? 0.1854 0.0840 0.1157 -0.0399 -0.0216 -0.0076 104 THR A C   
649  O O   . THR A 46 ? 0.2078 0.0943 0.0939 -0.0462 -0.0502 0.0074  104 THR A O   
650  C CB  . THR A 46 ? 0.1611 0.0865 0.1369 -0.0170 -0.0374 0.0182  104 THR A CB  
651  O OG1 . THR A 46 ? 0.1520 0.0990 0.1436 -0.0249 -0.0460 0.0357  104 THR A OG1 
652  C CG2 . THR A 46 ? 0.1416 0.1133 0.1771 -0.0344 -0.0589 0.0594  104 THR A CG2 
660  N N   . LYS A 47 ? 0.2269 0.1066 0.1410 -0.0440 -0.0332 -0.0267 105 LYS A N   
661  C CA  . LYS A 47 ? 0.2610 0.1390 0.1367 -0.0492 -0.0607 -0.0320 105 LYS A CA  
662  C C   . LYS A 47 ? 0.2337 0.1340 0.1627 -0.0619 -0.0978 0.0154  105 LYS A C   
663  O O   . LYS A 47 ? 0.2567 0.1808 0.1689 -0.0887 -0.1036 0.0357  105 LYS A O   
664  C CB  . LYS A 47 ? 0.3272 0.1774 0.1869 -0.0597 -0.0553 -0.0629 105 LYS A CB  
665  C CG  . LYS A 47 ? 0.3996 0.1613 0.3036 -0.0406 -0.0641 -0.0771 105 LYS A CG  
666  C CD  . LYS A 47 ? 0.3769 0.2596 0.2846 -0.0530 -0.0625 -0.0454 105 LYS A CD  
667  C CE  . LYS A 47 ? 0.2918 0.2533 0.2786 -0.0544 -0.0692 -0.0515 105 LYS A CE  
668  N NZ  . LYS A 47 ? 0.2857 0.1723 0.2448 -0.0260 -0.0750 -0.0054 105 LYS A NZ  
682  N N   . ASN A 48 ? 0.2037 0.0971 0.1534 -0.0568 -0.0780 0.0222  106 ASN A N   
683  C CA  . ASN A 48 ? 0.2124 0.1089 0.1687 -0.0571 -0.0931 0.0388  106 ASN A CA  
684  C C   . ASN A 48 ? 0.1512 0.1174 0.1734 -0.0358 -0.0587 0.0378  106 ASN A C   
685  O O   . ASN A 48 ? 0.1495 0.1443 0.2985 -0.0541 -0.0513 0.0501  106 ASN A O   
686  C CB  . ASN A 48 ? 0.1900 0.1086 0.1961 -0.0627 -0.0651 0.0437  106 ASN A CB  
687  C CG  . ASN A 48 ? 0.2094 0.1315 0.1922 -0.0632 -0.0954 0.0306  106 ASN A CG  
688  O OD1 . ASN A 48 ? 0.2850 0.1240 0.2556 -0.0537 -0.1364 0.0283  106 ASN A OD1 
689  N ND2 . ASN A 48 ? 0.2366 0.1210 0.2024 -0.0299 -0.0975 0.0295  106 ASN A ND2 
696  N N   . GLY A 49 ? 0.1389 0.1008 0.1342 -0.0396 -0.0565 0.0322  107 GLY A N   
697  C CA  . GLY A 49 ? 0.1391 0.1221 0.1251 -0.0247 -0.0532 0.0262  107 GLY A CA  
698  C C   . GLY A 49 ? 0.1052 0.0967 0.1153 -0.0251 -0.0409 0.0326  107 GLY A C   
699  O O   . GLY A 49 ? 0.1214 0.1000 0.1116 -0.0138 -0.0420 0.0124  107 GLY A O   
703  N N   . GLN A 50 ? 0.1029 0.1067 0.1048 -0.0074 -0.0287 0.0247  108 GLN A N   
704  C CA  . GLN A 50 ? 0.0987 0.1042 0.0922 -0.0155 -0.0334 0.0291  108 GLN A CA  
705  C C   . GLN A 50 ? 0.1081 0.1078 0.0962 0.0024  -0.0216 0.0339  108 GLN A C   
706  O O   . GLN A 50 ? 0.0964 0.1739 0.1172 0.0212  -0.0251 0.0328  108 GLN A O   
707  C CB  . GLN A 50 ? 0.1260 0.1019 0.0880 -0.0119 -0.0326 0.0220  108 GLN A CB  
708  C CG  . GLN A 50 ? 0.1254 0.1098 0.0848 -0.0152 -0.0256 0.0259  108 GLN A CG  
709  C CD  . GLN A 50 ? 0.1381 0.1076 0.0862 -0.0146 -0.0274 0.0122  108 GLN A CD  
710  O OE1 . GLN A 50 ? 0.1485 0.1219 0.0936 -0.0238 -0.0248 0.0365  108 GLN A OE1 
711  N NE2 . GLN A 50 ? 0.2434 0.1071 0.1274 -0.0098 0.0024  0.0116  108 GLN A NE2 
720  N N   . GLY A 51 ? 0.1074 0.0909 0.0826 0.0041  -0.0165 0.0278  109 GLY A N   
721  C CA  . GLY A 51 ? 0.1028 0.0887 0.1021 0.0131  -0.0246 0.0304  109 GLY A CA  
722  C C   . GLY A 51 ? 0.0925 0.0774 0.0913 0.0222  -0.0164 0.0029  109 GLY A C   
723  O O   . GLY A 51 ? 0.0914 0.1127 0.0833 0.0167  -0.0105 0.0159  109 GLY A O   
727  N N   . TRP A 52 ? 0.0857 0.0822 0.0867 0.0195  -0.0035 0.0198  110 TRP A N   
728  C CA  . TRP A 52 ? 0.0916 0.0780 0.0756 0.0276  -0.0061 0.0057  110 TRP A CA  
729  C C   . TRP A 52 ? 0.0957 0.0793 0.0713 0.0145  -0.0095 0.0149  110 TRP A C   
730  O O   . TRP A 52 ? 0.0816 0.0820 0.1108 0.0140  -0.0091 0.0147  110 TRP A O   
731  C CB  . TRP A 52 ? 0.1161 0.0930 0.0869 0.0320  -0.0113 0.0093  110 TRP A CB  
732  C CG  . TRP A 52 ? 0.1326 0.1034 0.0912 0.0587  -0.0047 -0.0028 110 TRP A CG  
733  C CD1 . TRP A 52 ? 0.1370 0.1199 0.1307 0.0432  -0.0324 0.0050  110 TRP A CD1 
734  C CD2 . TRP A 52 ? 0.1344 0.0913 0.0844 0.0146  -0.0105 -0.0057 110 TRP A CD2 
735  N NE1 . TRP A 52 ? 0.1856 0.0818 0.1504 0.0437  -0.0379 0.0060  110 TRP A NE1 
736  C CE2 . TRP A 52 ? 0.1784 0.0807 0.1226 0.0445  -0.0071 -0.0039 110 TRP A CE2 
737  C CE3 . TRP A 52 ? 0.1388 0.1025 0.0860 0.0265  -0.0100 -0.0095 110 TRP A CE3 
738  C CZ2 . TRP A 52 ? 0.2279 0.0767 0.1216 0.0210  -0.0051 -0.0110 110 TRP A CZ2 
739  C CZ3 . TRP A 52 ? 0.1672 0.1133 0.1010 0.0161  -0.0165 -0.0298 110 TRP A CZ3 
740  C CH2 . TRP A 52 ? 0.2147 0.0891 0.1188 0.0287  0.0032  -0.0138 110 TRP A CH2 
751  N N   . VAL A 53 ? 0.0871 0.0741 0.0898 0.0232  -0.0084 0.0095  111 VAL A N   
752  C CA  . VAL A 53 ? 0.0981 0.0595 0.0980 0.0112  -0.0063 0.0181  111 VAL A CA  
753  C C   . VAL A 53 ? 0.0937 0.0666 0.0795 0.0151  -0.0093 0.0068  111 VAL A C   
754  O O   . VAL A 53 ? 0.0965 0.0640 0.0943 0.0152  -0.0086 0.0126  111 VAL A O   
755  C CB  . VAL A 53 ? 0.0958 0.0722 0.0974 0.0123  -0.0086 0.0072  111 VAL A CB  
756  C CG1 . VAL A 53 ? 0.1066 0.0876 0.1069 0.0095  -0.0159 -0.0119 111 VAL A CG1 
757  C CG2 . VAL A 53 ? 0.1216 0.0828 0.0946 0.0185  -0.0029 -0.0018 111 VAL A CG2 
767  N N   . PRO A 54 ? 0.0964 0.0714 0.0930 0.0187  -0.0053 0.0114  112 PRO A N   
768  C CA  . PRO A 54 ? 0.0998 0.0873 0.0929 0.0293  -0.0070 0.0133  112 PRO A CA  
769  C C   . PRO A 54 ? 0.1116 0.0812 0.0728 0.0434  -0.0080 0.0160  112 PRO A C   
770  O O   . PRO A 54 ? 0.1172 0.0827 0.0860 0.0279  -0.0157 0.0161  112 PRO A O   
771  C CB  . PRO A 54 ? 0.1193 0.0821 0.0952 0.0166  0.0015  0.0252  112 PRO A CB  
772  C CG  . PRO A 54 ? 0.1240 0.0774 0.1004 0.0086  -0.0030 0.0206  112 PRO A CG  
773  C CD  . PRO A 54 ? 0.1058 0.0726 0.1111 0.0042  -0.0067 0.0179  112 PRO A CD  
781  N N   . SER A 55 ? 0.1052 0.0789 0.0856 0.0202  -0.0168 0.0066  113 SER A N   
782  C CA  . SER A 55 ? 0.0941 0.0954 0.0981 0.0226  -0.0065 0.0117  113 SER A CA  
783  C C   . SER A 55 ? 0.0966 0.1032 0.1010 0.0273  -0.0135 0.0083  113 SER A C   
784  O O   . SER A 55 ? 0.1198 0.1346 0.1270 0.0507  0.0046  0.0067  113 SER A O   
785  C CB  . SER A 55 ? 0.1148 0.1043 0.1048 0.0151  -0.0245 0.0091  113 SER A CB  
786  O OG  . SER A 55 ? 0.1307 0.1103 0.1161 0.0185  -0.0196 0.0028  113 SER A OG  
792  N N   . ASN A 56 ? 0.1160 0.0998 0.0955 0.0382  -0.0158 0.0159  114 ASN A N   
793  C CA  . ASN A 56 ? 0.1259 0.1019 0.1032 0.0336  -0.0242 0.0100  114 ASN A CA  
794  C C   . ASN A 56 ? 0.1241 0.1056 0.0991 0.0456  -0.0148 0.0106  114 ASN A C   
795  O O   . ASN A 56 ? 0.1530 0.1033 0.1339 0.0532  -0.0414 0.0068  114 ASN A O   
796  C CB  . ASN A 56 ? 0.1245 0.1132 0.1242 0.0222  -0.0207 0.0057  114 ASN A CB  
797  C CG  . ASN A 56 ? 0.1153 0.1086 0.1376 0.0031  -0.0331 0.0284  114 ASN A CG  
798  O OD1 . ASN A 56 ? 0.1341 0.1430 0.1176 0.0102  0.0001  0.0005  114 ASN A OD1 
799  N ND2 . ASN A 56 ? 0.1458 0.1820 0.1215 -0.0081 -0.0230 0.0481  114 ASN A ND2 
806  N N   . TYR A 57 ? 0.1224 0.0798 0.0977 0.0320  -0.0191 0.0008  115 TYR A N   
807  C CA  . TYR A 57 ? 0.1133 0.1033 0.1048 0.0482  -0.0061 0.0138  115 TYR A CA  
808  C C   . TYR A 57 ? 0.1176 0.0786 0.1123 0.0365  -0.0098 0.0039  115 TYR A C   
809  O O   . TYR A 57 ? 0.1106 0.1038 0.1145 0.0330  -0.0045 -0.0085 115 TYR A O   
810  C CB  . TYR A 57 ? 0.1169 0.0905 0.1010 0.0347  -0.0021 0.0046  115 TYR A CB  
811  C CG  . TYR A 57 ? 0.1125 0.0870 0.1218 0.0485  -0.0126 0.0036  115 TYR A CG  
812  C CD1 . TYR A 57 ? 0.1230 0.0827 0.1207 0.0266  -0.0062 0.0206  115 TYR A CD1 
813  C CD2 . TYR A 57 ? 0.1133 0.1143 0.1169 0.0346  -0.0148 0.0063  115 TYR A CD2 
814  C CE1 . TYR A 57 ? 0.1394 0.1094 0.1044 0.0256  -0.0154 0.0161  115 TYR A CE1 
815  C CE2 . TYR A 57 ? 0.1141 0.1247 0.1168 0.0170  -0.0258 0.0081  115 TYR A CE2 
816  C CZ  . TYR A 57 ? 0.1311 0.1051 0.1009 0.0170  -0.0059 0.0122  115 TYR A CZ  
817  O OH  . TYR A 57 ? 0.1426 0.1382 0.1247 0.0011  -0.0112 0.0243  115 TYR A OH  
827  N N   . ILE A 58 ? 0.1131 0.0856 0.1132 0.0344  -0.0147 -0.0090 116 ILE A N   
828  C CA  . ILE A 58 ? 0.1134 0.0935 0.1007 0.0343  -0.0024 -0.0078 116 ILE A CA  
829  C C   . ILE A 58 ? 0.1100 0.1046 0.1113 0.0313  -0.0103 -0.0101 116 ILE A C   
830  O O   . ILE A 58 ? 0.1365 0.1272 0.1253 0.0197  -0.0056 -0.0072 116 ILE A O   
831  C CB  . ILE A 58 ? 0.1328 0.0950 0.1161 0.0372  0.0025  -0.0057 116 ILE A CB  
832  C CG1 . ILE A 58 ? 0.1825 0.1017 0.1696 0.0450  0.0204  0.0107  116 ILE A CG1 
833  C CG2 . ILE A 58 ? 0.1315 0.1294 0.1175 0.0487  0.0003  0.0190  116 ILE A CG2 
834  C CD1 . ILE A 58 ? 0.2185 0.0923 0.2624 0.0599  0.0162  0.0081  116 ILE A CD1 
846  N N   . THR A 59 ? 0.1038 0.1134 0.1213 0.0271  0.0013  0.0011  117 THR A N   
847  C CA  . THR A 59 ? 0.1108 0.1357 0.1280 0.0248  0.0022  -0.0096 117 THR A CA  
848  C C   . THR A 59 ? 0.1069 0.1078 0.1390 0.0182  0.0110  -0.0015 117 THR A C   
849  O O   . THR A 59 ? 0.1231 0.1287 0.1254 0.0306  0.0088  0.0110  117 THR A O   
850  C CB  . THR A 59 ? 0.1331 0.1189 0.1505 0.0495  -0.0034 -0.0099 117 THR A CB  
851  O OG1 . THR A 59 ? 0.1495 0.1408 0.1605 0.0452  -0.0208 -0.0064 117 THR A OG1 
852  C CG2 . THR A 59 ? 0.1569 0.1419 0.1498 0.0561  -0.0039 -0.0085 117 THR A CG2 
860  N N   . PRO A 60 ? 0.1285 0.1320 0.1317 0.0144  0.0094  -0.0093 118 PRO A N   
861  C CA  . PRO A 60 ? 0.1665 0.1282 0.1451 0.0226  -0.0089 0.0003  118 PRO A CA  
862  C C   . PRO A 60 ? 0.1560 0.1470 0.1285 0.0494  0.0203  0.0100  118 PRO A C   
863  O O   . PRO A 60 ? 0.1825 0.1452 0.1395 0.0709  0.0239  0.0103  118 PRO A O   
864  C CB  . PRO A 60 ? 0.1446 0.2190 0.1460 0.0056  -0.0048 -0.0117 118 PRO A CB  
865  C CG  . PRO A 60 ? 0.1718 0.2382 0.2054 -0.0424 -0.0249 0.0005  118 PRO A CG  
866  C CD  . PRO A 60 ? 0.1346 0.1576 0.1388 0.0110  0.0128  -0.0340 118 PRO A CD  
874  N N   . VAL A 61 ? 0.1541 0.1422 0.1270 0.0511  0.0179  0.0144  119 VAL A N   
875  C CA  . VAL A 61 ? 0.1892 0.1729 0.1328 0.0624  0.0467  0.0196  119 VAL A CA  
876  C C   . VAL A 61 ? 0.2335 0.2153 0.1657 0.0504  0.0445  0.0418  119 VAL A C   
877  O O   . VAL A 61 ? 0.2806 0.2448 0.1829 0.0596  0.0606  0.0572  119 VAL A O   
878  C CB  . VAL A 61 ? 0.2524 0.1832 0.1446 0.0649  0.0001  -0.0226 119 VAL A CB  
879  C CG1 . VAL A 61 ? 0.2382 0.2138 0.1787 0.0862  -0.0292 -0.0335 119 VAL A CG1 
880  C CG2 . VAL A 61 ? 0.3302 0.1792 0.1816 0.0273  0.0091  -0.0079 119 VAL A CG2 
890  N N   . ASN A 62 ? 0.2602 0.2609 0.1607 0.0507  0.0872  0.0244  120 ASN A N   
891  C CA  . ASN A 62 ? 0.3197 0.3753 0.3093 0.0152  0.0060  0.0196  120 ASN A CA  
892  C C   . ASN A 62 ? 0.3721 0.4182 0.3319 -0.0154 -0.0003 -0.0091 120 ASN A C   
893  O O   . ASN A 62 ? 0.4094 0.3968 0.2481 -0.0323 -0.0186 -0.0861 120 ASN A O   
894  C CB  . ASN A 62 ? 0.3141 0.3887 0.3078 0.0114  0.0407  0.0098  120 ASN A CB  
895  C CG  . ASN A 62 ? 0.2690 0.3595 0.3054 0.0175  0.0713  -0.0329 120 ASN A CG  
896  O OD1 . ASN A 62 ? 0.2773 0.3703 0.3728 -0.0269 0.0187  -0.0116 120 ASN A OD1 
897  N ND2 . ASN A 62 ? 0.2969 0.3854 0.3432 0.0265  0.0176  -0.0011 120 ASN A ND2 
904  C C   . ACE B 1  ? 0.1186 0.1211 0.1724 0.0267  -0.0185 -0.0155 0   ACE B C   
905  O O   . ACE B 1  ? 0.1157 0.1280 0.2203 0.0225  -0.0325 -0.0262 0   ACE B O   
906  C CH3 . ACE B 1  ? 0.1385 0.1122 0.2414 0.0318  -0.0351 0.0073  0   ACE B CH3 
907  N N   . ALA B 2  ? 0.1247 0.1177 0.1494 0.0158  -0.0090 -0.0233 1   ALA B N   
908  C CA  . ALA B 2  ? 0.1359 0.1037 0.1319 0.0257  -0.0140 -0.0225 1   ALA B CA  
909  C C   . ALA B 2  ? 0.1396 0.0967 0.1511 0.0204  -0.0003 -0.0142 1   ALA B C   
910  O O   . ALA B 2  ? 0.1500 0.1253 0.1815 0.0203  0.0065  -0.0301 1   ALA B O   
911  C CB  . ALA B 2  ? 0.1316 0.1219 0.1291 0.0422  -0.0171 -0.0112 1   ALA B CB  
917  N N   . PRO B 3  ? 0.1361 0.1233 0.1579 0.0288  0.0158  -0.0226 2   PRO B N   
918  C CA  . PRO B 3  ? 0.1601 0.1375 0.1902 0.0067  0.0271  -0.0060 2   PRO B CA  
919  C C   . PRO B 3  ? 0.1994 0.1534 0.1861 0.0062  0.0564  -0.0060 2   PRO B C   
920  O O   . PRO B 3  ? 0.2446 0.1557 0.1624 -0.0012 0.0315  -0.0355 2   PRO B O   
921  C CB  . PRO B 3  ? 0.1821 0.1525 0.2064 -0.0036 0.0076  0.0047  2   PRO B CB  
922  C CG  . PRO B 3  ? 0.2043 0.1170 0.2081 -0.0012 -0.0435 -0.0049 2   PRO B CG  
923  C CD  . PRO B 3  ? 0.1754 0.1015 0.1646 0.0088  -0.0283 -0.0154 2   PRO B CD  
931  N N   . THR B 4  ? 0.2994 0.1724 0.2061 0.0478  0.0781  0.0002  3   THR B N   
932  C CA  . THR B 4  ? 0.3991 0.1915 0.2026 0.0597  0.0659  -0.0428 3   THR B CA  
933  C C   . THR B 4  ? 0.4334 0.1758 0.2104 0.0508  0.0205  -0.0272 3   THR B C   
934  O O   . THR B 4  ? 0.5496 0.2321 0.2665 0.0061  -0.0952 -0.0292 3   THR B O   
935  C CB  . THR B 4  ? 0.4224 0.2150 0.2697 0.0871  0.0644  -0.0425 3   THR B CB  
936  O OG1 . THR B 4  ? 0.3915 0.2889 0.3194 0.1138  0.1156  0.0016  3   THR B OG1 
937  C CG2 . THR B 4  ? 0.4715 0.1952 0.3041 0.0860  0.0205  0.0121  3   THR B CG2 
945  N N   . TYR B 5  ? 0.3005 0.1703 0.2027 0.0544  0.0997  0.0118  4   TYR B N   
946  C CA  . TYR B 5  ? 0.2463 0.1958 0.1753 0.0484  0.0917  0.0093  4   TYR B CA  
947  C C   . TYR B 5  ? 0.2272 0.1551 0.1631 0.0224  0.0492  -0.0154 4   TYR B C   
948  O O   . TYR B 5  ? 0.2115 0.1974 0.1517 0.0308  0.0649  -0.0116 4   TYR B O   
949  C CB  . TYR B 5  ? 0.2050 0.2266 0.1777 0.0403  0.0680  0.0161  4   TYR B CB  
950  C CG  . TYR B 5  ? 0.2057 0.2351 0.2139 0.0448  0.0790  0.0168  4   TYR B CG  
951  C CD1 . TYR B 5  ? 0.1837 0.2403 0.2272 0.0340  0.0606  0.0126  4   TYR B CD1 
952  C CD2 . TYR B 5  ? 0.2133 0.2381 0.2385 0.0546  0.0604  0.0064  4   TYR B CD2 
953  C CE1 . TYR B 5  ? 0.1983 0.2454 0.2701 0.0291  0.0376  -0.0036 4   TYR B CE1 
954  C CE2 . TYR B 5  ? 0.2247 0.2621 0.2546 0.0555  0.0355  0.0039  4   TYR B CE2 
955  C CZ  . TYR B 5  ? 0.2004 0.2684 0.2353 0.0300  0.0327  0.0243  4   TYR B CZ  
956  O OH  . TYR B 5  ? 0.2698 0.2933 0.2668 0.0154  -0.0202 -0.0108 4   TYR B OH  
966  N N   . SER B 6  ? 0.2328 0.1507 0.1405 0.0243  0.0550  -0.0279 5   SER B N   
967  C CA  . SER B 6  ? 0.2261 0.1663 0.1371 0.0157  0.0207  -0.0409 5   SER B CA  
968  C C   . SER B 6  ? 0.1707 0.1434 0.1413 -0.0061 0.0111  -0.0278 5   SER B C   
969  O O   . SER B 6  ? 0.1497 0.1566 0.1699 -0.0139 0.0208  -0.0239 5   SER B O   
970  C CB  . SER B 6  ? 0.2423 0.2012 0.1633 -0.0190 0.0224  -0.0506 5   SER B CB  
971  O OG  . SER B 6  ? 0.2952 0.2179 0.1745 -0.0262 0.0128  -0.0501 5   SER B OG  
977  N N   . PRO B 7  ? 0.1377 0.1281 0.1410 -0.0003 0.0107  -0.0264 6   PRO B N   
978  C CA  . PRO B 7  ? 0.1257 0.1173 0.1320 -0.0018 -0.0038 -0.0018 6   PRO B CA  
979  C C   . PRO B 7  ? 0.1281 0.1326 0.1071 -0.0118 -0.0057 -0.0007 6   PRO B C   
980  O O   . PRO B 7  ? 0.1663 0.1369 0.1195 -0.0070 -0.0057 -0.0047 6   PRO B O   
981  C CB  . PRO B 7  ? 0.1257 0.1179 0.1238 0.0047  0.0139  -0.0026 6   PRO B CB  
982  C CG  . PRO B 7  ? 0.1344 0.1323 0.1578 -0.0011 0.0021  0.0100  6   PRO B CG  
983  C CD  . PRO B 7  ? 0.1311 0.1281 0.1455 -0.0026 0.0084  -0.0175 6   PRO B CD  
991  N N   . PRO B 8  ? 0.1272 0.1222 0.1140 -0.0056 -0.0133 0.0177  7   PRO B N   
992  C CA  . PRO B 8  ? 0.1524 0.1129 0.1213 -0.0022 -0.0124 0.0129  7   PRO B CA  
993  C C   . PRO B 8  ? 0.1186 0.1146 0.1263 -0.0002 -0.0018 0.0113  7   PRO B C   
994  O O   . PRO B 8  ? 0.1254 0.1434 0.1309 0.0022  -0.0039 0.0170  7   PRO B O   
995  C CB  . PRO B 8  ? 0.1359 0.1222 0.1440 -0.0012 -0.0160 0.0238  7   PRO B CB  
996  C CG  . PRO B 8  ? 0.1818 0.1324 0.1383 -0.0179 -0.0334 0.0245  7   PRO B CG  
997  C CD  . PRO B 8  ? 0.1270 0.1158 0.1394 -0.0038 -0.0141 0.0006  7   PRO B CD  
1005 N N   . LEU B 9  ? 0.1326 0.1360 0.1064 0.0072  -0.0151 0.0204  8   LEU B N   
1006 C CA  . LEU B 9  ? 0.1317 0.1361 0.1045 0.0085  -0.0281 0.0138  8   LEU B CA  
1007 C C   . LEU B 9  ? 0.1210 0.1285 0.1184 -0.0090 -0.0360 0.0060  8   LEU B C   
1008 O O   . LEU B 9  ? 0.1498 0.1370 0.1132 0.0014  -0.0246 0.0015  8   LEU B O   
1009 C CB  . LEU B 9  ? 0.1481 0.1711 0.1192 -0.0135 -0.0146 -0.0142 8   LEU B CB  
1010 C CG  . LEU B 9  ? 0.2337 0.2373 0.1422 -0.0303 -0.0251 -0.0225 8   LEU B CG  
1011 C CD1 . LEU B 9  ? 0.3063 0.3200 0.1105 -0.0067 -0.0439 0.0113  8   LEU B CD1 
1012 C CD2 . LEU B 9  ? 0.3315 0.2604 0.2392 -0.0321 -0.0513 -0.0918 8   LEU B CD2 
1024 N N   . PRO B 10 ? 0.1538 0.1106 0.1149 0.0077  -0.0131 0.0075  9   PRO B N   
1025 C CA  . PRO B 10 ? 0.1585 0.1084 0.1168 -0.0146 -0.0189 -0.0001 9   PRO B CA  
1026 C C   . PRO B 10 ? 0.1365 0.1237 0.1366 -0.0057 0.0013  0.0043  9   PRO B C   
1027 O O   . PRO B 10 ? 0.1686 0.1413 0.1404 -0.0082 -0.0149 0.0206  9   PRO B O   
1028 C CB  . PRO B 10 ? 0.1428 0.1687 0.1473 -0.0076 0.0156  0.0048  9   PRO B CB  
1029 C CG  . PRO B 10 ? 0.1419 0.1569 0.1828 0.0009  0.0001  -0.0188 9   PRO B CG  
1030 C CD  . PRO B 10 ? 0.1341 0.1246 0.1729 -0.0236 -0.0045 0.0035  9   PRO B CD  
1038 N N   . PRO B 11 ? 0.1755 0.1188 0.1607 -0.0336 0.0095  0.0011  10  PRO B N   
1039 C CA  . PRO B 11 ? 0.2279 0.1487 0.2075 -0.0492 0.0046  0.0355  10  PRO B CA  
1040 C C   . PRO B 11 ? 0.2130 0.1608 0.2471 0.0157  0.0719  0.0851  10  PRO B C   
1041 O O   . PRO B 11 ? 0.2304 0.2098 0.3345 0.0556  0.0878  0.0992  10  PRO B O   
1042 C CB  . PRO B 11 ? 0.3737 0.2047 0.2089 -0.0935 -0.0623 0.0098  10  PRO B CB  
1043 C CG  . PRO B 11 ? 0.2806 0.1810 0.1727 -0.0602 0.0241  0.0020  10  PRO B CG  
1044 C CD  . PRO B 11 ? 0.1988 0.1523 0.1513 -0.0348 0.0096  -0.0324 10  PRO B CD  
1045 O OXT . PRO B 11 ? 0.2566 0.1801 0.2731 0.0154  0.0248  0.0685  10  PRO B OXT 
1053 C C1  . PGE C .  ? 0.1630 0.1955 0.2105 0.0198  -0.0255 0.0147  201 PGE A C1  
1054 O O1  . PGE C .  ? 0.1748 0.1292 0.1702 0.0268  -0.0358 0.0177  201 PGE A O1  
1055 C C2  . PGE C .  ? 0.1736 0.1932 0.2386 0.0305  -0.0302 0.0199  201 PGE A C2  
1056 O O2  . PGE C .  ? 0.1725 0.1913 0.2081 0.0234  -0.0086 0.0183  201 PGE A O2  
1057 C C3  . PGE C .  ? 0.1710 0.2079 0.2104 0.0204  0.0402  0.0200  201 PGE A C3  
1058 C C4  . PGE C .  ? 0.2279 0.2257 0.2008 0.0188  0.0188  0.0190  201 PGE A C4  
1059 O O4  . PGE C .  ? 0.2424 0.2963 0.3441 -0.0254 0.0012  0.0105  201 PGE A O4  
1060 C C6  . PGE C .  ? 0.2575 0.2068 0.3569 -0.0066 0.0017  0.0177  201 PGE A C6  
1061 C C5  . PGE C .  ? 0.1939 0.1948 0.3057 -0.0158 0.0052  0.0607  201 PGE A C5  
1062 O O3  . PGE C .  ? 0.2142 0.1984 0.2032 0.0117  0.0168  0.0080  201 PGE A O3  
1077 C C1  . PEG D .  ? 0.2215 0.1421 0.2145 -0.0089 0.0112  -0.0611 202 PEG A C1  
1078 O O1  . PEG D .  ? 0.1734 0.1322 0.1802 0.0048  -0.0282 -0.0548 202 PEG A O1  
1079 C C2  . PEG D .  ? 0.2688 0.1682 0.1866 -0.0134 0.0214  -0.0703 202 PEG A C2  
1080 O O2  . PEG D .  ? 0.3456 0.1793 0.1481 -0.0249 -0.0407 -0.0054 202 PEG A O2  
1081 C C3  . PEG D .  ? 0.4023 0.2244 0.1529 -0.0014 -0.0608 0.0139  202 PEG A C3  
1082 C C4  . PEG D .  ? 0.3905 0.2784 0.1850 0.0351  -0.0289 -0.0420 202 PEG A C4  
1083 O O4  . PEG D .  ? 0.3859 0.3578 0.2248 0.0174  -0.0869 -0.0416 202 PEG A O4  
# 
